data_2IBJ
# 
_entry.id   2IBJ 
# 
_audit_conform.dict_name       mmcif_pdbx.dic 
_audit_conform.dict_version    5.377 
_audit_conform.dict_location   http://mmcif.pdb.org/dictionaries/ascii/mmcif_pdbx.dic 
# 
loop_
_database_2.database_id 
_database_2.database_code 
_database_2.pdbx_database_accession 
_database_2.pdbx_DOI 
PDB   2IBJ         pdb_00002ibj 10.2210/pdb2ibj/pdb 
RCSB  RCSB039378   ?            ?                   
WWPDB D_1000039378 ?            ?                   
# 
loop_
_pdbx_database_related.db_name 
_pdbx_database_related.db_id 
_pdbx_database_related.details 
_pdbx_database_related.content_type 
PDB 1CYO 'BOVINE CYTOCHROME B5'                           unspecified 
PDB 1ICC 'RAT OUTER MITOCHONDRIAL MEMBRANE CYTOCHROME B5' unspecified 
PDB 1EUE 'RAT OUTER MITOCHONDRIAL MEMBRANE CYTOCHROME B5' unspecified 
# 
_pdbx_database_status.entry_id                        2IBJ 
_pdbx_database_status.deposit_site                    RCSB 
_pdbx_database_status.process_site                    RCSB 
_pdbx_database_status.recvd_initial_deposition_date   2006-09-11 
_pdbx_database_status.status_code                     REL 
_pdbx_database_status.status_code_sf                  REL 
_pdbx_database_status.status_code_mr                  ? 
_pdbx_database_status.SG_entry                        ? 
_pdbx_database_status.pdb_format_compatible           Y 
_pdbx_database_status.status_code_cs                  ? 
_pdbx_database_status.methods_development_category    ? 
_pdbx_database_status.status_code_nmr_data            ? 
# 
loop_
_audit_author.name 
_audit_author.pdbx_ordinal 
'Terzyan, S.'  1 
'Zhang, X.C.'  2 
'Benson, D.R.' 3 
'Wang, L.'     4 
# 
_citation.id                        primary 
_citation.title                     'Comparison of cytochromes b(5) from insects and vertebrates.' 
_citation.journal_abbrev            Proteins 
_citation.journal_volume            67 
_citation.page_first                293 
_citation.page_last                 304 
_citation.year                      2007 
_citation.journal_id_ASTM           PSFGEY 
_citation.country                   US 
_citation.journal_id_ISSN           0887-3585 
_citation.journal_id_CSD            0867 
_citation.book_publisher            ? 
_citation.pdbx_database_id_PubMed   17299762 
_citation.pdbx_database_id_DOI      10.1002/prot.21250 
# 
loop_
_citation_author.citation_id 
_citation_author.name 
_citation_author.ordinal 
_citation_author.identifier_ORCID 
primary 'Wang, L.'     1 ? 
primary 'Cowley, A.B.' 2 ? 
primary 'Terzyan, S.'  3 ? 
primary 'Zhang, X.'    4 ? 
primary 'Benson, D.R.' 5 ? 
# 
_cell.length_a           33.201 
_cell.length_b           40.222 
_cell.length_c           70.245 
_cell.angle_alpha        90.000 
_cell.angle_beta         90.000 
_cell.angle_gamma        90.000 
_cell.entry_id           2IBJ 
_cell.pdbx_unique_axis   ? 
_cell.Z_PDB              4 
_cell.length_a_esd       ? 
_cell.length_b_esd       ? 
_cell.length_c_esd       ? 
_cell.angle_alpha_esd    ? 
_cell.angle_beta_esd     ? 
_cell.angle_gamma_esd    ? 
# 
_symmetry.space_group_name_H-M             'P 21 21 21' 
_symmetry.entry_id                         2IBJ 
_symmetry.Int_Tables_number                19 
_symmetry.pdbx_full_space_group_name_H-M   ? 
_symmetry.cell_setting                     ? 
_symmetry.space_group_name_Hall            ? 
# 
loop_
_entity.id 
_entity.type 
_entity.src_method 
_entity.pdbx_description 
_entity.formula_weight 
_entity.pdbx_number_of_molecules 
_entity.pdbx_ec 
_entity.pdbx_mutation 
_entity.pdbx_fragment 
_entity.details 
1 polymer     man 'Cytochrome b5'                   10091.041 1   ? ? 'Heme binding domain' ? 
2 non-polymer syn 'MAGNESIUM ION'                   24.305    2   ? ? ?                     ? 
3 non-polymer syn 'PROTOPORPHYRIN IX CONTAINING FE' 616.487   1   ? ? ?                     ? 
4 water       nat water                             18.015    170 ? ? ?                     ? 
# 
_entity_name_com.entity_id   1 
_entity_name_com.name        CYTB5 
# 
_entity_poly.entity_id                      1 
_entity_poly.type                           'polypeptide(L)' 
_entity_poly.nstd_linkage                   no 
_entity_poly.nstd_monomer                   no 
_entity_poly.pdbx_seq_one_letter_code       
;MSSEDVKYFTRAEVAKNNTKDKNWFIIHNNVYDVTAFLNEHPGGEEVLIEQAGKDATEHFEDVGHSSDAREMMKQYKVGE
LVAEERSN
;
_entity_poly.pdbx_seq_one_letter_code_can   
;MSSEDVKYFTRAEVAKNNTKDKNWFIIHNNVYDVTAFLNEHPGGEEVLIEQAGKDATEHFEDVGHSSDAREMMKQYKVGE
LVAEERSN
;
_entity_poly.pdbx_strand_id                 A 
_entity_poly.pdbx_target_identifier         ? 
# 
loop_
_entity_poly_seq.entity_id 
_entity_poly_seq.num 
_entity_poly_seq.mon_id 
_entity_poly_seq.hetero 
1 1  MET n 
1 2  SER n 
1 3  SER n 
1 4  GLU n 
1 5  ASP n 
1 6  VAL n 
1 7  LYS n 
1 8  TYR n 
1 9  PHE n 
1 10 THR n 
1 11 ARG n 
1 12 ALA n 
1 13 GLU n 
1 14 VAL n 
1 15 ALA n 
1 16 LYS n 
1 17 ASN n 
1 18 ASN n 
1 19 THR n 
1 20 LYS n 
1 21 ASP n 
1 22 LYS n 
1 23 ASN n 
1 24 TRP n 
1 25 PHE n 
1 26 ILE n 
1 27 ILE n 
1 28 HIS n 
1 29 ASN n 
1 30 ASN n 
1 31 VAL n 
1 32 TYR n 
1 33 ASP n 
1 34 VAL n 
1 35 THR n 
1 36 ALA n 
1 37 PHE n 
1 38 LEU n 
1 39 ASN n 
1 40 GLU n 
1 41 HIS n 
1 42 PRO n 
1 43 GLY n 
1 44 GLY n 
1 45 GLU n 
1 46 GLU n 
1 47 VAL n 
1 48 LEU n 
1 49 ILE n 
1 50 GLU n 
1 51 GLN n 
1 52 ALA n 
1 53 GLY n 
1 54 LYS n 
1 55 ASP n 
1 56 ALA n 
1 57 THR n 
1 58 GLU n 
1 59 HIS n 
1 60 PHE n 
1 61 GLU n 
1 62 ASP n 
1 63 VAL n 
1 64 GLY n 
1 65 HIS n 
1 66 SER n 
1 67 SER n 
1 68 ASP n 
1 69 ALA n 
1 70 ARG n 
1 71 GLU n 
1 72 MET n 
1 73 MET n 
1 74 LYS n 
1 75 GLN n 
1 76 TYR n 
1 77 LYS n 
1 78 VAL n 
1 79 GLY n 
1 80 GLU n 
1 81 LEU n 
1 82 VAL n 
1 83 ALA n 
1 84 GLU n 
1 85 GLU n 
1 86 ARG n 
1 87 SER n 
1 88 ASN n 
# 
_entity_src_gen.entity_id                          1 
_entity_src_gen.pdbx_src_id                        1 
_entity_src_gen.pdbx_alt_source_flag               sample 
_entity_src_gen.pdbx_seq_type                      ? 
_entity_src_gen.pdbx_beg_seq_num                   ? 
_entity_src_gen.pdbx_end_seq_num                   ? 
_entity_src_gen.gene_src_common_name               'house fly' 
_entity_src_gen.gene_src_genus                     Musca 
_entity_src_gen.pdbx_gene_src_gene                 cytb5 
_entity_src_gen.gene_src_species                   ? 
_entity_src_gen.gene_src_strain                    ? 
_entity_src_gen.gene_src_tissue                    ? 
_entity_src_gen.gene_src_tissue_fraction           ? 
_entity_src_gen.gene_src_details                   ? 
_entity_src_gen.pdbx_gene_src_fragment             ? 
_entity_src_gen.pdbx_gene_src_scientific_name      'Musca domestica' 
_entity_src_gen.pdbx_gene_src_ncbi_taxonomy_id     7370 
_entity_src_gen.pdbx_gene_src_variant              ? 
_entity_src_gen.pdbx_gene_src_cell_line            ? 
_entity_src_gen.pdbx_gene_src_atcc                 ? 
_entity_src_gen.pdbx_gene_src_organ                ? 
_entity_src_gen.pdbx_gene_src_organelle            ? 
_entity_src_gen.pdbx_gene_src_cell                 ? 
_entity_src_gen.pdbx_gene_src_cellular_location    ? 
_entity_src_gen.host_org_common_name               ? 
_entity_src_gen.pdbx_host_org_scientific_name      'Escherichia coli BL21' 
_entity_src_gen.pdbx_host_org_ncbi_taxonomy_id     511693 
_entity_src_gen.host_org_genus                     Escherichia 
_entity_src_gen.pdbx_host_org_gene                 ? 
_entity_src_gen.pdbx_host_org_organ                ? 
_entity_src_gen.host_org_species                   'Escherichia coli' 
_entity_src_gen.pdbx_host_org_tissue               ? 
_entity_src_gen.pdbx_host_org_tissue_fraction      ? 
_entity_src_gen.pdbx_host_org_strain               BL21 
_entity_src_gen.pdbx_host_org_variant              ? 
_entity_src_gen.pdbx_host_org_cell_line            ? 
_entity_src_gen.pdbx_host_org_atcc                 ? 
_entity_src_gen.pdbx_host_org_culture_collection   ? 
_entity_src_gen.pdbx_host_org_cell                 ? 
_entity_src_gen.pdbx_host_org_organelle            ? 
_entity_src_gen.pdbx_host_org_cellular_location    ? 
_entity_src_gen.pdbx_host_org_vector_type          plasmid 
_entity_src_gen.pdbx_host_org_vector               ? 
_entity_src_gen.host_org_details                   ? 
_entity_src_gen.expression_system_id               ? 
_entity_src_gen.plasmid_name                       pet11b 
_entity_src_gen.plasmid_details                    ? 
_entity_src_gen.pdbx_description                   ? 
# 
_struct_ref.id                         1 
_struct_ref.db_name                    UNP 
_struct_ref.db_code                    CYB5_MUSDO 
_struct_ref.pdbx_db_accession          P49096 
_struct_ref.entity_id                  1 
_struct_ref.pdbx_seq_one_letter_code   
;MSSEDVKYFTRAEVAKNNTKDKNWFIIHNNVYDVTAFLNEHPGGEEVLIEQAGKDATEHFEDVGHSSDAREMMKQYKVGE
LVAEERSN
;
_struct_ref.pdbx_align_begin           1 
_struct_ref.pdbx_db_isoform            ? 
# 
_struct_ref_seq.align_id                      1 
_struct_ref_seq.ref_id                        1 
_struct_ref_seq.pdbx_PDB_id_code              2IBJ 
_struct_ref_seq.pdbx_strand_id                A 
_struct_ref_seq.seq_align_beg                 1 
_struct_ref_seq.pdbx_seq_align_beg_ins_code   ? 
_struct_ref_seq.seq_align_end                 88 
_struct_ref_seq.pdbx_seq_align_end_ins_code   ? 
_struct_ref_seq.pdbx_db_accession             P49096 
_struct_ref_seq.db_align_beg                  1 
_struct_ref_seq.pdbx_db_align_beg_ins_code    ? 
_struct_ref_seq.db_align_end                  88 
_struct_ref_seq.pdbx_db_align_end_ins_code    ? 
_struct_ref_seq.pdbx_auth_seq_align_beg       -1 
_struct_ref_seq.pdbx_auth_seq_align_end       86 
# 
loop_
_chem_comp.id 
_chem_comp.type 
_chem_comp.mon_nstd_flag 
_chem_comp.name 
_chem_comp.pdbx_synonyms 
_chem_comp.formula 
_chem_comp.formula_weight 
ALA 'L-peptide linking' y ALANINE                           ?    'C3 H7 N O2'       89.093  
ARG 'L-peptide linking' y ARGININE                          ?    'C6 H15 N4 O2 1'   175.209 
ASN 'L-peptide linking' y ASPARAGINE                        ?    'C4 H8 N2 O3'      132.118 
ASP 'L-peptide linking' y 'ASPARTIC ACID'                   ?    'C4 H7 N O4'       133.103 
GLN 'L-peptide linking' y GLUTAMINE                         ?    'C5 H10 N2 O3'     146.144 
GLU 'L-peptide linking' y 'GLUTAMIC ACID'                   ?    'C5 H9 N O4'       147.129 
GLY 'peptide linking'   y GLYCINE                           ?    'C2 H5 N O2'       75.067  
HEM non-polymer         . 'PROTOPORPHYRIN IX CONTAINING FE' HEME 'C34 H32 Fe N4 O4' 616.487 
HIS 'L-peptide linking' y HISTIDINE                         ?    'C6 H10 N3 O2 1'   156.162 
HOH non-polymer         . WATER                             ?    'H2 O'             18.015  
ILE 'L-peptide linking' y ISOLEUCINE                        ?    'C6 H13 N O2'      131.173 
LEU 'L-peptide linking' y LEUCINE                           ?    'C6 H13 N O2'      131.173 
LYS 'L-peptide linking' y LYSINE                            ?    'C6 H15 N2 O2 1'   147.195 
MET 'L-peptide linking' y METHIONINE                        ?    'C5 H11 N O2 S'    149.211 
MG  non-polymer         . 'MAGNESIUM ION'                   ?    'Mg 2'             24.305  
PHE 'L-peptide linking' y PHENYLALANINE                     ?    'C9 H11 N O2'      165.189 
PRO 'L-peptide linking' y PROLINE                           ?    'C5 H9 N O2'       115.130 
SER 'L-peptide linking' y SERINE                            ?    'C3 H7 N O3'       105.093 
THR 'L-peptide linking' y THREONINE                         ?    'C4 H9 N O3'       119.119 
TRP 'L-peptide linking' y TRYPTOPHAN                        ?    'C11 H12 N2 O2'    204.225 
TYR 'L-peptide linking' y TYROSINE                          ?    'C9 H11 N O3'      181.189 
VAL 'L-peptide linking' y VALINE                            ?    'C5 H11 N O2'      117.146 
# 
_exptl.crystals_number   1 
_exptl.entry_id          2IBJ 
_exptl.method            'X-RAY DIFFRACTION' 
# 
_exptl_crystal.id                    1 
_exptl_crystal.density_Matthews      2.32 
_exptl_crystal.density_meas          ? 
_exptl_crystal.density_percent_sol   47.07 
_exptl_crystal.description           ? 
_exptl_crystal.F_000                 ? 
_exptl_crystal.preparation           ? 
# 
_exptl_crystal_grow.crystal_id      1 
_exptl_crystal_grow.method          'VAPOR DIFFUSION, HANGING DROP' 
_exptl_crystal_grow.pH              6.8 
_exptl_crystal_grow.temp            278 
_exptl_crystal_grow.temp_details    ? 
_exptl_crystal_grow.pdbx_details    
'30% PEG8000, 0.1M Hepes, 0.1M Mg acetate, with microseeding, pH 6.8, VAPOR DIFFUSION, HANGING DROP, temperature 278K' 
_exptl_crystal_grow.pdbx_pH_range   . 
# 
_diffrn.id                     1 
_diffrn.ambient_temp           100 
_diffrn.ambient_temp_details   ? 
_diffrn.crystal_id             1 
# 
_diffrn_detector.diffrn_id              1 
_diffrn_detector.detector               'IMAGE PLATE' 
_diffrn_detector.type                   'MAR scanner 345 mm plate' 
_diffrn_detector.pdbx_collection_date   2003-05-20 
_diffrn_detector.details                'Osmic Blue optics' 
# 
_diffrn_radiation.diffrn_id                        1 
_diffrn_radiation.wavelength_id                    1 
_diffrn_radiation.pdbx_diffrn_protocol             'SINGLE WAVELENGTH' 
_diffrn_radiation.monochromator                    'osmic multilayer mirrors' 
_diffrn_radiation.pdbx_monochromatic_or_laue_m_l   M 
_diffrn_radiation.pdbx_scattering_type             x-ray 
# 
_diffrn_radiation_wavelength.id           1 
_diffrn_radiation_wavelength.wavelength   1.5418 
_diffrn_radiation_wavelength.wt           1.0 
# 
_diffrn_source.diffrn_id                   1 
_diffrn_source.source                      'ROTATING ANODE' 
_diffrn_source.type                        RIGAKU 
_diffrn_source.pdbx_wavelength             ? 
_diffrn_source.pdbx_wavelength_list        1.5418 
_diffrn_source.pdbx_synchrotron_site       ? 
_diffrn_source.pdbx_synchrotron_beamline   ? 
# 
_reflns.entry_id                     2IBJ 
_reflns.d_resolution_high            1.550 
_reflns.d_resolution_low             50.000 
_reflns.number_obs                   14040 
_reflns.pdbx_Rmerge_I_obs            0.051 
_reflns.pdbx_netI_over_sigmaI        17.100 
_reflns.pdbx_chi_squared             1.001 
_reflns.percent_possible_obs         98.200 
_reflns.observed_criterion_sigma_F   ? 
_reflns.observed_criterion_sigma_I   -3.0 
_reflns.number_all                   ? 
_reflns.pdbx_Rsym_value              ? 
_reflns.B_iso_Wilson_estimate        13.6 
_reflns.pdbx_redundancy              6.25 
_reflns.R_free_details               ? 
_reflns.limit_h_max                  ? 
_reflns.limit_h_min                  ? 
_reflns.limit_k_max                  ? 
_reflns.limit_k_min                  ? 
_reflns.limit_l_max                  ? 
_reflns.limit_l_min                  ? 
_reflns.observed_criterion_F_max     ? 
_reflns.observed_criterion_F_min     ? 
_reflns.pdbx_scaling_rejects         ? 
_reflns.pdbx_diffrn_id               1 
_reflns.pdbx_ordinal                 1 
# 
_reflns_shell.d_res_high             1.55 
_reflns_shell.d_res_low              1.58 
_reflns_shell.number_measured_obs    ? 
_reflns_shell.number_measured_all    ? 
_reflns_shell.number_unique_obs      ? 
_reflns_shell.Rmerge_I_obs           0.191 
_reflns_shell.meanI_over_sigI_obs    8.3 
_reflns_shell.pdbx_Rsym_value        ? 
_reflns_shell.pdbx_chi_squared       1.034 
_reflns_shell.pdbx_redundancy        ? 
_reflns_shell.percent_possible_obs   ? 
_reflns_shell.number_unique_all      656 
_reflns_shell.percent_possible_all   93.30 
_reflns_shell.pdbx_diffrn_id         ? 
_reflns_shell.pdbx_ordinal           1 
# 
_refine.entry_id                                 2IBJ 
_refine.ls_d_res_high                            1.550 
_refine.ls_d_res_low                             50.000 
_refine.pdbx_ls_sigma_F                          0.00 
_refine.ls_percent_reflns_obs                    97.200 
_refine.ls_number_reflns_obs                     13831 
_refine.ls_R_factor_R_work                       0.163 
_refine.ls_R_factor_R_free                       0.194 
_refine.ls_percent_reflns_R_free                 4.000 
_refine.ls_number_reflns_R_free                  565 
_refine.B_iso_mean                               15.578 
_refine.solvent_model_param_bsol                 33.349 
_refine.aniso_B[1][1]                            0.976 
_refine.aniso_B[2][2]                            -0.173 
_refine.aniso_B[3][3]                            -0.803 
_refine.aniso_B[1][2]                            0.000 
_refine.aniso_B[1][3]                            0.000 
_refine.aniso_B[2][3]                            0.000 
_refine.pdbx_ls_sigma_I                          ? 
_refine.ls_number_reflns_all                     ? 
_refine.ls_R_factor_all                          ? 
_refine.ls_R_factor_obs                          ? 
_refine.ls_redundancy_reflns_obs                 ? 
_refine.pdbx_data_cutoff_high_absF               ? 
_refine.pdbx_data_cutoff_low_absF                ? 
_refine.ls_number_parameters                     ? 
_refine.ls_number_restraints                     ? 
_refine.ls_R_factor_R_free_error                 ? 
_refine.ls_R_factor_R_free_error_details         ? 
_refine.pdbx_method_to_determine_struct          'MOLECULAR REPLACEMENT' 
_refine.pdbx_starting_model                      1LJO 
_refine.pdbx_ls_cross_valid_method               THROUGHOUT 
_refine.pdbx_R_Free_selection_details            RANDOM 
_refine.pdbx_stereochem_target_val_spec_case     ? 
_refine.pdbx_stereochemistry_target_values       'Engh & Huber' 
_refine.solvent_model_details                    ? 
_refine.solvent_model_param_ksol                 0.38 
_refine.occupancy_max                            ? 
_refine.occupancy_min                            ? 
_refine.pdbx_isotropic_thermal_model             Isotropic 
_refine.details                                  ? 
_refine.B_iso_min                                ? 
_refine.B_iso_max                                ? 
_refine.correlation_coeff_Fo_to_Fc               ? 
_refine.correlation_coeff_Fo_to_Fc_free          ? 
_refine.pdbx_solvent_vdw_probe_radii             ? 
_refine.pdbx_solvent_ion_probe_radii             ? 
_refine.pdbx_solvent_shrinkage_radii             ? 
_refine.overall_SU_R_Cruickshank_DPI             ? 
_refine.overall_SU_R_free                        ? 
_refine.overall_SU_ML                            ? 
_refine.overall_SU_B                             ? 
_refine.pdbx_overall_ESU_R_Free                  ? 
_refine.pdbx_data_cutoff_high_rms_absF           ? 
_refine.pdbx_overall_ESU_R                       ? 
_refine.ls_wR_factor_R_free                      ? 
_refine.ls_wR_factor_R_work                      ? 
_refine.overall_FOM_free_R_set                   ? 
_refine.overall_FOM_work_R_set                   ? 
_refine.pdbx_refine_id                           'X-RAY DIFFRACTION' 
_refine.pdbx_diffrn_id                           1 
_refine.pdbx_TLS_residual_ADP_flag               ? 
_refine.pdbx_overall_phase_error                 ? 
_refine.pdbx_overall_SU_R_free_Cruickshank_DPI   ? 
_refine.pdbx_overall_SU_R_Blow_DPI               ? 
_refine.pdbx_overall_SU_R_free_Blow_DPI          ? 
# 
_refine_hist.pdbx_refine_id                   'X-RAY DIFFRACTION' 
_refine_hist.cycle_id                         LAST 
_refine_hist.pdbx_number_atoms_protein        727 
_refine_hist.pdbx_number_atoms_nucleic_acid   0 
_refine_hist.pdbx_number_atoms_ligand         88 
_refine_hist.number_atoms_solvent             170 
_refine_hist.number_atoms_total               985 
_refine_hist.d_res_high                       1.550 
_refine_hist.d_res_low                        50.000 
# 
loop_
_refine_ls_restr.type 
_refine_ls_restr.number 
_refine_ls_restr.dev_ideal 
_refine_ls_restr.dev_ideal_target 
_refine_ls_restr.weight 
_refine_ls_restr.pdbx_refine_id 
_refine_ls_restr.pdbx_restraint_function 
c_bond_d     ? 0.022 ?     ? 'X-RAY DIFFRACTION' ? 
c_angle_deg  ? 2.026 ?     ? 'X-RAY DIFFRACTION' ? 
c_mcbond_it  ? 1.365 1.500 ? 'X-RAY DIFFRACTION' ? 
c_scbond_it  ? 2.218 2.000 ? 'X-RAY DIFFRACTION' ? 
c_mcangle_it ? 2.117 2.000 ? 'X-RAY DIFFRACTION' ? 
c_scangle_it ? 3.179 2.500 ? 'X-RAY DIFFRACTION' ? 
# 
loop_
_pdbx_xplor_file.serial_no 
_pdbx_xplor_file.param_file 
_pdbx_xplor_file.topol_file 
_pdbx_xplor_file.pdbx_refine_id 
1 CNS_TOPPAR:protein_rep.param CNS_TOPPAR:protein.top 'X-RAY DIFFRACTION' 
2 CNS_TOPPAR:water_rep.param   CNS_TOPPAR:water.top   'X-RAY DIFFRACTION' 
3 CNS_TOPPAR:ion.param         CNS_TOPPAR:ion.top     'X-RAY DIFFRACTION' 
4 heam.par                     heam.top               'X-RAY DIFFRACTION' 
# 
_struct.entry_id                  2IBJ 
_struct.title                     'Structure of House Fly Cytochrome B5' 
_struct.pdbx_model_details        ? 
_struct.pdbx_CASP_flag            ? 
_struct.pdbx_model_type_details   ? 
# 
_struct_keywords.entry_id        2IBJ 
_struct_keywords.pdbx_keywords   'ELECTRON TRANSPORT' 
_struct_keywords.text            'Fly CYTOCHROME B5, HEME, ELECTRON TRANSPORT' 
# 
loop_
_struct_asym.id 
_struct_asym.pdbx_blank_PDB_chainid_flag 
_struct_asym.pdbx_modified 
_struct_asym.entity_id 
_struct_asym.details 
A N N 1 ? 
B N N 2 ? 
C N N 2 ? 
D N N 3 ? 
E N N 4 ? 
# 
loop_
_struct_conf.conf_type_id 
_struct_conf.id 
_struct_conf.pdbx_PDB_helix_id 
_struct_conf.beg_label_comp_id 
_struct_conf.beg_label_asym_id 
_struct_conf.beg_label_seq_id 
_struct_conf.pdbx_beg_PDB_ins_code 
_struct_conf.end_label_comp_id 
_struct_conf.end_label_asym_id 
_struct_conf.end_label_seq_id 
_struct_conf.pdbx_end_PDB_ins_code 
_struct_conf.beg_auth_comp_id 
_struct_conf.beg_auth_asym_id 
_struct_conf.beg_auth_seq_id 
_struct_conf.end_auth_comp_id 
_struct_conf.end_auth_asym_id 
_struct_conf.end_auth_seq_id 
_struct_conf.pdbx_PDB_helix_class 
_struct_conf.details 
_struct_conf.pdbx_PDB_helix_length 
HELX_P HELX_P1 1 THR A 10 ? LYS A 16 ? THR A 8  LYS A 14 1 ? 7 
HELX_P HELX_P2 2 THR A 35 ? LEU A 38 ? THR A 33 LEU A 36 5 ? 4 
HELX_P HELX_P3 3 GLU A 45 ? GLU A 50 ? GLU A 43 GLU A 48 1 ? 6 
HELX_P HELX_P4 4 ALA A 56 ? GLY A 64 ? ALA A 54 GLY A 62 1 ? 9 
HELX_P HELX_P5 5 SER A 66 ? LYS A 74 ? SER A 64 LYS A 72 1 ? 9 
HELX_P HELX_P6 6 ALA A 83 ? ARG A 86 ? ALA A 81 ARG A 84 5 ? 4 
# 
_struct_conf_type.id          HELX_P 
_struct_conf_type.criteria    ? 
_struct_conf_type.reference   ? 
# 
loop_
_struct_conn.id 
_struct_conn.conn_type_id 
_struct_conn.pdbx_leaving_atom_flag 
_struct_conn.pdbx_PDB_id 
_struct_conn.ptnr1_label_asym_id 
_struct_conn.ptnr1_label_comp_id 
_struct_conn.ptnr1_label_seq_id 
_struct_conn.ptnr1_label_atom_id 
_struct_conn.pdbx_ptnr1_label_alt_id 
_struct_conn.pdbx_ptnr1_PDB_ins_code 
_struct_conn.pdbx_ptnr1_standard_comp_id 
_struct_conn.ptnr1_symmetry 
_struct_conn.ptnr2_label_asym_id 
_struct_conn.ptnr2_label_comp_id 
_struct_conn.ptnr2_label_seq_id 
_struct_conn.ptnr2_label_atom_id 
_struct_conn.pdbx_ptnr2_label_alt_id 
_struct_conn.pdbx_ptnr2_PDB_ins_code 
_struct_conn.ptnr1_auth_asym_id 
_struct_conn.ptnr1_auth_comp_id 
_struct_conn.ptnr1_auth_seq_id 
_struct_conn.ptnr2_auth_asym_id 
_struct_conn.ptnr2_auth_comp_id 
_struct_conn.ptnr2_auth_seq_id 
_struct_conn.ptnr2_symmetry 
_struct_conn.pdbx_ptnr3_label_atom_id 
_struct_conn.pdbx_ptnr3_label_seq_id 
_struct_conn.pdbx_ptnr3_label_comp_id 
_struct_conn.pdbx_ptnr3_label_asym_id 
_struct_conn.pdbx_ptnr3_label_alt_id 
_struct_conn.pdbx_ptnr3_PDB_ins_code 
_struct_conn.details 
_struct_conn.pdbx_dist_value 
_struct_conn.pdbx_value_order 
_struct_conn.pdbx_role 
metalc1  metalc ? ? A HIS 41 NE2 ? ? ? 1_555 D HEM . FE A ? A HIS 39  A HEM 201 1_555 ? ? ? ? ? ? ? 1.935 ? ? 
metalc2  metalc ? ? A HIS 41 NE2 ? ? ? 1_555 D HEM . FE B ? A HIS 39  A HEM 201 1_555 ? ? ? ? ? ? ? 2.140 ? ? 
metalc3  metalc ? ? A HIS 65 NE2 ? ? ? 1_555 D HEM . FE B ? A HIS 63  A HEM 201 1_555 ? ? ? ? ? ? ? 1.929 ? ? 
metalc4  metalc ? ? A HIS 65 NE2 ? ? ? 1_555 D HEM . FE A ? A HIS 63  A HEM 201 1_555 ? ? ? ? ? ? ? 2.134 ? ? 
metalc5  metalc ? ? B MG  .  MG  ? ? ? 1_555 E HOH . O  ? ? A MG  301 A HOH 328 3_645 ? ? ? ? ? ? ? 2.058 ? ? 
metalc6  metalc ? ? B MG  .  MG  ? ? ? 1_555 E HOH . O  ? ? A MG  301 A HOH 393 1_555 ? ? ? ? ? ? ? 2.329 ? ? 
metalc7  metalc ? ? B MG  .  MG  ? ? ? 1_555 E HOH . O  ? ? A MG  301 A HOH 400 3_645 ? ? ? ? ? ? ? 2.453 ? ? 
metalc8  metalc ? ? B MG  .  MG  ? ? ? 1_555 E HOH . O  ? ? A MG  301 A HOH 422 3_645 ? ? ? ? ? ? ? 2.232 ? ? 
metalc9  metalc ? ? B MG  .  MG  ? ? ? 1_555 E HOH . O  ? ? A MG  301 A HOH 427 1_555 ? ? ? ? ? ? ? 2.258 ? ? 
metalc10 metalc ? ? B MG  .  MG  ? ? ? 1_555 E HOH . O  ? ? A MG  301 A HOH 462 3_645 ? ? ? ? ? ? ? 2.291 ? ? 
metalc11 metalc ? ? C MG  .  MG  ? ? ? 1_555 E HOH . O  ? ? A MG  302 A HOH 360 1_555 ? ? ? ? ? ? ? 2.139 ? ? 
metalc12 metalc ? ? C MG  .  MG  ? ? ? 1_555 E HOH . O  ? ? A MG  302 A HOH 382 1_555 ? ? ? ? ? ? ? 2.100 ? ? 
metalc13 metalc ? ? C MG  .  MG  ? ? ? 1_555 E HOH . O  ? ? A MG  302 A HOH 412 1_555 ? ? ? ? ? ? ? 2.083 ? ? 
metalc14 metalc ? ? C MG  .  MG  ? ? ? 1_555 E HOH . O  ? ? A MG  302 A HOH 426 1_555 ? ? ? ? ? ? ? 2.289 ? ? 
metalc15 metalc ? ? C MG  .  MG  ? ? ? 1_555 E HOH . O  ? ? A MG  302 A HOH 458 1_555 ? ? ? ? ? ? ? 2.141 ? ? 
# 
_struct_conn_type.id          metalc 
_struct_conn_type.criteria    ? 
_struct_conn_type.reference   ? 
# 
loop_
_struct_sheet.id 
_struct_sheet.type 
_struct_sheet.number_strands 
_struct_sheet.details 
A ? 5 ? 
B ? 5 ? 
# 
loop_
_struct_sheet_order.sheet_id 
_struct_sheet_order.range_id_1 
_struct_sheet_order.range_id_2 
_struct_sheet_order.offset 
_struct_sheet_order.sense 
A 1 2 ? parallel      
A 2 3 ? anti-parallel 
A 3 4 ? anti-parallel 
A 4 5 ? anti-parallel 
B 1 2 ? parallel      
B 2 3 ? anti-parallel 
B 3 4 ? anti-parallel 
B 4 5 ? parallel      
# 
loop_
_struct_sheet_range.sheet_id 
_struct_sheet_range.id 
_struct_sheet_range.beg_label_comp_id 
_struct_sheet_range.beg_label_asym_id 
_struct_sheet_range.beg_label_seq_id 
_struct_sheet_range.pdbx_beg_PDB_ins_code 
_struct_sheet_range.end_label_comp_id 
_struct_sheet_range.end_label_asym_id 
_struct_sheet_range.end_label_seq_id 
_struct_sheet_range.pdbx_end_PDB_ins_code 
_struct_sheet_range.beg_auth_comp_id 
_struct_sheet_range.beg_auth_asym_id 
_struct_sheet_range.beg_auth_seq_id 
_struct_sheet_range.end_auth_comp_id 
_struct_sheet_range.end_auth_asym_id 
_struct_sheet_range.end_auth_seq_id 
A 1 TYR A 8  ? PHE A 9  ? TYR A 6  PHE A 7  
A 2 LYS A 77 ? LEU A 81 ? LYS A 75 LEU A 79 
A 3 ASN A 30 ? ASP A 33 ? ASN A 28 ASP A 31 
A 4 LYS A 22 ? ILE A 27 ? LYS A 20 ILE A 25 
A 5 ASN A 18 ? THR A 19 ? ASN A 16 THR A 17 
B 1 TYR A 8  ? PHE A 9  ? TYR A 6  PHE A 7  
B 2 LYS A 77 ? LEU A 81 ? LYS A 75 LEU A 79 
B 3 ASN A 30 ? ASP A 33 ? ASN A 28 ASP A 31 
B 4 LYS A 22 ? ILE A 27 ? LYS A 20 ILE A 25 
B 5 LYS A 54 ? ASP A 55 ? LYS A 52 ASP A 53 
# 
loop_
_pdbx_struct_sheet_hbond.sheet_id 
_pdbx_struct_sheet_hbond.range_id_1 
_pdbx_struct_sheet_hbond.range_id_2 
_pdbx_struct_sheet_hbond.range_1_label_atom_id 
_pdbx_struct_sheet_hbond.range_1_label_comp_id 
_pdbx_struct_sheet_hbond.range_1_label_asym_id 
_pdbx_struct_sheet_hbond.range_1_label_seq_id 
_pdbx_struct_sheet_hbond.range_1_PDB_ins_code 
_pdbx_struct_sheet_hbond.range_1_auth_atom_id 
_pdbx_struct_sheet_hbond.range_1_auth_comp_id 
_pdbx_struct_sheet_hbond.range_1_auth_asym_id 
_pdbx_struct_sheet_hbond.range_1_auth_seq_id 
_pdbx_struct_sheet_hbond.range_2_label_atom_id 
_pdbx_struct_sheet_hbond.range_2_label_comp_id 
_pdbx_struct_sheet_hbond.range_2_label_asym_id 
_pdbx_struct_sheet_hbond.range_2_label_seq_id 
_pdbx_struct_sheet_hbond.range_2_PDB_ins_code 
_pdbx_struct_sheet_hbond.range_2_auth_atom_id 
_pdbx_struct_sheet_hbond.range_2_auth_comp_id 
_pdbx_struct_sheet_hbond.range_2_auth_asym_id 
_pdbx_struct_sheet_hbond.range_2_auth_seq_id 
A 1 2 N PHE A 9  ? N PHE A 7  O GLU A 80 ? O GLU A 78 
A 2 3 O VAL A 78 ? O VAL A 76 N VAL A 31 ? N VAL A 29 
A 3 4 O TYR A 32 ? O TYR A 30 N PHE A 25 ? N PHE A 23 
A 4 5 O LYS A 22 ? O LYS A 20 N THR A 19 ? N THR A 17 
B 1 2 N PHE A 9  ? N PHE A 7  O GLU A 80 ? O GLU A 78 
B 2 3 O VAL A 78 ? O VAL A 76 N VAL A 31 ? N VAL A 29 
B 3 4 O TYR A 32 ? O TYR A 30 N PHE A 25 ? N PHE A 23 
B 4 5 N ILE A 26 ? N ILE A 24 O LYS A 54 ? O LYS A 52 
# 
loop_
_struct_site.id 
_struct_site.pdbx_evidence_code 
_struct_site.pdbx_auth_asym_id 
_struct_site.pdbx_auth_comp_id 
_struct_site.pdbx_auth_seq_id 
_struct_site.pdbx_auth_ins_code 
_struct_site.pdbx_num_residues 
_struct_site.details 
AC1 Software A MG  301 ? 6  'BINDING SITE FOR RESIDUE MG A 301'  
AC2 Software A MG  302 ? 5  'BINDING SITE FOR RESIDUE MG A 302'  
AC3 Software A HEM 201 ? 27 'BINDING SITE FOR RESIDUE HEM A 201' 
# 
loop_
_struct_site_gen.id 
_struct_site_gen.site_id 
_struct_site_gen.pdbx_num_res 
_struct_site_gen.label_comp_id 
_struct_site_gen.label_asym_id 
_struct_site_gen.label_seq_id 
_struct_site_gen.pdbx_auth_ins_code 
_struct_site_gen.auth_comp_id 
_struct_site_gen.auth_asym_id 
_struct_site_gen.auth_seq_id 
_struct_site_gen.label_atom_id 
_struct_site_gen.label_alt_id 
_struct_site_gen.symmetry 
_struct_site_gen.details 
1  AC1 6  HOH E .  ? HOH A 328 . ? 3_645 ? 
2  AC1 6  HOH E .  ? HOH A 393 . ? 1_555 ? 
3  AC1 6  HOH E .  ? HOH A 400 . ? 3_645 ? 
4  AC1 6  HOH E .  ? HOH A 422 . ? 3_645 ? 
5  AC1 6  HOH E .  ? HOH A 427 . ? 1_555 ? 
6  AC1 6  HOH E .  ? HOH A 462 . ? 3_645 ? 
7  AC2 5  HOH E .  ? HOH A 360 . ? 1_555 ? 
8  AC2 5  HOH E .  ? HOH A 382 . ? 1_555 ? 
9  AC2 5  HOH E .  ? HOH A 412 . ? 1_555 ? 
10 AC2 5  HOH E .  ? HOH A 426 . ? 1_555 ? 
11 AC2 5  HOH E .  ? HOH A 458 . ? 1_555 ? 
12 AC3 27 TYR A 8  ? TYR A 6   . ? 1_655 ? 
13 AC3 27 PHE A 25 ? PHE A 23  . ? 1_555 ? 
14 AC3 27 VAL A 34 ? VAL A 32  . ? 1_555 ? 
15 AC3 27 PHE A 37 ? PHE A 35  . ? 1_555 ? 
16 AC3 27 HIS A 41 ? HIS A 39  . ? 1_555 ? 
17 AC3 27 PRO A 42 ? PRO A 40  . ? 1_555 ? 
18 AC3 27 GLY A 43 ? GLY A 41  . ? 1_555 ? 
19 AC3 27 VAL A 47 ? VAL A 45  . ? 1_555 ? 
20 AC3 27 LEU A 48 ? LEU A 46  . ? 1_555 ? 
21 AC3 27 GLN A 51 ? GLN A 49  . ? 1_555 ? 
22 AC3 27 PHE A 60 ? PHE A 58  . ? 1_555 ? 
23 AC3 27 VAL A 63 ? VAL A 61  . ? 1_555 ? 
24 AC3 27 HIS A 65 ? HIS A 63  . ? 1_555 ? 
25 AC3 27 SER A 66 ? SER A 64  . ? 1_555 ? 
26 AC3 27 ALA A 69 ? ALA A 67  . ? 1_555 ? 
27 AC3 27 MET A 72 ? MET A 70  . ? 1_555 ? 
28 AC3 27 MET A 73 ? MET A 71  . ? 1_555 ? 
29 AC3 27 TYR A 76 ? TYR A 74  . ? 1_555 ? 
30 AC3 27 VAL A 82 ? VAL A 80  . ? 1_655 ? 
31 AC3 27 ALA A 83 ? ALA A 81  . ? 1_655 ? 
32 AC3 27 HOH E .  ? HOH A 312 . ? 1_555 ? 
33 AC3 27 HOH E .  ? HOH A 326 . ? 1_555 ? 
34 AC3 27 HOH E .  ? HOH A 356 . ? 1_555 ? 
35 AC3 27 HOH E .  ? HOH A 364 . ? 1_555 ? 
36 AC3 27 HOH E .  ? HOH A 395 . ? 1_555 ? 
37 AC3 27 HOH E .  ? HOH A 424 . ? 4_556 ? 
38 AC3 27 HOH E .  ? HOH A 445 . ? 1_655 ? 
# 
_atom_sites.entry_id                    2IBJ 
_atom_sites.fract_transf_matrix[1][1]   -0.01177060 
_atom_sites.fract_transf_matrix[1][2]   0.00769392 
_atom_sites.fract_transf_matrix[1][3]   -0.02663590 
_atom_sites.fract_transf_matrix[2][1]   0.00697353 
_atom_sites.fract_transf_matrix[2][2]   0.02357114 
_atom_sites.fract_transf_matrix[2][3]   0.00372699 
_atom_sites.fract_transf_matrix[3][1]   0.01248075 
_atom_sites.fract_transf_matrix[3][2]   -0.00269718 
_atom_sites.fract_transf_matrix[3][3]   -0.00629443 
_atom_sites.fract_transf_vector[1]      0.045540 
_atom_sites.fract_transf_vector[2]      0.234369 
_atom_sites.fract_transf_vector[3]      0.335149 
# 
loop_
_atom_type.symbol 
C  
FE 
MG 
N  
O  
S  
# 
loop_
_atom_site.group_PDB 
_atom_site.id 
_atom_site.type_symbol 
_atom_site.label_atom_id 
_atom_site.label_alt_id 
_atom_site.label_comp_id 
_atom_site.label_asym_id 
_atom_site.label_entity_id 
_atom_site.label_seq_id 
_atom_site.pdbx_PDB_ins_code 
_atom_site.Cartn_x 
_atom_site.Cartn_y 
_atom_site.Cartn_z 
_atom_site.occupancy 
_atom_site.B_iso_or_equiv 
_atom_site.pdbx_formal_charge 
_atom_site.auth_seq_id 
_atom_site.auth_comp_id 
_atom_site.auth_asym_id 
_atom_site.auth_atom_id 
_atom_site.pdbx_PDB_model_num 
ATOM   1   N  N   . SER A 1 3  ? 20.420  1.605   13.463  1.00 42.82 ? 1   SER A N   1 
ATOM   2   C  CA  . SER A 1 3  ? 19.891  2.935   13.020  1.00 41.74 ? 1   SER A CA  1 
ATOM   3   C  C   . SER A 1 3  ? 18.846  2.887   11.899  1.00 41.58 ? 1   SER A C   1 
ATOM   4   O  O   . SER A 1 3  ? 18.666  3.873   11.173  1.00 42.92 ? 1   SER A O   1 
ATOM   5   C  CB  . SER A 1 3  ? 21.037  3.893   12.622  1.00 40.98 ? 1   SER A CB  1 
ATOM   6   O  OG  . SER A 1 3  ? 21.804  3.410   11.536  1.00 41.37 ? 1   SER A OG  1 
ATOM   7   N  N   . GLU A 1 4  ? 18.174  1.746   11.728  1.00 40.56 ? 2   GLU A N   1 
ATOM   8   C  CA  . GLU A 1 4  ? 17.090  1.671   10.735  1.00 39.16 ? 2   GLU A CA  1 
ATOM   9   C  C   . GLU A 1 4  ? 15.908  2.254   11.548  1.00 36.99 ? 2   GLU A C   1 
ATOM   10  O  O   . GLU A 1 4  ? 15.924  2.162   12.789  1.00 37.66 ? 2   GLU A O   1 
ATOM   11  C  CB  . GLU A 1 4  ? 16.795  0.209   10.341  1.00 39.95 ? 2   GLU A CB  1 
ATOM   12  C  CG  . GLU A 1 4  ? 17.667  -0.395  9.200   1.00 41.09 ? 2   GLU A CG  1 
ATOM   13  C  CD  . GLU A 1 4  ? 17.163  -1.788  8.764   1.00 42.88 ? 2   GLU A CD  1 
ATOM   14  O  OE1 . GLU A 1 4  ? 16.086  -2.173  9.262   1.00 44.50 ? 2   GLU A OE1 1 
ATOM   15  O  OE2 . GLU A 1 4  ? 17.805  -2.511  7.936   1.00 41.89 ? 2   GLU A OE2 1 
ATOM   16  N  N   . ASP A 1 5  ? 14.915  2.875   10.898  1.00 34.27 ? 3   ASP A N   1 
ATOM   17  C  CA  . ASP A 1 5  ? 13.784  3.423   11.663  1.00 29.49 ? 3   ASP A CA  1 
ATOM   18  C  C   . ASP A 1 5  ? 12.450  3.014   11.055  1.00 25.51 ? 3   ASP A C   1 
ATOM   19  O  O   . ASP A 1 5  ? 11.457  3.776   11.008  1.00 27.49 ? 3   ASP A O   1 
ATOM   20  C  CB  . ASP A 1 5  ? 13.873  4.954   11.838  1.00 32.60 ? 3   ASP A CB  1 
ATOM   21  C  CG  . ASP A 1 5  ? 13.528  5.718   10.564  1.00 33.96 ? 3   ASP A CG  1 
ATOM   22  O  OD1 . ASP A 1 5  ? 13.824  5.211   9.449   0.50 35.12 ? 3   ASP A OD1 1 
ATOM   23  O  OD2 . ASP A 1 5  ? 12.969  6.840   10.684  0.50 35.21 ? 3   ASP A OD2 1 
ATOM   24  N  N   . VAL A 1 6  ? 12.447  1.771   10.616  1.00 20.25 ? 4   VAL A N   1 
ATOM   25  C  CA  . VAL A 1 6  ? 11.260  1.122   10.040  1.00 16.26 ? 4   VAL A CA  1 
ATOM   26  C  C   . VAL A 1 6  ? 10.282  0.770   11.167  1.00 14.91 ? 4   VAL A C   1 
ATOM   27  O  O   . VAL A 1 6  ? 10.722  0.314   12.227  1.00 14.19 ? 4   VAL A O   1 
ATOM   28  C  CB  . VAL A 1 6  ? 11.717  -0.173  9.357   1.00 15.37 ? 4   VAL A CB  1 
ATOM   29  C  CG1 . VAL A 1 6  ? 10.516  -1.098  8.923   1.00 15.35 ? 4   VAL A CG1 1 
ATOM   30  C  CG2 . VAL A 1 6  ? 12.611  0.201   8.147   1.00 21.82 ? 4   VAL A CG2 1 
ATOM   31  N  N   . LYS A 1 7  ? 9.006   1.020   10.942  1.00 11.57 ? 5   LYS A N   1 
ATOM   32  C  CA  . LYS A 1 7  ? 7.926   0.642   11.843  1.00 11.75 ? 5   LYS A CA  1 
ATOM   33  C  C   . LYS A 1 7  ? 7.306   -0.616  11.233  1.00 10.94 ? 5   LYS A C   1 
ATOM   34  O  O   . LYS A 1 7  ? 7.082   -0.715  10.021  1.00 11.21 ? 5   LYS A O   1 
ATOM   35  C  CB  . LYS A 1 7  ? 6.867   1.728   11.978  1.00 12.18 ? 5   LYS A CB  1 
ATOM   36  C  CG  . LYS A 1 7  ? 5.811   1.382   13.023  1.00 16.88 ? 5   LYS A CG  1 
ATOM   37  C  CD  . LYS A 1 7  ? 4.835   2.586   13.222  1.00 20.30 ? 5   LYS A CD  1 
ATOM   38  C  CE  . LYS A 1 7  ? 3.643   2.229   14.164  1.00 20.60 ? 5   LYS A CE  1 
ATOM   39  N  NZ  . LYS A 1 7  ? 2.752   3.447   14.393  1.00 25.57 ? 5   LYS A NZ  1 
ATOM   40  N  N   . TYR A 1 8  ? 7.028   -1.579  12.099  1.00 8.19  ? 6   TYR A N   1 
ATOM   41  C  CA  . TYR A 1 8  ? 6.435   -2.862  11.655  1.00 9.83  ? 6   TYR A CA  1 
ATOM   42  C  C   . TYR A 1 8  ? 4.983   -2.953  12.109  1.00 9.97  ? 6   TYR A C   1 
ATOM   43  O  O   . TYR A 1 8  ? 4.653   -2.674  13.239  1.00 11.92 ? 6   TYR A O   1 
ATOM   44  C  CB  . TYR A 1 8  ? 7.247   -4.057  12.159  1.00 9.69  ? 6   TYR A CB  1 
ATOM   45  C  CG  . TYR A 1 8  ? 8.653   -4.102  11.608  1.00 8.30  ? 6   TYR A CG  1 
ATOM   46  C  CD1 . TYR A 1 8  ? 9.680   -3.374  12.206  1.00 10.22 ? 6   TYR A CD1 1 
ATOM   47  C  CD2 . TYR A 1 8  ? 8.924   -4.870  10.460  1.00 9.99  ? 6   TYR A CD2 1 
ATOM   48  C  CE1 . TYR A 1 8  ? 10.947  -3.409  11.683  1.00 11.11 ? 6   TYR A CE1 1 
ATOM   49  C  CE2 . TYR A 1 8  ? 10.221  -4.900  9.902   1.00 11.29 ? 6   TYR A CE2 1 
ATOM   50  C  CZ  . TYR A 1 8  ? 11.193  -4.160  10.559  1.00 10.20 ? 6   TYR A CZ  1 
ATOM   51  O  OH  . TYR A 1 8  ? 12.500  -4.223  10.117  1.00 14.67 ? 6   TYR A OH  1 
ATOM   52  N  N   . PHE A 1 9  ? 4.135   -3.375  11.158  1.00 8.46  ? 7   PHE A N   1 
ATOM   53  C  CA  . PHE A 1 9  ? 2.684   -3.504  11.348  1.00 8.94  ? 7   PHE A CA  1 
ATOM   54  C  C   . PHE A 1 9  ? 2.211   -4.917  11.160  1.00 9.05  ? 7   PHE A C   1 
ATOM   55  O  O   . PHE A 1 9  ? 2.851   -5.723  10.485  1.00 9.34  ? 7   PHE A O   1 
ATOM   56  C  CB  . PHE A 1 9  ? 1.941   -2.649  10.281  1.00 8.20  ? 7   PHE A CB  1 
ATOM   57  C  CG  . PHE A 1 9  ? 2.184   -1.147  10.458  1.00 10.45 ? 7   PHE A CG  1 
ATOM   58  C  CD1 . PHE A 1 9  ? 1.462   -0.430  11.391  1.00 10.97 ? 7   PHE A CD1 1 
ATOM   59  C  CD2 . PHE A 1 9  ? 3.134   -0.490  9.668   1.00 10.73 ? 7   PHE A CD2 1 
ATOM   60  C  CE1 . PHE A 1 9  ? 1.667   0.980   11.551  1.00 12.33 ? 7   PHE A CE1 1 
ATOM   61  C  CE2 . PHE A 1 9  ? 3.335   0.930   9.841   1.00 11.55 ? 7   PHE A CE2 1 
ATOM   62  C  CZ  . PHE A 1 9  ? 2.589   1.618   10.769  1.00 12.67 ? 7   PHE A CZ  1 
ATOM   63  N  N   . THR A 1 10 ? 1.083   -5.206  11.792  1.00 8.08  ? 8   THR A N   1 
ATOM   64  C  CA  . THR A 1 10 ? 0.436   -6.492  11.543  1.00 8.15  ? 8   THR A CA  1 
ATOM   65  C  C   . THR A 1 10 ? -0.645  -6.280  10.505  1.00 8.47  ? 8   THR A C   1 
ATOM   66  O  O   . THR A 1 10 ? -1.086  -5.170  10.214  1.00 8.34  ? 8   THR A O   1 
ATOM   67  C  CB  . THR A 1 10 ? -0.268  -7.027  12.804  1.00 8.80  ? 8   THR A CB  1 
ATOM   68  O  OG1 . THR A 1 10 ? -1.331  -6.131  13.166  1.00 9.40  ? 8   THR A OG1 1 
ATOM   69  C  CG2 . THR A 1 10 ? 0.722   -7.186  13.979  1.00 9.95  ? 8   THR A CG2 1 
ATOM   70  N  N   . ARG A 1 11 ? -1.106  -7.387  9.927   1.00 8.07  ? 9   ARG A N   1 
ATOM   71  C  CA  . ARG A 1 11 ? -2.178  -7.307  8.922   1.00 7.72  ? 9   ARG A CA  1 
ATOM   72  C  C   . ARG A 1 11 ? -3.485  -6.836  9.591   1.00 8.77  ? 9   ARG A C   1 
ATOM   73  O  O   . ARG A 1 11 ? -4.280  -6.121  8.978   1.00 8.46  ? 9   ARG A O   1 
ATOM   74  C  CB  . ARG A 1 11 ? -2.382  -8.683  8.290   1.00 7.73  ? 9   ARG A CB  1 
ATOM   75  C  CG  . ARG A 1 11 ? -1.189  -9.097  7.378   1.00 8.20  ? 9   ARG A CG  1 
ATOM   76  C  CD  . ARG A 1 11 ? -1.470  -10.458 6.794   1.00 8.28  ? 9   ARG A CD  1 
ATOM   77  N  NE  . ARG A 1 11 ? -0.323  -10.960 6.027   1.00 9.18  ? 9   ARG A NE  1 
ATOM   78  C  CZ  . ARG A 1 11 ? -0.133  -10.689 4.727   1.00 8.21  ? 9   ARG A CZ  1 
ATOM   79  N  NH1 . ARG A 1 11 ? -0.960  -9.900  4.004   1.00 9.86  ? 9   ARG A NH1 1 
ATOM   80  N  NH2 . ARG A 1 11 ? 0.938   -11.156 4.073   1.00 10.58 ? 9   ARG A NH2 1 
ATOM   81  N  N   . ALA A 1 12 ? -3.692  -7.183  10.882  1.00 7.07  ? 10  ALA A N   1 
ATOM   82  C  CA  . ALA A 1 12 ? -4.896  -6.683  11.589  1.00 8.22  ? 10  ALA A CA  1 
ATOM   83  C  C   . ALA A 1 12 ? -4.815  -5.175  11.753  1.00 7.82  ? 10  ALA A C   1 
ATOM   84  O  O   . ALA A 1 12 ? -5.840  -4.515  11.626  1.00 10.20 ? 10  ALA A O   1 
ATOM   85  C  CB  . ALA A 1 12 ? -5.063  -7.383  12.967  1.00 8.37  ? 10  ALA A CB  1 
ATOM   86  N  N   . GLU A 1 13 ? -3.618  -4.607  12.045  1.00 8.69  ? 11  GLU A N   1 
ATOM   87  C  CA  . GLU A 1 13 ? -3.497  -3.166  12.138  1.00 8.67  ? 11  GLU A CA  1 
ATOM   88  C  C   . GLU A 1 13 ? -3.776  -2.499  10.795  1.00 9.59  ? 11  GLU A C   1 
ATOM   89  O  O   . GLU A 1 13 ? -4.510  -1.502  10.743  1.00 10.01 ? 11  GLU A O   1 
ATOM   90  C  CB  . GLU A 1 13 ? -2.107  -2.809  12.588  1.00 8.09  ? 11  GLU A CB  1 
ATOM   91  C  CG  . GLU A 1 13 ? -1.931  -3.061  14.100  1.00 9.74  ? 11  GLU A CG  1 
ATOM   92  C  CD  . GLU A 1 13 ? -0.476  -2.971  14.547  1.00 12.66 ? 11  GLU A CD  1 
ATOM   93  O  OE1 . GLU A 1 13 ? 0.499   -3.253  13.801  1.00 11.40 ? 11  GLU A OE1 1 
ATOM   94  O  OE2 . GLU A 1 13 ? -0.254  -2.613  15.745  1.00 19.05 ? 11  GLU A OE2 1 
ATOM   95  N  N   . VAL A 1 14 ? -3.216  -3.074  9.724   1.00 8.58  ? 12  VAL A N   1 
ATOM   96  C  CA  . VAL A 1 14 ? -3.494  -2.491  8.412   1.00 8.83  ? 12  VAL A CA  1 
ATOM   97  C  C   . VAL A 1 14 ? -4.977  -2.517  8.093   1.00 8.72  ? 12  VAL A C   1 
ATOM   98  O  O   . VAL A 1 14 ? -5.505  -1.556  7.477   1.00 9.31  ? 12  VAL A O   1 
ATOM   99  C  CB  . VAL A 1 14 ? -2.633  -3.175  7.314   1.00 8.39  ? 12  VAL A CB  1 
ATOM   100 C  CG1 . VAL A 1 14 ? -3.004  -2.616  5.918   1.00 9.20  ? 12  VAL A CG1 1 
ATOM   101 C  CG2 . VAL A 1 14 ? -1.149  -2.919  7.657   1.00 9.79  ? 12  VAL A CG2 1 
ATOM   102 N  N   . ALA A 1 15 ? -5.653  -3.616  8.439   1.00 9.73  ? 13  ALA A N   1 
ATOM   103 C  CA  . ALA A 1 15 ? -7.087  -3.741  8.137   1.00 9.34  ? 13  ALA A CA  1 
ATOM   104 C  C   . ALA A 1 15 ? -7.985  -2.701  8.799   1.00 9.97  ? 13  ALA A C   1 
ATOM   105 O  O   . ALA A 1 15 ? -9.105  -2.545  8.352   1.00 13.21 ? 13  ALA A O   1 
ATOM   106 C  CB  . ALA A 1 15 ? -7.537  -5.175  8.415   1.00 9.44  ? 13  ALA A CB  1 
ATOM   107 N  N   . LYS A 1 16 ? -7.490  -2.033  9.848   1.00 10.23 ? 14  LYS A N   1 
ATOM   108 C  CA  . LYS A 1 16 ? -8.266  -0.968  10.495  1.00 12.15 ? 14  LYS A CA  1 
ATOM   109 C  C   . LYS A 1 16 ? -8.268  0.264   9.647   1.00 13.61 ? 14  LYS A C   1 
ATOM   110 O  O   . LYS A 1 16 ? -9.158  1.114   9.826   1.00 13.92 ? 14  LYS A O   1 
ATOM   111 C  CB  . LYS A 1 16 ? -7.685  -0.577  11.864  1.00 12.41 ? 14  LYS A CB  1 
ATOM   112 C  CG  . LYS A 1 16 ? -7.868  -1.749  12.843  1.00 17.05 ? 14  LYS A CG  1 
ATOM   113 C  CD  . LYS A 1 16 ? -7.295  -1.411  14.186  1.00 19.85 ? 14  LYS A CD  1 
ATOM   114 C  CE  . LYS A 1 16 ? -7.282  -2.634  15.089  1.00 25.74 ? 14  LYS A CE  1 
ATOM   115 N  NZ  . LYS A 1 16 ? -8.576  -3.373  14.956  1.00 30.88 ? 14  LYS A NZ  1 
ATOM   116 N  N   . ASN A 1 17 ? -7.280  0.385   8.751   1.00 13.20 ? 15  ASN A N   1 
ATOM   117 C  CA  . ASN A 1 17 ? -7.149  1.582   7.886   1.00 12.86 ? 15  ASN A CA  1 
ATOM   118 C  C   . ASN A 1 17 ? -7.729  1.145   6.535   1.00 14.19 ? 15  ASN A C   1 
ATOM   119 O  O   . ASN A 1 17 ? -6.999  0.916   5.527   1.00 13.45 ? 15  ASN A O   1 
ATOM   120 C  CB  . ASN A 1 17 ? -5.680  1.957   7.853   1.00 13.74 ? 15  ASN A CB  1 
ATOM   121 C  CG  . ASN A 1 17 ? -5.191  2.424   9.221   1.00 15.82 ? 15  ASN A CG  1 
ATOM   122 O  OD1 . ASN A 1 17 ? -5.908  3.181   9.885   1.00 22.61 ? 15  ASN A OD1 1 
ATOM   123 N  ND2 . ASN A 1 17 ? -4.040  1.987   9.657   1.00 16.71 ? 15  ASN A ND2 1 
ATOM   124 N  N   . ASN A 1 18 ? -9.060  1.078   6.494   1.00 14.22 ? 16  ASN A N   1 
ATOM   125 C  CA  . ASN A 1 18 ? -9.781  0.476   5.386   1.00 14.27 ? 16  ASN A CA  1 
ATOM   126 C  C   . ASN A 1 18 ? -10.846 1.259   4.646   1.00 16.32 ? 16  ASN A C   1 
ATOM   127 O  O   . ASN A 1 18 ? -11.808 0.663   4.095   1.00 17.38 ? 16  ASN A O   1 
ATOM   128 C  CB  . ASN A 1 18 ? -10.435 -0.808  5.899   1.00 16.50 ? 16  ASN A CB  1 
ATOM   129 C  CG  . ASN A 1 18 ? -11.538 -0.516  6.902   1.00 17.59 ? 16  ASN A CG  1 
ATOM   130 O  OD1 . ASN A 1 18 ? -11.630 0.595   7.447   1.00 18.18 ? 16  ASN A OD1 1 
ATOM   131 N  ND2 . ASN A 1 18 ? -12.353 -1.539  7.193   1.00 20.79 ? 16  ASN A ND2 1 
ATOM   132 N  N   . THR A 1 19 ? -10.711 2.560   4.693   1.00 16.19 ? 17  THR A N   1 
ATOM   133 C  CA  . THR A 1 19 ? -11.644 3.413   3.988   1.00 17.05 ? 17  THR A CA  1 
ATOM   134 C  C   . THR A 1 19 ? -10.845 4.448   3.242   1.00 16.84 ? 17  THR A C   1 
ATOM   135 O  O   . THR A 1 19 ? -9.638  4.605   3.453   1.00 15.52 ? 17  THR A O   1 
ATOM   136 C  CB  . THR A 1 19 ? -12.566 4.206   4.965   1.00 19.22 ? 17  THR A CB  1 
ATOM   137 O  OG1 . THR A 1 19 ? -11.764 5.043   5.785   1.00 21.23 ? 17  THR A OG1 1 
ATOM   138 C  CG2 . THR A 1 19 ? -13.323 3.268   5.917   1.00 22.15 ? 17  THR A CG2 1 
ATOM   139 N  N   . LYS A 1 20 ? -11.496 5.154   2.326   1.00 18.00 ? 18  LYS A N   1 
ATOM   140 C  CA  . LYS A 1 20 ? -10.774 6.179   1.545   1.00 16.63 ? 18  LYS A CA  1 
ATOM   141 C  C   . LYS A 1 20 ? -10.106 7.286   2.377   1.00 16.58 ? 18  LYS A C   1 
ATOM   142 O  O   . LYS A 1 20 ? -9.119  7.890   1.918   1.00 16.84 ? 18  LYS A O   1 
ATOM   143 C  CB  . LYS A 1 20 ? -11.695 6.816   0.517   1.00 18.01 ? 18  LYS A CB  1 
ATOM   144 C  CG  . LYS A 1 20 ? -12.721 7.758   1.121   1.00 18.85 ? 18  LYS A CG  1 
ATOM   145 C  CD  . LYS A 1 20 ? -13.618 8.423   0.035   1.00 20.40 ? 18  LYS A CD  1 
ATOM   146 C  CE  . LYS A 1 20 ? -12.864 9.445   -0.819  1.00 25.34 ? 18  LYS A CE  1 
ATOM   147 N  NZ  . LYS A 1 20 ? -13.840 10.551  -1.218  1.00 27.83 ? 18  LYS A NZ  1 
ATOM   148 N  N   . ASP A 1 21 ? -10.602 7.536   3.588   1.00 18.92 ? 19  ASP A N   1 
ATOM   149 C  CA  . ASP A 1 21 ? -9.941  8.569   4.402   1.00 18.06 ? 19  ASP A CA  1 
ATOM   150 C  C   . ASP A 1 21 ? -8.696  8.093   5.233   1.00 17.70 ? 19  ASP A C   1 
ATOM   151 O  O   . ASP A 1 21 ? -8.019  8.868   5.932   1.00 17.43 ? 19  ASP A O   1 
ATOM   152 C  CB  . ASP A 1 21 ? -10.956 9.203   5.277   1.00 24.23 ? 19  ASP A CB  1 
ATOM   153 C  CG  . ASP A 1 21 ? -11.473 8.264   6.261   1.00 26.81 ? 19  ASP A CG  1 
ATOM   154 O  OD1 . ASP A 1 21 ? -12.208 7.363   5.829   0.50 29.85 ? 19  ASP A OD1 1 
ATOM   155 O  OD2 . ASP A 1 21 ? -11.118 8.405   7.453   0.50 29.04 ? 19  ASP A OD2 1 
ATOM   156 N  N   A LYS A 1 22 ? -8.424  6.784   5.190   0.50 15.89 ? 20  LYS A N   1 
ATOM   157 N  N   B LYS A 1 22 ? -8.389  6.790   5.175   0.50 15.68 ? 20  LYS A N   1 
ATOM   158 C  CA  A LYS A 1 22 ? -7.280  6.185   5.837   0.50 15.53 ? 20  LYS A CA  1 
ATOM   159 C  CA  B LYS A 1 22 ? -7.280  6.185   5.837   0.50 15.53 ? 20  LYS A CA  1 
ATOM   160 C  C   A LYS A 1 22 ? -7.039  4.987   5.002   0.50 14.13 ? 20  LYS A C   1 
ATOM   161 C  C   B LYS A 1 22 ? -6.931  4.989   5.039   0.50 13.61 ? 20  LYS A C   1 
ATOM   162 O  O   A LYS A 1 22 ? -7.342  3.848   5.407   0.50 13.45 ? 20  LYS A O   1 
ATOM   163 O  O   B LYS A 1 22 ? -7.031  3.850   5.498   0.50 12.72 ? 20  LYS A O   1 
ATOM   164 C  CB  A LYS A 1 22 ? -7.466  5.897   7.330   0.50 17.29 ? 20  LYS A CB  1 
ATOM   165 C  CB  B LYS A 1 22 ? -7.519  5.946   7.350   0.50 16.31 ? 20  LYS A CB  1 
ATOM   166 C  CG  A LYS A 1 22 ? -6.168  5.983   8.104   0.50 19.09 ? 20  LYS A CG  1 
ATOM   167 C  CG  B LYS A 1 22 ? -8.817  5.181   7.586   0.50 16.56 ? 20  LYS A CG  1 
ATOM   168 C  CD  A LYS A 1 22 ? -6.366  5.923   9.578   0.25 19.46 ? 20  LYS A CD  1 
ATOM   169 C  CD  B LYS A 1 22 ? -8.970  4.830   9.063   0.50 15.67 ? 20  LYS A CD  1 
ATOM   170 C  CE  A LYS A 1 22 ? -5.037  6.201   10.247  0.25 18.94 ? 20  LYS A CE  1 
ATOM   171 C  CE  B LYS A 1 22 ? -10.250 4.083   9.307   0.50 17.16 ? 20  LYS A CE  1 
ATOM   172 N  NZ  A LYS A 1 22 ? -5.220  7.023   11.461  0.25 21.29 ? 20  LYS A NZ  1 
ATOM   173 N  NZ  B LYS A 1 22 ? -10.296 3.693   10.745  0.25 17.79 ? 20  LYS A NZ  1 
ATOM   174 N  N   . ASN A 1 23 ? -6.548  5.219   3.786   1.00 12.15 ? 21  ASN A N   1 
ATOM   175 C  CA  . ASN A 1 23 ? -6.505  4.141   2.758   1.00 10.82 ? 21  ASN A CA  1 
ATOM   176 C  C   . ASN A 1 23 ? -5.147  3.501   2.668   1.00 9.92  ? 21  ASN A C   1 
ATOM   177 O  O   . ASN A 1 23 ? -4.318  3.830   1.859   1.00 9.87  ? 21  ASN A O   1 
ATOM   178 C  CB  . ASN A 1 23 ? -6.935  4.801   1.417   1.00 9.63  ? 21  ASN A CB  1 
ATOM   179 C  CG  . ASN A 1 23 ? -7.519  3.800   0.395   1.00 11.04 ? 21  ASN A CG  1 
ATOM   180 O  OD1 . ASN A 1 23 ? -8.690  3.841   0.092   1.00 11.24 ? 21  ASN A OD1 1 
ATOM   181 N  ND2 . ASN A 1 23 ? -6.652  2.885   -0.135  1.00 10.84 ? 21  ASN A ND2 1 
ATOM   182 N  N   . TRP A 1 24 ? -5.005  2.493   3.527   1.00 9.41  ? 22  TRP A N   1 
ATOM   183 C  CA  . TRP A 1 24 ? -3.703  1.743   3.522   1.00 8.82  ? 22  TRP A CA  1 
ATOM   184 C  C   . TRP A 1 24 ? -3.816  0.422   2.831   1.00 8.98  ? 22  TRP A C   1 
ATOM   185 O  O   . TRP A 1 24 ? -4.887  -0.138  2.680   1.00 10.98 ? 22  TRP A O   1 
ATOM   186 C  CB  . TRP A 1 24 ? -3.275  1.391   4.939   1.00 10.60 ? 22  TRP A CB  1 
ATOM   187 C  CG  . TRP A 1 24 ? -2.923  2.563   5.867   1.00 8.24  ? 22  TRP A CG  1 
ATOM   188 C  CD1 . TRP A 1 24 ? -3.366  3.859   5.792   1.00 10.24 ? 22  TRP A CD1 1 
ATOM   189 C  CD2 . TRP A 1 24 ? -2.099  2.476   7.005   1.00 10.51 ? 22  TRP A CD2 1 
ATOM   190 N  NE1 . TRP A 1 24 ? -2.845  4.589   6.840   1.00 11.03 ? 22  TRP A NE1 1 
ATOM   191 C  CE2 . TRP A 1 24 ? -2.064  3.756   7.604   1.00 11.11 ? 22  TRP A CE2 1 
ATOM   192 C  CE3 . TRP A 1 24 ? -1.384  1.431   7.613   1.00 13.03 ? 22  TRP A CE3 1 
ATOM   193 C  CZ2 . TRP A 1 24 ? -1.362  4.018   8.750   1.00 12.97 ? 22  TRP A CZ2 1 
ATOM   194 C  CZ3 . TRP A 1 24 ? -0.660  1.715   8.791   1.00 12.40 ? 22  TRP A CZ3 1 
ATOM   195 C  CH2 . TRP A 1 24 ? -0.663  2.977   9.339   1.00 14.06 ? 22  TRP A CH2 1 
ATOM   196 N  N   . PHE A 1 25 ? -2.698  -0.082  2.369   1.00 8.38  ? 23  PHE A N   1 
ATOM   197 C  CA  . PHE A 1 25 ? -2.668  -1.437  1.849   1.00 8.71  ? 23  PHE A CA  1 
ATOM   198 C  C   . PHE A 1 25 ? -1.238  -1.927  1.865   1.00 7.10  ? 23  PHE A C   1 
ATOM   199 O  O   . PHE A 1 25 ? -0.255  -1.183  2.090   1.00 7.73  ? 23  PHE A O   1 
ATOM   200 C  CB  . PHE A 1 25 ? -3.327  -1.591  0.435   1.00 9.01  ? 23  PHE A CB  1 
ATOM   201 C  CG  . PHE A 1 25 ? -2.949  -0.550  -0.587  1.00 8.24  ? 23  PHE A CG  1 
ATOM   202 C  CD1 . PHE A 1 25 ? -1.638  -0.339  -0.931  1.00 8.36  ? 23  PHE A CD1 1 
ATOM   203 C  CD2 . PHE A 1 25 ? -3.959  0.113   -1.285  1.00 9.41  ? 23  PHE A CD2 1 
ATOM   204 C  CE1 . PHE A 1 25 ? -1.330  0.511   -1.994  1.00 9.21  ? 23  PHE A CE1 1 
ATOM   205 C  CE2 . PHE A 1 25 ? -3.673  0.962   -2.344  1.00 8.58  ? 23  PHE A CE2 1 
ATOM   206 C  CZ  . PHE A 1 25 ? -2.338  1.158   -2.733  1.00 9.85  ? 23  PHE A CZ  1 
ATOM   207 N  N   . ILE A 1 26 ? -1.105  -3.242  1.699   1.00 7.50  ? 24  ILE A N   1 
ATOM   208 C  CA  . ILE A 1 26 ? 0.194   -3.897  1.669   1.00 7.92  ? 24  ILE A CA  1 
ATOM   209 C  C   . ILE A 1 26 ? 0.517   -4.313  0.289   1.00 8.29  ? 24  ILE A C   1 
ATOM   210 O  O   . ILE A 1 26 ? -0.351  -4.863  -0.424  1.00 9.66  ? 24  ILE A O   1 
ATOM   211 C  CB  . ILE A 1 26 ? 0.161   -5.190  2.566   1.00 7.66  ? 24  ILE A CB  1 
ATOM   212 C  CG1 . ILE A 1 26 ? -0.134  -4.846  4.028   1.00 9.06  ? 24  ILE A CG1 1 
ATOM   213 C  CG2 . ILE A 1 26 ? 1.479   -5.968  2.420   1.00 10.15 ? 24  ILE A CG2 1 
ATOM   214 C  CD1 . ILE A 1 26 ? -1.099  -5.890  4.668   1.00 9.27  ? 24  ILE A CD1 1 
ATOM   215 N  N   . ILE A 1 27 ? 1.747   -4.064  -0.142  1.00 8.41  ? 25  ILE A N   1 
ATOM   216 C  CA  . ILE A 1 27 ? 2.192   -4.573  -1.439  1.00 8.81  ? 25  ILE A CA  1 
ATOM   217 C  C   . ILE A 1 27 ? 3.613   -5.127  -1.171  1.00 8.76  ? 25  ILE A C   1 
ATOM   218 O  O   . ILE A 1 27 ? 4.496   -4.399  -0.703  1.00 9.50  ? 25  ILE A O   1 
ATOM   219 C  CB  . ILE A 1 27 ? 2.268   -3.501  -2.547  1.00 10.50 ? 25  ILE A CB  1 
ATOM   220 C  CG1 . ILE A 1 27 ? 0.816   -3.012  -2.858  1.00 9.77  ? 25  ILE A CG1 1 
ATOM   221 C  CG2 . ILE A 1 27 ? 3.002   -4.094  -3.782  1.00 9.69  ? 25  ILE A CG2 1 
ATOM   222 C  CD1 . ILE A 1 27 ? 0.814   -1.787  -3.794  1.00 10.49 ? 25  ILE A CD1 1 
ATOM   223 N  N   . HIS A 1 28 ? 3.806   -6.407  -1.453  1.00 8.95  ? 26  HIS A N   1 
ATOM   224 C  CA  . HIS A 1 28 ? 5.114   -7.080  -1.246  1.00 9.35  ? 26  HIS A CA  1 
ATOM   225 C  C   . HIS A 1 28 ? 5.665   -6.851  0.161   1.00 7.97  ? 26  HIS A C   1 
ATOM   226 O  O   . HIS A 1 28 ? 6.834   -6.568  0.378   1.00 8.76  ? 26  HIS A O   1 
ATOM   227 C  CB  . HIS A 1 28 ? 6.168   -6.662  -2.327  1.00 9.11  ? 26  HIS A CB  1 
ATOM   228 C  CG  . HIS A 1 28 ? 5.831   -7.099  -3.716  1.00 9.41  ? 26  HIS A CG  1 
ATOM   229 N  ND1 . HIS A 1 28 ? 5.689   -8.419  -4.069  1.00 15.03 ? 26  HIS A ND1 1 
ATOM   230 C  CD2 . HIS A 1 28 ? 5.599   -6.368  -4.829  1.00 13.63 ? 26  HIS A CD2 1 
ATOM   231 C  CE1 . HIS A 1 28 ? 5.369   -8.483  -5.359  1.00 14.92 ? 26  HIS A CE1 1 
ATOM   232 N  NE2 . HIS A 1 28 ? 5.312   -7.259  -5.836  1.00 15.51 ? 26  HIS A NE2 1 
ATOM   233 N  N   . ASN A 1 29 ? 4.752   -6.981  1.129   1.00 8.23  ? 27  ASN A N   1 
ATOM   234 C  CA  . ASN A 1 29 ? 5.117   -6.843  2.546   1.00 7.51  ? 27  ASN A CA  1 
ATOM   235 C  C   . ASN A 1 29 ? 5.504   -5.461  3.014   1.00 8.79  ? 27  ASN A C   1 
ATOM   236 O  O   . ASN A 1 29 ? 5.918   -5.331  4.135   1.00 9.25  ? 27  ASN A O   1 
ATOM   237 C  CB  . ASN A 1 29 ? 6.170   -7.923  2.956   1.00 8.10  ? 27  ASN A CB  1 
ATOM   238 C  CG  . ASN A 1 29 ? 5.664   -9.311  2.515   1.00 9.61  ? 27  ASN A CG  1 
ATOM   239 O  OD1 . ASN A 1 29 ? 4.551   -9.693  2.923   1.00 10.19 ? 27  ASN A OD1 1 
ATOM   240 N  ND2 . ASN A 1 29 ? 6.408   -9.992  1.661   1.00 9.80  ? 27  ASN A ND2 1 
ATOM   241 N  N   . ASN A 1 30 ? 5.401   -4.463  2.126   1.00 7.52  ? 28  ASN A N   1 
ATOM   242 C  CA  . ASN A 1 30 ? 5.565   -3.073  2.535   1.00 7.26  ? 28  ASN A CA  1 
ATOM   243 C  C   . ASN A 1 30 ? 4.163   -2.522  2.784   1.00 7.41  ? 28  ASN A C   1 
ATOM   244 O  O   . ASN A 1 30 ? 3.227   -2.949  2.118   1.00 8.24  ? 28  ASN A O   1 
ATOM   245 C  CB  . ASN A 1 30 ? 6.222   -2.271  1.392   1.00 7.67  ? 28  ASN A CB  1 
ATOM   246 C  CG  . ASN A 1 30 ? 7.531   -2.872  0.964   1.00 9.84  ? 28  ASN A CG  1 
ATOM   247 O  OD1 . ASN A 1 30 ? 8.524   -2.836  1.741   1.00 12.24 ? 28  ASN A OD1 1 
ATOM   248 N  ND2 . ASN A 1 30 ? 7.549   -3.496  -0.197  1.00 12.82 ? 28  ASN A ND2 1 
ATOM   249 N  N   . VAL A 1 31 ? 4.008   -1.610  3.751   1.00 6.19  ? 29  VAL A N   1 
ATOM   250 C  CA  . VAL A 1 31 ? 2.721   -1.000  4.062   1.00 6.85  ? 29  VAL A CA  1 
ATOM   251 C  C   . VAL A 1 31 ? 2.714   0.421   3.522   1.00 8.12  ? 29  VAL A C   1 
ATOM   252 O  O   . VAL A 1 31 ? 3.666   1.200   3.769   1.00 8.39  ? 29  VAL A O   1 
ATOM   253 C  CB  . VAL A 1 31 ? 2.511   -0.985  5.611   1.00 7.17  ? 29  VAL A CB  1 
ATOM   254 C  CG1 . VAL A 1 31 ? 1.152   -0.388  5.949   1.00 7.25  ? 29  VAL A CG1 1 
ATOM   255 C  CG2 . VAL A 1 31 ? 2.640   -2.480  6.148   1.00 9.00  ? 29  VAL A CG2 1 
ATOM   256 N  N   . TYR A 1 32 ? 1.675   0.741   2.760   1.00 7.99  ? 30  TYR A N   1 
ATOM   257 C  CA  . TYR A 1 32 ? 1.538   2.073   2.162   1.00 7.12  ? 30  TYR A CA  1 
ATOM   258 C  C   . TYR A 1 32 ? 0.289   2.740   2.639   1.00 8.40  ? 30  TYR A C   1 
ATOM   259 O  O   . TYR A 1 32 ? -0.765  2.091   2.852   1.00 9.12  ? 30  TYR A O   1 
ATOM   260 C  CB  . TYR A 1 32 ? 1.443   1.971   0.620   1.00 7.91  ? 30  TYR A CB  1 
ATOM   261 C  CG  . TYR A 1 32 ? 2.635   1.329   -0.019  1.00 6.95  ? 30  TYR A CG  1 
ATOM   262 C  CD1 . TYR A 1 32 ? 2.715   -0.079  -0.193  1.00 8.89  ? 30  TYR A CD1 1 
ATOM   263 C  CD2 . TYR A 1 32 ? 3.750   2.108   -0.357  1.00 8.68  ? 30  TYR A CD2 1 
ATOM   264 C  CE1 . TYR A 1 32 ? 3.889   -0.657  -0.678  1.00 8.04  ? 30  TYR A CE1 1 
ATOM   265 C  CE2 . TYR A 1 32 ? 4.923   1.510   -0.854  1.00 9.67  ? 30  TYR A CE2 1 
ATOM   266 C  CZ  . TYR A 1 32 ? 4.955   0.121   -0.987  1.00 8.50  ? 30  TYR A CZ  1 
ATOM   267 O  OH  . TYR A 1 32 ? 6.099   -0.494  -1.474  1.00 10.81 ? 30  TYR A OH  1 
ATOM   268 N  N   . ASP A 1 33 ? 0.382   4.075   2.845   1.00 8.53  ? 31  ASP A N   1 
ATOM   269 C  CA  . ASP A 1 33 ? -0.816  4.862   3.126   1.00 8.10  ? 31  ASP A CA  1 
ATOM   270 C  C   . ASP A 1 33 ? -1.007  5.779   1.893   1.00 7.95  ? 31  ASP A C   1 
ATOM   271 O  O   . ASP A 1 33 ? -0.200  6.668   1.636   1.00 10.22 ? 31  ASP A O   1 
ATOM   272 C  CB  . ASP A 1 33 ? -0.572  5.691   4.344   1.00 9.33  ? 31  ASP A CB  1 
ATOM   273 C  CG  . ASP A 1 33 ? -1.664  6.734   4.552   1.00 13.54 ? 31  ASP A CG  1 
ATOM   274 O  OD1 . ASP A 1 33 ? -2.694  6.704   3.823   1.00 12.39 ? 31  ASP A OD1 1 
ATOM   275 O  OD2 . ASP A 1 33 ? -1.474  7.572   5.487   1.00 17.67 ? 31  ASP A OD2 1 
ATOM   276 N  N   . VAL A 1 34 ? -1.981  5.469   1.048   1.00 8.06  ? 32  VAL A N   1 
ATOM   277 C  CA  . VAL A 1 34 ? -2.209  6.248   -0.177  1.00 8.10  ? 32  VAL A CA  1 
ATOM   278 C  C   . VAL A 1 34 ? -3.391  7.217   -0.098  1.00 8.25  ? 32  VAL A C   1 
ATOM   279 O  O   . VAL A 1 34 ? -3.914  7.659   -1.134  1.00 8.74  ? 32  VAL A O   1 
ATOM   280 C  CB  . VAL A 1 34 ? -2.349  5.260   -1.420  1.00 8.60  ? 32  VAL A CB  1 
ATOM   281 C  CG1 . VAL A 1 34 ? -1.016  4.564   -1.617  1.00 9.20  ? 32  VAL A CG1 1 
ATOM   282 C  CG2 . VAL A 1 34 ? -3.561  4.312   -1.295  1.00 9.14  ? 32  VAL A CG2 1 
ATOM   283 N  N   . THR A 1 35 ? -3.781  7.621   1.122   1.00 8.77  ? 33  THR A N   1 
ATOM   284 C  CA  . THR A 1 35 ? -4.944  8.514   1.308   1.00 8.45  ? 33  THR A CA  1 
ATOM   285 C  C   . THR A 1 35 ? -4.757  9.808   0.490   1.00 8.54  ? 33  THR A C   1 
ATOM   286 O  O   . THR A 1 35 ? -5.731  10.265  -0.176  1.00 10.90 ? 33  THR A O   1 
ATOM   287 C  CB  . THR A 1 35 ? -5.007  8.931   2.786   1.00 9.49  ? 33  THR A CB  1 
ATOM   288 O  OG1 . THR A 1 35 ? -5.128  7.738   3.579   1.00 9.35  ? 33  THR A OG1 1 
ATOM   289 C  CG2 . THR A 1 35 ? -6.188  9.828   3.121   1.00 10.31 ? 33  THR A CG2 1 
ATOM   290 N  N   . ALA A 1 36 ? -3.514  10.309  0.470   1.00 8.38  ? 34  ALA A N   1 
ATOM   291 C  CA  . ALA A 1 36 ? -3.287  11.571  -0.267  1.00 8.44  ? 34  ALA A CA  1 
ATOM   292 C  C   . ALA A 1 36 ? -2.928  11.401  -1.731  1.00 10.18 ? 34  ALA A C   1 
ATOM   293 O  O   . ALA A 1 36 ? -2.678  12.371  -2.472  1.00 9.67  ? 34  ALA A O   1 
ATOM   294 C  CB  . ALA A 1 36 ? -2.231  12.380  0.403   1.00 7.67  ? 34  ALA A CB  1 
ATOM   295 N  N   . PHE A 1 37 ? -2.914  10.148  -2.177  1.00 8.88  ? 35  PHE A N   1 
ATOM   296 C  CA  . PHE A 1 37 ? -2.603  9.808   -3.574  1.00 9.52  ? 35  PHE A CA  1 
ATOM   297 C  C   . PHE A 1 37 ? -3.850  9.446   -4.389  1.00 9.88  ? 35  PHE A C   1 
ATOM   298 O  O   . PHE A 1 37 ? -3.748  9.381   -5.641  1.00 9.61  ? 35  PHE A O   1 
ATOM   299 C  CB  . PHE A 1 37 ? -1.645  8.602   -3.551  1.00 9.16  ? 35  PHE A CB  1 
ATOM   300 C  CG  . PHE A 1 37 ? -1.198  8.093   -4.926  1.00 7.66  ? 35  PHE A CG  1 
ATOM   301 C  CD1 . PHE A 1 37 ? -0.471  8.923   -5.818  1.00 9.20  ? 35  PHE A CD1 1 
ATOM   302 C  CD2 . PHE A 1 37 ? -1.473  6.796   -5.311  1.00 9.86  ? 35  PHE A CD2 1 
ATOM   303 C  CE1 . PHE A 1 37 ? -0.036  8.406   -7.087  1.00 9.11  ? 35  PHE A CE1 1 
ATOM   304 C  CE2 . PHE A 1 37 ? -1.045  6.321   -6.569  1.00 10.90 ? 35  PHE A CE2 1 
ATOM   305 C  CZ  . PHE A 1 37 ? -0.347  7.108   -7.443  1.00 8.65  ? 35  PHE A CZ  1 
ATOM   306 N  N   . LEU A 1 38 ? -5.006  9.251   -3.732  1.00 8.65  ? 36  LEU A N   1 
ATOM   307 C  CA  . LEU A 1 38 ? -6.169  8.774   -4.456  1.00 9.56  ? 36  LEU A CA  1 
ATOM   308 C  C   . LEU A 1 38 ? -6.525  9.485   -5.764  1.00 10.46 ? 36  LEU A C   1 
ATOM   309 O  O   . LEU A 1 38 ? -6.771  8.847   -6.781  1.00 11.36 ? 36  LEU A O   1 
ATOM   310 C  CB  . LEU A 1 38 ? -7.396  8.725   -3.551  1.00 10.02 ? 36  LEU A CB  1 
ATOM   311 C  CG  . LEU A 1 38 ? -7.295  7.847   -2.277  1.00 10.29 ? 36  LEU A CG  1 
ATOM   312 C  CD1 . LEU A 1 38 ? -8.662  7.911   -1.546  1.00 11.89 ? 36  LEU A CD1 1 
ATOM   313 C  CD2 . LEU A 1 38 ? -7.085  6.389   -2.706  1.00 12.02 ? 36  LEU A CD2 1 
ATOM   314 N  N   . ASN A 1 39 ? -6.474  10.812  -5.733  1.00 10.64 ? 37  ASN A N   1 
ATOM   315 C  CA  . ASN A 1 39 ? -6.799  11.595  -6.947  1.00 11.33 ? 37  ASN A CA  1 
ATOM   316 C  C   . ASN A 1 39 ? -5.646  11.922  -7.853  1.00 12.09 ? 37  ASN A C   1 
ATOM   317 O  O   . ASN A 1 39 ? -5.802  12.637  -8.876  1.00 14.36 ? 37  ASN A O   1 
ATOM   318 C  CB  . ASN A 1 39 ? -7.558  12.868  -6.570  1.00 13.42 ? 37  ASN A CB  1 
ATOM   319 C  CG  . ASN A 1 39 ? -8.969  12.547  -6.163  1.00 17.02 ? 37  ASN A CG  1 
ATOM   320 O  OD1 . ASN A 1 39 ? -9.630  11.674  -6.774  1.00 17.76 ? 37  ASN A OD1 1 
ATOM   321 N  ND2 . ASN A 1 39 ? -9.462  13.229  -5.144  1.00 16.04 ? 37  ASN A ND2 1 
ATOM   322 N  N   . GLU A 1 40 ? -4.459  11.426  -7.503  1.00 11.21 ? 38  GLU A N   1 
ATOM   323 C  CA  . GLU A 1 40 ? -3.258  11.596  -8.317  1.00 11.66 ? 38  GLU A CA  1 
ATOM   324 C  C   . GLU A 1 40 ? -2.979  10.309  -9.094  1.00 11.61 ? 38  GLU A C   1 
ATOM   325 O  O   . GLU A 1 40 ? -2.165  10.296  -10.034 1.00 15.48 ? 38  GLU A O   1 
ATOM   326 C  CB  . GLU A 1 40 ? -2.010  11.838  -7.455  1.00 11.94 ? 38  GLU A CB  1 
ATOM   327 C  CG  . GLU A 1 40 ? -2.049  13.252  -6.739  1.00 14.06 ? 38  GLU A CG  1 
ATOM   328 C  CD  . GLU A 1 40 ? -2.046  14.312  -7.823  1.00 18.41 ? 38  GLU A CD  1 
ATOM   329 O  OE1 . GLU A 1 40 ? -1.076  14.314  -8.672  1.00 23.91 ? 38  GLU A OE1 1 
ATOM   330 O  OE2 . GLU A 1 40 ? -2.992  15.104  -7.886  1.00 19.66 ? 38  GLU A OE2 1 
ATOM   331 N  N   . HIS A 1 41 ? -3.629  9.223   -8.706  1.00 10.31 ? 39  HIS A N   1 
ATOM   332 C  CA  . HIS A 1 41 ? -3.321  7.929   -9.359  1.00 9.30  ? 39  HIS A CA  1 
ATOM   333 C  C   . HIS A 1 41 ? -3.842  7.872   -10.824 1.00 10.19 ? 39  HIS A C   1 
ATOM   334 O  O   . HIS A 1 41 ? -5.064  8.037   -11.045 1.00 9.78  ? 39  HIS A O   1 
ATOM   335 C  CB  . HIS A 1 41 ? -3.991  6.805   -8.504  1.00 9.28  ? 39  HIS A CB  1 
ATOM   336 C  CG  . HIS A 1 41 ? -3.660  5.438   -8.983  1.00 7.65  ? 39  HIS A CG  1 
ATOM   337 N  ND1 . HIS A 1 41 ? -4.650  4.485   -9.173  1.00 8.09  ? 39  HIS A ND1 1 
ATOM   338 C  CD2 . HIS A 1 41 ? -2.476  4.857   -9.310  1.00 7.96  ? 39  HIS A CD2 1 
ATOM   339 C  CE1 . HIS A 1 41 ? -4.071  3.370   -9.579  1.00 6.88  ? 39  HIS A CE1 1 
ATOM   340 N  NE2 . HIS A 1 41 ? -2.766  3.559   -9.673  1.00 7.81  ? 39  HIS A NE2 1 
ATOM   341 N  N   . PRO A 1 42 ? -2.958  7.558   -11.802 1.00 8.77  ? 40  PRO A N   1 
ATOM   342 C  CA  . PRO A 1 42 ? -3.432  7.521   -13.200 1.00 9.00  ? 40  PRO A CA  1 
ATOM   343 C  C   . PRO A 1 42 ? -4.457  6.460   -13.428 1.00 10.97 ? 40  PRO A C   1 
ATOM   344 O  O   . PRO A 1 42 ? -5.257  6.572   -14.361 1.00 10.84 ? 40  PRO A O   1 
ATOM   345 C  CB  . PRO A 1 42 ? -2.167  7.236   -14.001 1.00 9.65  ? 40  PRO A CB  1 
ATOM   346 C  CG  . PRO A 1 42 ? -1.040  7.927   -13.154 1.00 8.43  ? 40  PRO A CG  1 
ATOM   347 C  CD  . PRO A 1 42 ? -1.469  7.541   -11.726 1.00 9.05  ? 40  PRO A CD  1 
ATOM   348 N  N   . GLY A 1 43 ? -4.451  5.433   -12.565 1.00 8.80  ? 41  GLY A N   1 
ATOM   349 C  CA  . GLY A 1 43 ? -5.432  4.347   -12.708 1.00 9.71  ? 41  GLY A CA  1 
ATOM   350 C  C   . GLY A 1 43 ? -6.726  4.600   -11.928 1.00 9.82  ? 41  GLY A C   1 
ATOM   351 O  O   . GLY A 1 43 ? -7.633  3.741   -11.867 1.00 10.84 ? 41  GLY A O   1 
ATOM   352 N  N   . GLY A 1 44 ? -6.882  5.827   -11.412 1.00 10.31 ? 42  GLY A N   1 
ATOM   353 C  CA  . GLY A 1 44 ? -8.105  6.241   -10.713 1.00 9.86  ? 42  GLY A CA  1 
ATOM   354 C  C   . GLY A 1 44 ? -8.125  5.899   -9.235  1.00 9.98  ? 42  GLY A C   1 
ATOM   355 O  O   . GLY A 1 44 ? -7.343  5.079   -8.745  1.00 8.68  ? 42  GLY A O   1 
ATOM   356 N  N   . GLU A 1 45 ? -9.055  6.540   -8.525  1.00 10.20 ? 43  GLU A N   1 
ATOM   357 C  CA  . GLU A 1 45 ? -9.133  6.293   -7.113  1.00 10.96 ? 43  GLU A CA  1 
ATOM   358 C  C   . GLU A 1 45 ? -9.865  5.021   -6.713  1.00 9.57  ? 43  GLU A C   1 
ATOM   359 O  O   . GLU A 1 45 ? -9.487  4.409   -5.698  1.00 9.88  ? 43  GLU A O   1 
ATOM   360 C  CB  . GLU A 1 45 ? -9.774  7.507   -6.348  1.00 12.85 ? 43  GLU A CB  1 
ATOM   361 C  CG  . GLU A 1 45 ? -11.224 7.731   -6.579  1.00 16.13 ? 43  GLU A CG  1 
ATOM   362 C  CD  . GLU A 1 45 ? -11.694 8.990   -5.819  1.00 24.89 ? 43  GLU A CD  1 
ATOM   363 O  OE1 . GLU A 1 45 ? -11.363 9.124   -4.608  1.00 25.85 ? 43  GLU A OE1 1 
ATOM   364 O  OE2 . GLU A 1 45 ? -12.368 9.858   -6.435  0.50 25.94 ? 43  GLU A OE2 1 
ATOM   365 N  N   A GLU A 1 46 ? -10.871 4.574   -7.468  0.50 9.34  ? 44  GLU A N   1 
ATOM   366 N  N   B GLU A 1 46 ? -10.850 4.599   -7.501  0.50 8.98  ? 44  GLU A N   1 
ATOM   367 C  CA  A GLU A 1 46 ? -11.635 3.405   -6.994  0.50 11.54 ? 44  GLU A CA  1 
ATOM   368 C  CA  B GLU A 1 46 ? -11.629 3.436   -7.108  0.50 11.38 ? 44  GLU A CA  1 
ATOM   369 C  C   A GLU A 1 46 ? -10.822 2.125   -6.889  0.50 10.27 ? 44  GLU A C   1 
ATOM   370 C  C   B GLU A 1 46 ? -10.828 2.171   -6.907  0.50 9.93  ? 44  GLU A C   1 
ATOM   371 O  O   A GLU A 1 46 ? -11.054 1.319   -5.975  0.50 9.70  ? 44  GLU A O   1 
ATOM   372 O  O   B GLU A 1 46 ? -11.064 1.448   -5.933  0.50 9.64  ? 44  GLU A O   1 
ATOM   373 C  CB  A GLU A 1 46 ? -12.873 3.183   -7.889  0.50 13.18 ? 44  GLU A CB  1 
ATOM   374 C  CB  B GLU A 1 46 ? -12.753 3.199   -8.133  0.50 12.24 ? 44  GLU A CB  1 
ATOM   375 C  CG  A GLU A 1 46 ? -13.998 2.406   -7.243  0.50 16.98 ? 44  GLU A CG  1 
ATOM   376 C  CG  B GLU A 1 46 ? -13.814 4.309   -8.073  0.50 13.05 ? 44  GLU A CG  1 
ATOM   377 C  CD  A GLU A 1 46 ? -14.208 2.714   -5.727  0.50 17.64 ? 44  GLU A CD  1 
ATOM   378 C  CD  B GLU A 1 46 ? -13.491 5.582   -8.914  0.50 16.44 ? 44  GLU A CD  1 
ATOM   379 O  OE1 A GLU A 1 46 ? -14.515 3.884   -5.319  0.50 21.68 ? 44  GLU A OE1 1 
ATOM   380 O  OE1 B GLU A 1 46 ? -12.413 5.711   -9.563  0.50 16.80 ? 44  GLU A OE1 1 
ATOM   381 O  OE2 A GLU A 1 46 ? -14.051 1.761   -4.919  0.50 18.41 ? 44  GLU A OE2 1 
ATOM   382 O  OE2 B GLU A 1 46 ? -14.371 6.485   -8.903  0.50 20.55 ? 44  GLU A OE2 1 
ATOM   383 N  N   . VAL A 1 47 ? -9.867  1.876   -7.792  1.00 9.30  ? 45  VAL A N   1 
ATOM   384 C  CA  . VAL A 1 47 ? -9.115  0.637   -7.653  1.00 9.53  ? 45  VAL A CA  1 
ATOM   385 C  C   . VAL A 1 47 ? -8.294  0.633   -6.389  1.00 8.24  ? 45  VAL A C   1 
ATOM   386 O  O   . VAL A 1 47 ? -8.049  -0.429  -5.815  1.00 10.66 ? 45  VAL A O   1 
ATOM   387 C  CB  . VAL A 1 47 ? -8.193  0.325   -8.858  1.00 9.17  ? 45  VAL A CB  1 
ATOM   388 C  CG1 . VAL A 1 47 ? -9.064  0.078   -10.108 1.00 13.27 ? 45  VAL A CG1 1 
ATOM   389 C  CG2 . VAL A 1 47 ? -7.135  1.451   -9.084  1.00 9.97  ? 45  VAL A CG2 1 
ATOM   390 N  N   . LEU A 1 48 ? -7.928  1.824   -5.904  1.00 8.60  ? 46  LEU A N   1 
ATOM   391 C  CA  . LEU A 1 48 ? -7.176  1.946   -4.669  1.00 8.21  ? 46  LEU A CA  1 
ATOM   392 C  C   . LEU A 1 48 ? -8.087  1.868   -3.432  1.00 8.39  ? 46  LEU A C   1 
ATOM   393 O  O   . LEU A 1 48 ? -7.716  1.205   -2.449  1.00 9.06  ? 46  LEU A O   1 
ATOM   394 C  CB  . LEU A 1 48 ? -6.378  3.261   -4.632  1.00 8.39  ? 46  LEU A CB  1 
ATOM   395 C  CG  . LEU A 1 48 ? -5.433  3.527   -5.788  1.00 9.14  ? 46  LEU A CG  1 
ATOM   396 C  CD1 . LEU A 1 48 ? -4.675  4.877   -5.533  1.00 11.14 ? 46  LEU A CD1 1 
ATOM   397 C  CD2 . LEU A 1 48 ? -4.474  2.407   -5.913  1.00 9.39  ? 46  LEU A CD2 1 
ATOM   398 N  N   . ILE A 1 49 ? -9.275  2.492   -3.483  1.00 8.59  ? 47  ILE A N   1 
ATOM   399 C  CA  . ILE A 1 49 ? -10.208 2.431   -2.364  1.00 8.52  ? 47  ILE A CA  1 
ATOM   400 C  C   . ILE A 1 49 ? -10.662 0.940   -2.182  1.00 9.27  ? 47  ILE A C   1 
ATOM   401 O  O   . ILE A 1 49 ? -10.836 0.473   -1.035  1.00 9.71  ? 47  ILE A O   1 
ATOM   402 C  CB  . ILE A 1 49 ? -11.367 3.322   -2.647  1.00 10.60 ? 47  ILE A CB  1 
ATOM   403 C  CG1 . ILE A 1 49 ? -10.889 4.765   -2.647  1.00 11.30 ? 47  ILE A CG1 1 
ATOM   404 C  CG2 . ILE A 1 49 ? -12.469 3.071   -1.583  1.00 11.31 ? 47  ILE A CG2 1 
ATOM   405 C  CD1 . ILE A 1 49 ? -11.980 5.775   -3.151  1.00 13.19 ? 47  ILE A CD1 1 
ATOM   406 N  N   . GLU A 1 50 ? -10.848 0.206   -3.295  1.00 9.10  ? 48  GLU A N   1 
ATOM   407 C  CA  . GLU A 1 50 ? -11.258 -1.213  -3.205  1.00 10.20 ? 48  GLU A CA  1 
ATOM   408 C  C   . GLU A 1 50 ? -10.249 -2.037  -2.426  1.00 10.43 ? 48  GLU A C   1 
ATOM   409 O  O   . GLU A 1 50 ? -10.636 -3.062  -1.849  1.00 12.53 ? 48  GLU A O   1 
ATOM   410 C  CB  . GLU A 1 50 ? -11.410 -1.783  -4.623  1.00 10.50 ? 48  GLU A CB  1 
ATOM   411 C  CG  . GLU A 1 50 ? -12.663 -1.337  -5.369  1.00 16.90 ? 48  GLU A CG  1 
ATOM   412 C  CD  . GLU A 1 50 ? -12.667 -1.850  -6.831  1.00 21.76 ? 48  GLU A CD  1 
ATOM   413 O  OE1 . GLU A 1 50 ? -11.723 -2.588  -7.263  1.00 22.48 ? 48  GLU A OE1 1 
ATOM   414 O  OE2 . GLU A 1 50 ? -13.654 -1.480  -7.551  1.00 26.26 ? 48  GLU A OE2 1 
ATOM   415 N  N   . GLN A 1 51 ? -8.967  -1.643  -2.459  1.00 9.50  ? 49  GLN A N   1 
ATOM   416 C  CA  . GLN A 1 51 ? -7.933  -2.368  -1.719  1.00 8.92  ? 49  GLN A CA  1 
ATOM   417 C  C   . GLN A 1 51 ? -7.616  -1.845  -0.337  1.00 8.45  ? 49  GLN A C   1 
ATOM   418 O  O   . GLN A 1 51 ? -6.728  -2.411  0.290   1.00 8.73  ? 49  GLN A O   1 
ATOM   419 C  CB  . GLN A 1 51 ? -6.622  -2.366  -2.524  1.00 10.55 ? 49  GLN A CB  1 
ATOM   420 C  CG  . GLN A 1 51 ? -6.748  -3.014  -3.946  1.00 11.45 ? 49  GLN A CG  1 
ATOM   421 C  CD  . GLN A 1 51 ? -7.296  -4.392  -3.892  1.00 13.07 ? 49  GLN A CD  1 
ATOM   422 O  OE1 . GLN A 1 51 ? -8.232  -4.753  -4.643  1.00 19.01 ? 49  GLN A OE1 1 
ATOM   423 N  NE2 . GLN A 1 51 ? -6.767  -5.187  -2.993  1.00 12.41 ? 49  GLN A NE2 1 
ATOM   424 N  N   . ALA A 1 52 ? -8.390  -0.867  0.164   1.00 7.81  ? 50  ALA A N   1 
ATOM   425 C  CA  . ALA A 1 52 ? -8.100  -0.265  1.504   1.00 7.82  ? 50  ALA A CA  1 
ATOM   426 C  C   . ALA A 1 52 ? -8.192  -1.355  2.593   1.00 9.63  ? 50  ALA A C   1 
ATOM   427 O  O   . ALA A 1 52 ? -9.199  -2.140  2.679   1.00 11.23 ? 50  ALA A O   1 
ATOM   428 C  CB  . ALA A 1 52 ? -9.087  0.869   1.766   1.00 8.67  ? 50  ALA A CB  1 
ATOM   429 N  N   . GLY A 1 53 ? -7.104  -1.408  3.376   1.00 9.17  ? 51  GLY A N   1 
ATOM   430 C  CA  . GLY A 1 53 ? -6.994  -2.373  4.462   1.00 8.91  ? 51  GLY A CA  1 
ATOM   431 C  C   . GLY A 1 53 ? -6.486  -3.751  4.027   1.00 8.81  ? 51  GLY A C   1 
ATOM   432 O  O   . GLY A 1 53 ? -6.325  -4.638  4.891   1.00 10.43 ? 51  GLY A O   1 
ATOM   433 N  N   . LYS A 1 54 ? -6.219  -3.977  2.744   1.00 8.97  ? 52  LYS A N   1 
ATOM   434 C  CA  . LYS A 1 54 ? -5.891  -5.335  2.258   1.00 8.14  ? 52  LYS A CA  1 
ATOM   435 C  C   . LYS A 1 54 ? -4.465  -5.453  1.773   1.00 7.67  ? 52  LYS A C   1 
ATOM   436 O  O   . LYS A 1 54 ? -3.757  -4.452  1.626   1.00 8.79  ? 52  LYS A O   1 
ATOM   437 C  CB  . LYS A 1 54 ? -6.790  -5.634  1.052   1.00 9.16  ? 52  LYS A CB  1 
ATOM   438 C  CG  . LYS A 1 54 ? -8.297  -5.487  1.342   1.00 11.42 ? 52  LYS A CG  1 
ATOM   439 C  CD  . LYS A 1 54 ? -9.049  -6.032  0.156   1.00 15.08 ? 52  LYS A CD  1 
ATOM   440 C  CE  . LYS A 1 54 ? -10.483 -5.584  0.163   1.00 19.71 ? 52  LYS A CE  1 
ATOM   441 N  NZ  . LYS A 1 54 ? -11.096 -5.903  1.467   1.00 26.60 ? 52  LYS A NZ  1 
ATOM   442 N  N   . ASP A 1 55 ? -4.098  -6.714  1.475   1.00 9.55  ? 53  ASP A N   1 
ATOM   443 C  CA  . ASP A 1 55 ? -2.826  -6.992  0.807   1.00 8.77  ? 53  ASP A CA  1 
ATOM   444 C  C   . ASP A 1 55 ? -3.254  -6.936  -0.704  1.00 10.78 ? 53  ASP A C   1 
ATOM   445 O  O   . ASP A 1 55 ? -4.040  -7.784  -1.232  1.00 12.83 ? 53  ASP A O   1 
ATOM   446 C  CB  . ASP A 1 55 ? -2.311  -8.370  1.206   1.00 11.06 ? 53  ASP A CB  1 
ATOM   447 C  CG  . ASP A 1 55 ? -0.922  -8.619  0.660   1.00 10.73 ? 53  ASP A CG  1 
ATOM   448 O  OD1 . ASP A 1 55 ? -0.719  -8.272  -0.520  1.00 11.64 ? 53  ASP A OD1 1 
ATOM   449 O  OD2 . ASP A 1 55 ? -0.109  -9.177  1.404   1.00 11.15 ? 53  ASP A OD2 1 
ATOM   450 N  N   . ALA A 1 56 ? -2.768  -5.895  -1.366  1.00 10.02 ? 54  ALA A N   1 
ATOM   451 C  CA  . ALA A 1 56 ? -3.089  -5.580  -2.783  1.00 10.73 ? 54  ALA A CA  1 
ATOM   452 C  C   . ALA A 1 56 ? -1.997  -6.106  -3.708  1.00 12.11 ? 54  ALA A C   1 
ATOM   453 O  O   . ALA A 1 56 ? -1.992  -5.781  -4.876  1.00 12.51 ? 54  ALA A O   1 
ATOM   454 C  CB  . ALA A 1 56 ? -3.169  -4.069  -2.930  1.00 12.71 ? 54  ALA A CB  1 
ATOM   455 N  N   . THR A 1 57 ? -1.085  -6.931  -3.199  1.00 10.90 ? 55  THR A N   1 
ATOM   456 C  CA  . THR A 1 57 ? 0.058   -7.351  -4.008  1.00 9.83  ? 55  THR A CA  1 
ATOM   457 C  C   . THR A 1 57 ? -0.301  -7.930  -5.392  1.00 10.80 ? 55  THR A C   1 
ATOM   458 O  O   . THR A 1 57 ? 0.224   -7.497  -6.400  1.00 10.90 ? 55  THR A O   1 
ATOM   459 C  CB  . THR A 1 57 ? 0.908   -8.376  -3.293  1.00 10.86 ? 55  THR A CB  1 
ATOM   460 O  OG1 . THR A 1 57 ? 1.417   -7.815  -2.078  1.00 10.25 ? 55  THR A OG1 1 
ATOM   461 C  CG2 . THR A 1 57 ? 2.161   -8.715  -4.129  1.00 12.06 ? 55  THR A CG2 1 
ATOM   462 N  N   . GLU A 1 58 ? -1.224  -8.877  -5.402  1.00 11.19 ? 56  GLU A N   1 
ATOM   463 C  CA  . GLU A 1 58 ? -1.575  -9.504  -6.671  1.00 12.81 ? 56  GLU A CA  1 
ATOM   464 C  C   . GLU A 1 58 ? -2.194  -8.512  -7.635  1.00 13.12 ? 56  GLU A C   1 
ATOM   465 O  O   . GLU A 1 58 ? -1.871  -8.535  -8.824  1.00 11.30 ? 56  GLU A O   1 
ATOM   466 C  CB  . GLU A 1 58 ? -2.554  -10.659 -6.398  1.00 17.17 ? 56  GLU A CB  1 
ATOM   467 C  CG  . GLU A 1 58 ? -2.890  -11.457 -7.617  1.00 24.19 ? 56  GLU A CG  1 
ATOM   468 C  CD  . GLU A 1 58 ? -4.038  -12.475 -7.377  1.00 28.11 ? 56  GLU A CD  1 
ATOM   469 O  OE1 . GLU A 1 58 ? -4.301  -12.902 -6.183  1.00 30.85 ? 56  GLU A OE1 1 
ATOM   470 O  OE2 . GLU A 1 58 ? -4.648  -12.846 -8.440  1.00 33.64 ? 56  GLU A OE2 1 
ATOM   471 N  N   . HIS A 1 59 ? -3.078  -7.649  -7.157  1.00 13.41 ? 57  HIS A N   1 
ATOM   472 C  CA  . HIS A 1 59 ? -3.692  -6.650  -8.049  1.00 12.45 ? 57  HIS A CA  1 
ATOM   473 C  C   . HIS A 1 59 ? -2.674  -5.665  -8.601  1.00 12.87 ? 57  HIS A C   1 
ATOM   474 O  O   . HIS A 1 59 ? -2.734  -5.261  -9.757  1.00 14.59 ? 57  HIS A O   1 
ATOM   475 C  CB  . HIS A 1 59 ? -4.814  -5.876  -7.328  1.00 14.52 ? 57  HIS A CB  1 
ATOM   476 C  CG  . HIS A 1 59 ? -5.924  -6.762  -6.891  1.00 19.41 ? 57  HIS A CG  1 
ATOM   477 N  ND1 . HIS A 1 59 ? -6.775  -7.384  -7.779  1.00 26.82 ? 57  HIS A ND1 1 
ATOM   478 C  CD2 . HIS A 1 59 ? -6.246  -7.249  -5.666  1.00 22.82 ? 57  HIS A CD2 1 
ATOM   479 C  CE1 . HIS A 1 59 ? -7.576  -8.210  -7.121  1.00 26.66 ? 57  HIS A CE1 1 
ATOM   480 N  NE2 . HIS A 1 59 ? -7.275  -8.142  -5.843  1.00 26.20 ? 57  HIS A NE2 1 
ATOM   481 N  N   . PHE A 1 60 ? -1.694  -5.271  -7.776  1.00 10.85 ? 58  PHE A N   1 
ATOM   482 C  CA  . PHE A 1 60 ? -0.678  -4.338  -8.184  1.00 11.07 ? 58  PHE A CA  1 
ATOM   483 C  C   . PHE A 1 60 ? 0.187   -4.987  -9.280  1.00 10.83 ? 58  PHE A C   1 
ATOM   484 O  O   . PHE A 1 60 ? 0.516   -4.361  -10.271 1.00 11.59 ? 58  PHE A O   1 
ATOM   485 C  CB  . PHE A 1 60 ? 0.190   -3.942  -6.962  1.00 10.59 ? 58  PHE A CB  1 
ATOM   486 C  CG  . PHE A 1 60 ? 1.339   -3.031  -7.293  1.00 10.43 ? 58  PHE A CG  1 
ATOM   487 C  CD1 . PHE A 1 60 ? 1.136   -1.630  -7.457  1.00 11.66 ? 58  PHE A CD1 1 
ATOM   488 C  CD2 . PHE A 1 60 ? 2.645   -3.553  -7.503  1.00 13.94 ? 58  PHE A CD2 1 
ATOM   489 C  CE1 . PHE A 1 60 ? 2.234   -0.782  -7.806  1.00 11.71 ? 58  PHE A CE1 1 
ATOM   490 C  CE2 . PHE A 1 60 ? 3.705   -2.703  -7.853  1.00 13.81 ? 58  PHE A CE2 1 
ATOM   491 C  CZ  . PHE A 1 60 ? 3.484   -1.337  -7.995  1.00 13.53 ? 58  PHE A CZ  1 
ATOM   492 N  N   . GLU A 1 61 ? 0.587   -6.234  -9.031  1.00 10.91 ? 59  GLU A N   1 
ATOM   493 C  CA  . GLU A 1 61 ? 1.420   -6.976  -9.988  1.00 12.54 ? 59  GLU A CA  1 
ATOM   494 C  C   . GLU A 1 61 ? 0.725   -7.268  -11.290 1.00 13.15 ? 59  GLU A C   1 
ATOM   495 O  O   . GLU A 1 61 ? 1.351   -7.182  -12.385 1.00 13.94 ? 59  GLU A O   1 
ATOM   496 C  CB  . GLU A 1 61 ? 1.904   -8.286  -9.363  1.00 14.01 ? 59  GLU A CB  1 
ATOM   497 C  CG  . GLU A 1 61 ? 3.049   -8.029  -8.410  1.00 19.66 ? 59  GLU A CG  1 
ATOM   498 C  CD  . GLU A 1 61 ? 4.276   -7.223  -9.031  1.00 24.53 ? 59  GLU A CD  1 
ATOM   499 O  OE1 . GLU A 1 61 ? 4.507   -7.291  -10.275 1.00 30.45 ? 59  GLU A OE1 1 
ATOM   500 O  OE2 . GLU A 1 61 ? 5.028   -6.539  -8.301  1.00 27.58 ? 59  GLU A OE2 1 
ATOM   501 N  N   . ASP A 1 62 ? -0.554  -7.567  -11.215 1.00 13.42 ? 60  ASP A N   1 
ATOM   502 C  CA  . ASP A 1 62 ? -1.316  -7.826  -12.472 1.00 12.67 ? 60  ASP A CA  1 
ATOM   503 C  C   . ASP A 1 62 ? -1.241  -6.617  -13.413 1.00 15.23 ? 60  ASP A C   1 
ATOM   504 O  O   . ASP A 1 62 ? -1.255  -6.764  -14.644 1.00 15.46 ? 60  ASP A O   1 
ATOM   505 C  CB  . ASP A 1 62 ? -2.774  -8.179  -12.184 1.00 15.73 ? 60  ASP A CB  1 
ATOM   506 C  CG  . ASP A 1 62 ? -2.942  -9.612  -11.637 1.00 20.37 ? 60  ASP A CG  1 
ATOM   507 O  OD1 . ASP A 1 62 ? -2.009  -10.440 -11.666 1.00 22.26 ? 60  ASP A OD1 1 
ATOM   508 O  OD2 . ASP A 1 62 ? -4.068  -9.859  -11.186 1.00 25.18 ? 60  ASP A OD2 1 
ATOM   509 N  N   . VAL A 1 63 ? -1.183  -5.390  -12.865 1.00 14.09 ? 61  VAL A N   1 
ATOM   510 C  CA  . VAL A 1 63 ? -1.078  -4.218  -13.710 1.00 12.61 ? 61  VAL A CA  1 
ATOM   511 C  C   . VAL A 1 63 ? 0.337   -4.075  -14.350 1.00 14.99 ? 61  VAL A C   1 
ATOM   512 O  O   . VAL A 1 63 ? 0.462   -3.536  -15.448 1.00 16.94 ? 61  VAL A O   1 
ATOM   513 C  CB  . VAL A 1 63 ? -1.466  -2.933  -12.874 1.00 12.77 ? 61  VAL A CB  1 
ATOM   514 C  CG1 . VAL A 1 63 ? -1.146  -1.617  -13.681 1.00 13.10 ? 61  VAL A CG1 1 
ATOM   515 C  CG2 . VAL A 1 63 ? -2.932  -3.017  -12.542 1.00 15.84 ? 61  VAL A CG2 1 
ATOM   516 N  N   . GLY A 1 64 ? 1.402   -4.525  -13.703 1.00 14.30 ? 62  GLY A N   1 
ATOM   517 C  CA  . GLY A 1 64 ? 2.721   -4.344  -14.308 1.00 16.88 ? 62  GLY A CA  1 
ATOM   518 C  C   . GLY A 1 64 ? 3.086   -2.850  -14.406 1.00 16.44 ? 62  GLY A C   1 
ATOM   519 O  O   . GLY A 1 64 ? 3.322   -2.267  -15.485 1.00 19.95 ? 62  GLY A O   1 
ATOM   520 N  N   . HIS A 1 65 ? 3.156   -2.263  -13.241 1.00 13.67 ? 63  HIS A N   1 
ATOM   521 C  CA  . HIS A 1 65 ? 3.508   -0.830  -13.092 1.00 11.21 ? 63  HIS A CA  1 
ATOM   522 C  C   . HIS A 1 65 ? 4.919   -0.557  -13.599 1.00 12.81 ? 63  HIS A C   1 
ATOM   523 O  O   . HIS A 1 65 ? 5.787   -1.430  -13.584 1.00 13.37 ? 63  HIS A O   1 
ATOM   524 C  CB  . HIS A 1 65 ? 3.353   -0.431  -11.601 1.00 10.49 ? 63  HIS A CB  1 
ATOM   525 C  CG  . HIS A 1 65 ? 1.915   -0.175  -11.208 1.00 8.99  ? 63  HIS A CG  1 
ATOM   526 N  ND1 . HIS A 1 65 ? 1.030   -1.158  -10.788 1.00 8.68  ? 63  HIS A ND1 1 
ATOM   527 C  CD2 . HIS A 1 65 ? 1.242   0.994   -11.137 1.00 10.43 ? 63  HIS A CD2 1 
ATOM   528 C  CE1 . HIS A 1 65 ? -0.134  -0.585  -10.454 1.00 8.10  ? 63  HIS A CE1 1 
ATOM   529 N  NE2 . HIS A 1 65 ? -0.030  0.718   -10.662 1.00 8.10  ? 63  HIS A NE2 1 
ATOM   530 N  N   . SER A 1 66 ? 5.095   0.682   -14.045 1.00 10.46 ? 64  SER A N   1 
ATOM   531 C  CA  . SER A 1 66 ? 6.394   1.120   -14.605 1.00 10.92 ? 64  SER A CA  1 
ATOM   532 C  C   . SER A 1 66 ? 7.440   1.438   -13.535 1.00 11.34 ? 64  SER A C   1 
ATOM   533 O  O   . SER A 1 66 ? 7.169   1.496   -12.333 1.00 9.77  ? 64  SER A O   1 
ATOM   534 C  CB  . SER A 1 66 ? 6.123   2.407   -15.381 1.00 11.92 ? 64  SER A CB  1 
ATOM   535 O  OG  . SER A 1 66 ? 5.843   3.508   -14.475 1.00 9.67  ? 64  SER A OG  1 
ATOM   536 N  N   A SER A 1 67 ? 8.674   1.672   -13.975 1.00 9.97  ? 65  SER A N   1 
ATOM   537 N  N   B SER A 1 67 ? 8.655   1.727   -13.985 0.00 10.49 ? 65  SER A N   1 
ATOM   538 C  CA  A SER A 1 67 ? 9.728   2.117   -13.090 1.00 9.51  ? 65  SER A CA  1 
ATOM   539 C  CA  B SER A 1 67 ? 9.708   2.091   -13.047 0.00 10.34 ? 65  SER A CA  1 
ATOM   540 C  C   A SER A 1 67 ? 9.317   3.409   -12.352 1.00 8.73  ? 65  SER A C   1 
ATOM   541 C  C   B SER A 1 67 ? 9.318   3.399   -12.347 0.00 9.81  ? 65  SER A C   1 
ATOM   542 O  O   A SER A 1 67 ? 9.541   3.554   -11.164 1.00 8.69  ? 65  SER A O   1 
ATOM   543 O  O   B SER A 1 67 ? 9.538   3.545   -11.144 0.00 9.40  ? 65  SER A O   1 
ATOM   544 C  CB  A SER A 1 67 ? 10.974  2.408   -13.941 1.00 10.11 ? 65  SER A CB  1 
ATOM   545 C  CB  B SER A 1 67 ? 11.051  2.259   -13.766 0.00 10.60 ? 65  SER A CB  1 
ATOM   546 O  OG  A SER A 1 67 ? 11.941  2.967   -13.111 0.85 12.96 ? 65  SER A OG  1 
ATOM   547 O  OG  B SER A 1 67 ? 11.026  3.357   -14.661 0.15 10.47 ? 65  SER A OG  1 
ATOM   548 N  N   . ASP A 1 68 ? 8.728   4.350   -13.080 1.00 9.10  ? 66  ASP A N   1 
ATOM   549 C  CA  . ASP A 1 68 ? 8.350   5.597   -12.443 1.00 9.51  ? 66  ASP A CA  1 
ATOM   550 C  C   . ASP A 1 68 ? 7.256   5.372   -11.424 1.00 9.43  ? 66  ASP A C   1 
ATOM   551 O  O   . ASP A 1 68 ? 7.303   6.026   -10.354 1.00 9.94  ? 66  ASP A O   1 
ATOM   552 C  CB  . ASP A 1 68 ? 7.910   6.655   -13.463 1.00 8.99  ? 66  ASP A CB  1 
ATOM   553 C  CG  . ASP A 1 68 ? 9.059   7.189   -14.315 1.00 10.87 ? 66  ASP A CG  1 
ATOM   554 O  OD1 . ASP A 1 68 ? 10.250  7.020   -13.922 1.00 10.61 ? 66  ASP A OD1 1 
ATOM   555 O  OD2 . ASP A 1 68 ? 8.697   7.832   -15.366 1.00 14.28 ? 66  ASP A OD2 1 
ATOM   556 N  N   . ALA A 1 69 ? 6.311   4.468   -11.696 1.00 9.89  ? 67  ALA A N   1 
ATOM   557 C  CA  . ALA A 1 69 ? 5.236   4.202   -10.701 1.00 9.23  ? 67  ALA A CA  1 
ATOM   558 C  C   . ALA A 1 69 ? 5.888   3.543   -9.462  1.00 10.01 ? 67  ALA A C   1 
ATOM   559 O  O   . ALA A 1 69 ? 5.527   3.907   -8.327  1.00 11.36 ? 67  ALA A O   1 
ATOM   560 C  CB  . ALA A 1 69 ? 4.221   3.253   -11.318 1.00 12.05 ? 67  ALA A CB  1 
ATOM   561 N  N   . ARG A 1 70 ? 6.816   2.600   -9.649  1.00 9.29  ? 68  ARG A N   1 
ATOM   562 C  CA  . ARG A 1 70 ? 7.461   1.869   -8.551  1.00 11.26 ? 68  ARG A CA  1 
ATOM   563 C  C   . ARG A 1 70 ? 8.216   2.893   -7.713  1.00 10.73 ? 68  ARG A C   1 
ATOM   564 O  O   . ARG A 1 70 ? 8.239   2.823   -6.456  1.00 13.70 ? 68  ARG A O   1 
ATOM   565 C  CB  . ARG A 1 70 ? 8.422   0.797   -9.114  1.00 13.82 ? 68  ARG A CB  1 
ATOM   566 C  CG  . ARG A 1 70 ? 8.871   -0.254  -8.065  1.00 17.17 ? 68  ARG A CG  1 
ATOM   567 C  CD  . ARG A 1 70 ? 9.919   -1.308  -8.664  1.00 18.38 ? 68  ARG A CD  1 
ATOM   568 N  NE  . ARG A 1 70 ? 9.595   -1.607  -10.035 1.00 20.06 ? 68  ARG A NE  1 
ATOM   569 C  CZ  . ARG A 1 70 ? 8.533   -2.278  -10.410 1.00 22.22 ? 68  ARG A CZ  1 
ATOM   570 N  NH1 . ARG A 1 70 ? 7.713   -2.758  -9.458  1.00 25.06 ? 68  ARG A NH1 1 
ATOM   571 N  NH2 . ARG A 1 70 ? 8.239   -2.422  -11.712 1.00 20.72 ? 68  ARG A NH2 1 
ATOM   572 N  N   . GLU A 1 71 ? 8.896   3.887   -8.340  1.00 10.59 ? 69  GLU A N   1 
ATOM   573 C  CA  . GLU A 1 71 ? 9.637   4.868   -7.533  1.00 10.89 ? 69  GLU A CA  1 
ATOM   574 C  C   . GLU A 1 71 ? 8.666   5.812   -6.785  1.00 12.49 ? 69  GLU A C   1 
ATOM   575 O  O   . GLU A 1 71 ? 8.941   6.143   -5.628  1.00 11.71 ? 69  GLU A O   1 
ATOM   576 C  CB  . GLU A 1 71 ? 10.585  5.645   -8.445  1.00 12.89 ? 69  GLU A CB  1 
ATOM   577 C  CG  . GLU A 1 71 ? 11.530  6.600   -7.740  1.00 15.03 ? 69  GLU A CG  1 
ATOM   578 C  CD  . GLU A 1 71 ? 12.629  5.923   -6.961  1.00 15.35 ? 69  GLU A CD  1 
ATOM   579 O  OE1 . GLU A 1 71 ? 12.911  4.680   -7.044  1.00 18.06 ? 69  GLU A OE1 1 
ATOM   580 O  OE2 . GLU A 1 71 ? 13.303  6.712   -6.228  1.00 22.64 ? 69  GLU A OE2 1 
ATOM   581 N  N   . MET A 1 72 ? 7.559   6.199   -7.433  1.00 11.82 ? 70  MET A N   1 
ATOM   582 C  CA  . MET A 1 72 ? 6.517   7.066   -6.852  1.00 12.38 ? 70  MET A CA  1 
ATOM   583 C  C   . MET A 1 72 ? 5.935   6.418   -5.583  1.00 13.49 ? 70  MET A C   1 
ATOM   584 O  O   . MET A 1 72 ? 5.527   7.086   -4.629  1.00 14.16 ? 70  MET A O   1 
ATOM   585 C  CB  . MET A 1 72 ? 5.388   7.249   -7.905  1.00 16.03 ? 70  MET A CB  1 
ATOM   586 C  CG  . MET A 1 72 ? 4.286   8.301   -7.550  1.00 17.51 ? 70  MET A CG  1 
ATOM   587 S  SD  . MET A 1 72 ? 3.062   8.306   -8.836  1.00 19.74 ? 70  MET A SD  1 
ATOM   588 C  CE  . MET A 1 72 ? 4.036   9.215   -10.162 1.00 23.84 ? 70  MET A CE  1 
ATOM   589 N  N   . MET A 1 73 ? 5.872   5.101   -5.553  1.00 12.12 ? 71  MET A N   1 
ATOM   590 C  CA  . MET A 1 73 ? 5.277   4.437   -4.409  1.00 11.55 ? 71  MET A CA  1 
ATOM   591 C  C   . MET A 1 73 ? 6.016   4.671   -3.107  1.00 11.15 ? 71  MET A C   1 
ATOM   592 O  O   . MET A 1 73 ? 5.419   4.661   -1.996  1.00 9.81  ? 71  MET A O   1 
ATOM   593 C  CB  . MET A 1 73 ? 5.266   2.887   -4.558  1.00 16.01 ? 71  MET A CB  1 
ATOM   594 C  CG  . MET A 1 73 ? 4.721   2.294   -5.745  1.00 18.40 ? 71  MET A CG  1 
ATOM   595 S  SD  . MET A 1 73 ? 5.278   0.520   -5.744  1.00 17.65 ? 71  MET A SD  1 
ATOM   596 C  CE  . MET A 1 73 ? 4.040   -0.173  -4.535  1.00 13.29 ? 71  MET A CE  1 
ATOM   597 N  N   . LYS A 1 74 ? 7.320   4.848   -3.226  1.00 10.25 ? 72  LYS A N   1 
ATOM   598 C  CA  . LYS A 1 74 ? 8.151   4.944   -2.017  1.00 10.29 ? 72  LYS A CA  1 
ATOM   599 C  C   . LYS A 1 74 ? 7.757   6.051   -1.074  1.00 10.12 ? 72  LYS A C   1 
ATOM   600 O  O   . LYS A 1 74 ? 7.870   5.876   0.144   1.00 10.66 ? 72  LYS A O   1 
ATOM   601 C  CB  . LYS A 1 74 ? 9.621   5.065   -2.398  1.00 12.56 ? 72  LYS A CB  1 
ATOM   602 C  CG  . LYS A 1 74 ? 10.149  3.833   -3.144  1.00 14.45 ? 72  LYS A CG  1 
ATOM   603 C  CD  . LYS A 1 74 ? 11.609  4.150   -3.702  1.00 16.20 ? 72  LYS A CD  1 
ATOM   604 C  CE  . LYS A 1 74 ? 12.170  2.832   -4.217  1.00 17.17 ? 72  LYS A CE  1 
ATOM   605 N  NZ  . LYS A 1 74 ? 13.534  3.158   -4.856  1.00 20.90 ? 72  LYS A NZ  1 
ATOM   606 N  N   A GLN A 1 75 ? 7.259   7.170   -1.608  0.50 11.21 ? 73  GLN A N   1 
ATOM   607 N  N   B GLN A 1 75 ? 7.294   7.181   -1.600  0.50 11.60 ? 73  GLN A N   1 
ATOM   608 C  CA  A GLN A 1 75 ? 6.851   8.307   -0.775  0.50 10.81 ? 73  GLN A CA  1 
ATOM   609 C  CA  B GLN A 1 75 ? 6.922   8.266   -0.712  0.50 11.49 ? 73  GLN A CA  1 
ATOM   610 C  C   A GLN A 1 75 ? 5.601   8.025   0.054   0.50 10.14 ? 73  GLN A C   1 
ATOM   611 C  C   B GLN A 1 75 ? 5.715   7.934   0.152   0.50 10.61 ? 73  GLN A C   1 
ATOM   612 O  O   A GLN A 1 75 ? 5.246   8.792   0.947   0.50 10.55 ? 73  GLN A O   1 
ATOM   613 O  O   B GLN A 1 75 ? 5.551   8.555   1.203   0.50 10.48 ? 73  GLN A O   1 
ATOM   614 C  CB  A GLN A 1 75 ? 6.586   9.528   -1.649  0.50 11.47 ? 73  GLN A CB  1 
ATOM   615 C  CB  B GLN A 1 75 ? 6.651   9.552   -1.500  0.50 13.06 ? 73  GLN A CB  1 
ATOM   616 C  CG  A GLN A 1 75 ? 5.291   9.495   -2.385  0.50 11.92 ? 73  GLN A CG  1 
ATOM   617 C  CG  B GLN A 1 75 ? 5.460   9.523   -2.412  0.50 13.99 ? 73  GLN A CG  1 
ATOM   618 C  CD  A GLN A 1 75 ? 5.279   10.522  -3.523  0.50 14.54 ? 73  GLN A CD  1 
ATOM   619 C  CD  B GLN A 1 75 ? 5.211   10.887  -3.095  0.50 18.08 ? 73  GLN A CD  1 
ATOM   620 O  OE1 A GLN A 1 75 ? 5.378   11.738  -3.282  0.50 16.18 ? 73  GLN A OE1 1 
ATOM   621 O  OE1 B GLN A 1 75 ? 4.535   11.767  -2.528  0.50 17.45 ? 73  GLN A OE1 1 
ATOM   622 N  NE2 A GLN A 1 75 ? 5.206   10.035  -4.769  0.50 15.54 ? 73  GLN A NE2 1 
ATOM   623 N  NE2 B GLN A 1 75 ? 5.785   11.075  -4.290  0.50 19.96 ? 73  GLN A NE2 1 
ATOM   624 N  N   . TYR A 1 76 ? 4.927   6.925   -0.271  1.00 7.84  ? 74  TYR A N   1 
ATOM   625 C  CA  . TYR A 1 76 ? 3.722   6.571   0.474   1.00 7.87  ? 74  TYR A CA  1 
ATOM   626 C  C   . TYR A 1 76 ? 3.947   5.407   1.455   1.00 6.79  ? 74  TYR A C   1 
ATOM   627 O  O   . TYR A 1 76 ? 2.985   4.995   2.171   1.00 8.56  ? 74  TYR A O   1 
ATOM   628 C  CB  . TYR A 1 76 ? 2.585   6.208   -0.497  1.00 9.15  ? 74  TYR A CB  1 
ATOM   629 C  CG  . TYR A 1 76 ? 2.220   7.391   -1.400  1.00 6.86  ? 74  TYR A CG  1 
ATOM   630 C  CD1 . TYR A 1 76 ? 1.646   8.534   -0.844  1.00 7.83  ? 74  TYR A CD1 1 
ATOM   631 C  CD2 . TYR A 1 76 ? 2.529   7.386   -2.757  1.00 9.04  ? 74  TYR A CD2 1 
ATOM   632 C  CE1 . TYR A 1 76 ? 1.406   9.645   -1.665  1.00 8.70  ? 74  TYR A CE1 1 
ATOM   633 C  CE2 . TYR A 1 76 ? 2.290   8.529   -3.587  1.00 9.62  ? 74  TYR A CE2 1 
ATOM   634 C  CZ  . TYR A 1 76 ? 1.731   9.643   -2.999  1.00 9.77  ? 74  TYR A CZ  1 
ATOM   635 O  OH  . TYR A 1 76 ? 1.513   10.802  -3.768  1.00 12.15 ? 74  TYR A OH  1 
ATOM   636 N  N   . LYS A 1 77 ? 5.157   4.882   1.480   1.00 7.57  ? 75  LYS A N   1 
ATOM   637 C  CA  . LYS A 1 77 ? 5.466   3.778   2.411   1.00 7.57  ? 75  LYS A CA  1 
ATOM   638 C  C   . LYS A 1 77 ? 5.479   4.284   3.838   1.00 8.29  ? 75  LYS A C   1 
ATOM   639 O  O   . LYS A 1 77 ? 6.135   5.303   4.140   1.00 10.96 ? 75  LYS A O   1 
ATOM   640 C  CB  . LYS A 1 77 ? 6.810   3.137   2.073   1.00 7.95  ? 75  LYS A CB  1 
ATOM   641 C  CG  . LYS A 1 77 ? 7.163   1.963   2.965   1.00 8.01  ? 75  LYS A CG  1 
ATOM   642 C  CD  . LYS A 1 77 ? 8.393   1.273   2.420   1.00 9.05  ? 75  LYS A CD  1 
ATOM   643 C  CE  . LYS A 1 77 ? 8.840   0.198   3.401   1.00 9.53  ? 75  LYS A CE  1 
ATOM   644 N  NZ  . LYS A 1 77 ? 10.032  -0.543  2.823   1.00 12.43 ? 75  LYS A NZ  1 
ATOM   645 N  N   . VAL A 1 78 ? 4.777   3.537   4.709   1.00 8.36  ? 76  VAL A N   1 
ATOM   646 C  CA  . VAL A 1 78 ? 4.763   3.879   6.132   1.00 7.73  ? 76  VAL A CA  1 
ATOM   647 C  C   . VAL A 1 78 ? 5.395   2.791   7.001   1.00 9.23  ? 76  VAL A C   1 
ATOM   648 O  O   . VAL A 1 78 ? 5.638   3.041   8.184   1.00 10.03 ? 76  VAL A O   1 
ATOM   649 C  CB  . VAL A 1 78 ? 3.340   4.215   6.672   1.00 8.66  ? 76  VAL A CB  1 
ATOM   650 C  CG1 . VAL A 1 78 ? 2.817   5.501   5.965   1.00 10.00 ? 76  VAL A CG1 1 
ATOM   651 C  CG2 . VAL A 1 78 ? 2.382   3.063   6.438   1.00 10.08 ? 76  VAL A CG2 1 
ATOM   652 N  N   . GLY A 1 79 ? 5.663   1.593   6.472   1.00 8.37  ? 77  GLY A N   1 
ATOM   653 C  CA  . GLY A 1 79 ? 6.319   0.578   7.295   1.00 8.13  ? 77  GLY A CA  1 
ATOM   654 C  C   . GLY A 1 79 ? 6.332   -0.737  6.546   1.00 7.06  ? 77  GLY A C   1 
ATOM   655 O  O   . GLY A 1 79 ? 6.200   -0.761  5.317   1.00 8.82  ? 77  GLY A O   1 
ATOM   656 N  N   . GLU A 1 80 ? 6.507   -1.804  7.297   1.00 7.81  ? 78  GLU A N   1 
ATOM   657 C  CA  . GLU A 1 80 ? 6.641   -3.156  6.720   1.00 7.45  ? 78  GLU A CA  1 
ATOM   658 C  C   . GLU A 1 80 ? 5.888   -4.114  7.583   1.00 8.65  ? 78  GLU A C   1 
ATOM   659 O  O   . GLU A 1 80 ? 5.638   -3.829  8.733   1.00 9.51  ? 78  GLU A O   1 
ATOM   660 C  CB  . GLU A 1 80 ? 8.143   -3.567  6.668   1.00 9.53  ? 78  GLU A CB  1 
ATOM   661 C  CG  . GLU A 1 80 ? 8.926   -2.625  5.724   1.00 8.98  ? 78  GLU A CG  1 
ATOM   662 C  CD  . GLU A 1 80 ? 10.430  -2.902  5.587   1.00 9.08  ? 78  GLU A CD  1 
ATOM   663 O  OE1 . GLU A 1 80 ? 10.973  -3.799  6.282   1.00 11.05 ? 78  GLU A OE1 1 
ATOM   664 O  OE2 . GLU A 1 80 ? 11.048  -2.179  4.757   1.00 11.42 ? 78  GLU A OE2 1 
ATOM   665 N  N   . LEU A 1 81 ? 5.497   -5.268  7.019   1.00 7.97  ? 79  LEU A N   1 
ATOM   666 C  CA  . LEU A 1 81 ? 4.818   -6.257  7.857   1.00 8.18  ? 79  LEU A CA  1 
ATOM   667 C  C   . LEU A 1 81 ? 5.756   -6.975  8.807   1.00 9.79  ? 79  LEU A C   1 
ATOM   668 O  O   . LEU A 1 81 ? 6.930   -7.217  8.491   1.00 11.13 ? 79  LEU A O   1 
ATOM   669 C  CB  . LEU A 1 81 ? 4.215   -7.369  6.964   1.00 8.80  ? 79  LEU A CB  1 
ATOM   670 C  CG  . LEU A 1 81 ? 2.941   -7.005  6.239   1.00 10.13 ? 79  LEU A CG  1 
ATOM   671 C  CD1 . LEU A 1 81 ? 2.407   -8.286  5.506   1.00 9.33  ? 79  LEU A CD1 1 
ATOM   672 C  CD2 . LEU A 1 81 ? 1.832   -6.519  7.266   1.00 11.32 ? 79  LEU A CD2 1 
ATOM   673 N  N   . VAL A 1 82 ? 5.224   -7.321  9.991   1.00 8.55  ? 80  VAL A N   1 
ATOM   674 C  CA  . VAL A 1 82 ? 5.965   -8.206  10.896  1.00 8.40  ? 80  VAL A CA  1 
ATOM   675 C  C   . VAL A 1 82 ? 6.297   -9.470  10.112  1.00 9.84  ? 80  VAL A C   1 
ATOM   676 O  O   . VAL A 1 82 ? 5.476   -9.977  9.323   1.00 10.14 ? 80  VAL A O   1 
ATOM   677 C  CB  . VAL A 1 82 ? 5.169   -8.480  12.154  1.00 8.33  ? 80  VAL A CB  1 
ATOM   678 C  CG1 . VAL A 1 82 ? 5.039   -7.176  12.994  1.00 8.53  ? 80  VAL A CG1 1 
ATOM   679 C  CG2 . VAL A 1 82 ? 3.837   -9.179  11.911  1.00 10.15 ? 80  VAL A CG2 1 
ATOM   680 N  N   . ALA A 1 83 ? 7.488   -10.011 10.358  1.00 10.22 ? 81  ALA A N   1 
ATOM   681 C  CA  . ALA A 1 83 ? 7.918   -11.130 9.504   1.00 11.37 ? 81  ALA A CA  1 
ATOM   682 C  C   . ALA A 1 83 ? 7.062   -12.370 9.584   1.00 11.85 ? 81  ALA A C   1 
ATOM   683 O  O   . ALA A 1 83 ? 6.928   -13.072 8.596   1.00 13.58 ? 81  ALA A O   1 
ATOM   684 C  CB  . ALA A 1 83 ? 9.418   -11.462 9.765   1.00 12.54 ? 81  ALA A CB  1 
ATOM   685 N  N   . GLU A 1 84 ? 6.520   -12.639 10.734  1.00 10.55 ? 82  GLU A N   1 
ATOM   686 C  CA  . GLU A 1 84 ? 5.719   -13.866 10.870  1.00 13.18 ? 82  GLU A CA  1 
ATOM   687 C  C   . GLU A 1 84 ? 4.451   -13.853 10.026  1.00 13.84 ? 82  GLU A C   1 
ATOM   688 O  O   . GLU A 1 84 ? 3.894   -14.924 9.735   1.00 16.52 ? 82  GLU A O   1 
ATOM   689 C  CB  . GLU A 1 84 ? 5.338   -14.108 12.331  1.00 15.26 ? 82  GLU A CB  1 
ATOM   690 C  CG  . GLU A 1 84 ? 4.380   -13.094 12.927  1.00 23.90 ? 82  GLU A CG  1 
ATOM   691 C  CD  . GLU A 1 84 ? 3.876   -13.345 14.385  1.00 28.77 ? 82  GLU A CD  1 
ATOM   692 O  OE1 . GLU A 1 84 ? 4.574   -13.947 15.261  1.00 30.94 ? 82  GLU A OE1 1 
ATOM   693 O  OE2 . GLU A 1 84 ? 2.758   -12.871 14.666  1.00 29.15 ? 82  GLU A OE2 1 
ATOM   694 N  N   . GLU A 1 85 ? 4.020   -12.682 9.562   1.00 10.45 ? 83  GLU A N   1 
ATOM   695 C  CA  . GLU A 1 85 ? 2.802   -12.572 8.730   1.00 11.15 ? 83  GLU A CA  1 
ATOM   696 C  C   . GLU A 1 85 ? 3.161   -12.312 7.285   1.00 11.32 ? 83  GLU A C   1 
ATOM   697 O  O   . GLU A 1 85 ? 2.268   -12.143 6.458   1.00 11.29 ? 83  GLU A O   1 
ATOM   698 C  CB  . GLU A 1 85 ? 1.943   -11.385 9.203   1.00 9.46  ? 83  GLU A CB  1 
ATOM   699 C  CG  . GLU A 1 85 ? 1.432   -11.653 10.651  1.00 9.76  ? 83  GLU A CG  1 
ATOM   700 C  CD  . GLU A 1 85 ? 0.445   -10.641 11.142  1.00 13.40 ? 83  GLU A CD  1 
ATOM   701 O  OE1 . GLU A 1 85 ? 0.252   -9.654  10.421  1.00 11.17 ? 83  GLU A OE1 1 
ATOM   702 O  OE2 . GLU A 1 85 ? -0.102  -10.815 12.221  1.00 12.67 ? 83  GLU A OE2 1 
ATOM   703 N  N   . ARG A 1 86 ? 4.439   -12.257 6.948   1.00 11.87 ? 84  ARG A N   1 
ATOM   704 C  CA  . ARG A 1 86 ? 4.851   -11.933 5.589   1.00 13.90 ? 84  ARG A CA  1 
ATOM   705 C  C   . ARG A 1 86 ? 4.397   -12.937 4.573   1.00 14.08 ? 84  ARG A C   1 
ATOM   706 O  O   . ARG A 1 86 ? 4.282   -14.132 4.899   1.00 13.76 ? 84  ARG A O   1 
ATOM   707 C  CB  . ARG A 1 86 ? 6.396   -11.887 5.459   1.00 17.86 ? 84  ARG A CB  1 
ATOM   708 C  CG  . ARG A 1 86 ? 7.016   -10.641 6.013   1.00 21.88 ? 84  ARG A CG  1 
ATOM   709 C  CD  . ARG A 1 86 ? 8.603   -10.763 6.105   1.00 22.35 ? 84  ARG A CD  1 
ATOM   710 N  NE  . ARG A 1 86 ? 9.099   -11.325 4.875   1.00 18.35 ? 84  ARG A NE  1 
ATOM   711 C  CZ  . ARG A 1 86 ? 9.381   -10.661 3.769   1.00 17.08 ? 84  ARG A CZ  1 
ATOM   712 N  NH1 . ARG A 1 86 ? 9.284   -9.352  3.683   1.00 17.09 ? 84  ARG A NH1 1 
ATOM   713 N  NH2 . ARG A 1 86 ? 9.660   -11.347 2.685   1.00 18.54 ? 84  ARG A NH2 1 
ATOM   714 N  N   . SER A 1 87 ? 4.160   -12.451 3.369   1.00 14.00 ? 85  SER A N   1 
ATOM   715 C  CA  . SER A 1 87 ? 3.900   -13.374 2.261   1.00 17.54 ? 85  SER A CA  1 
ATOM   716 C  C   . SER A 1 87 ? 5.307   -13.819 1.812   1.00 22.26 ? 85  SER A C   1 
ATOM   717 O  O   . SER A 1 87 ? 6.063   -12.994 1.329   1.00 22.38 ? 85  SER A O   1 
ATOM   718 C  CB  . SER A 1 87 ? 3.244   -12.647 1.092   1.00 17.59 ? 85  SER A CB  1 
ATOM   719 O  OG  . SER A 1 87 ? 2.008   -12.080 1.492   1.00 20.05 ? 85  SER A OG  1 
ATOM   720 N  N   . ASN A 1 88 ? 5.704   -15.088 1.955   1.00 27.98 ? 86  ASN A N   1 
ATOM   721 C  CA  . ASN A 1 88 ? 7.078   -15.413 1.499   1.00 33.45 ? 86  ASN A CA  1 
ATOM   722 C  C   . ASN A 1 88 ? 7.216   -16.064 0.110   1.00 34.66 ? 86  ASN A C   1 
ATOM   723 O  O   . ASN A 1 88 ? 6.239   -16.179 -0.638  1.00 37.53 ? 86  ASN A O   1 
ATOM   724 C  CB  . ASN A 1 88 ? 7.806   -16.294 2.526   1.00 34.42 ? 86  ASN A CB  1 
ATOM   725 C  CG  . ASN A 1 88 ? 8.258   -15.516 3.763   1.00 38.15 ? 86  ASN A CG  1 
ATOM   726 O  OD1 . ASN A 1 88 ? 8.830   -14.414 3.640   1.00 38.05 ? 86  ASN A OD1 1 
ATOM   727 N  ND2 . ASN A 1 88 ? 7.954   -16.066 4.975   1.00 35.70 ? 86  ASN A ND2 1 
HETATM 728 MG MG  . MG  B 2 .  ? -13.000 -2.878  -11.274 0.50 16.05 ? 301 MG  A MG  1 
HETATM 729 MG MG  . MG  C 2 .  ? -13.386 -1.795  1.183   0.30 16.23 ? 302 MG  A MG  1 
HETATM 730 C  CHA A HEM D 3 .  ? -1.586  2.955   -13.416 0.50 7.07  ? 201 HEM A CHA 1 
HETATM 731 C  CHA B HEM D 3 .  ? -1.550  3.074   -13.479 0.50 8.46  ? 201 HEM A CHA 1 
HETATM 732 C  CHB A HEM D 3 .  ? -4.085  -0.037  -10.604 0.50 5.48  ? 201 HEM A CHB 1 
HETATM 733 C  CHB B HEM D 3 .  ? 1.139   4.463   -9.726  0.50 7.89  ? 201 HEM A CHB 1 
HETATM 734 C  CHC A HEM D 3 .  ? -1.307  1.173   -6.786  0.50 8.20  ? 201 HEM A CHC 1 
HETATM 735 C  CHC B HEM D 3 .  ? -1.001  1.126   -6.977  0.50 9.47  ? 201 HEM A CHC 1 
HETATM 736 C  CHD A HEM D 3 .  ? 1.045   4.404   -9.632  0.50 7.96  ? 201 HEM A CHD 1 
HETATM 737 C  CHD B HEM D 3 .  ? -3.876  -0.120  -10.621 0.50 8.17  ? 201 HEM A CHD 1 
HETATM 738 C  C1A A HEM D 3 .  ? -2.546  2.095   -12.961 0.50 7.22  ? 201 HEM A C1A 1 
HETATM 739 C  C1A B HEM D 3 .  ? -0.577  3.707   -12.713 0.50 8.63  ? 201 HEM A C1A 1 
HETATM 740 C  C2A A HEM D 3 .  ? -3.621  1.642   -13.739 0.50 7.71  ? 201 HEM A C2A 1 
HETATM 741 C  C2A B HEM D 3 .  ? 0.346   4.644   -13.191 0.50 9.15  ? 201 HEM A C2A 1 
HETATM 742 C  C3A A HEM D 3 .  ? -4.365  0.802   -12.941 0.50 7.45  ? 201 HEM A C3A 1 
HETATM 743 C  C3A B HEM D 3 .  ? 1.065   5.094   -12.111 0.50 7.83  ? 201 HEM A C3A 1 
HETATM 744 C  C4A A HEM D 3 .  ? -3.705  0.735   -11.668 0.50 7.85  ? 201 HEM A C4A 1 
HETATM 745 C  C4A B HEM D 3 .  ? 0.624   4.364   -10.989 0.50 8.56  ? 201 HEM A C4A 1 
HETATM 746 C  CMA A HEM D 3 .  ? -5.583  0.079   -13.304 0.50 5.97  ? 201 HEM A CMA 1 
HETATM 747 C  CMA B HEM D 3 .  ? 2.101   6.066   -12.102 0.50 9.00  ? 201 HEM A CMA 1 
HETATM 748 C  CAA A HEM D 3 .  ? -3.901  1.998   -15.202 0.50 8.68  ? 201 HEM A CAA 1 
HETATM 749 C  CAA B HEM D 3 .  ? 0.522   5.049   -14.660 0.50 10.72 ? 201 HEM A CAA 1 
HETATM 750 C  CBA A HEM D 3 .  ? -2.867  1.414   -16.199 0.50 9.86  ? 201 HEM A CBA 1 
HETATM 751 C  CBA B HEM D 3 .  ? 1.135   3.892   -15.505 0.50 12.20 ? 201 HEM A CBA 1 
HETATM 752 C  CGA A HEM D 3 .  ? -3.291  0.097   -16.788 0.50 12.57 ? 201 HEM A CGA 1 
HETATM 753 C  CGA B HEM D 3 .  ? 2.532   3.500   -15.046 0.50 12.06 ? 201 HEM A CGA 1 
HETATM 754 O  O1A A HEM D 3 .  ? -4.414  -0.370  -16.471 0.50 13.57 ? 201 HEM A O1A 1 
HETATM 755 O  O1A B HEM D 3 .  ? 2.773   2.269   -14.838 0.50 11.45 ? 201 HEM A O1A 1 
HETATM 756 O  O2A A HEM D 3 .  ? -2.572  -0.344  -17.733 0.50 14.07 ? 201 HEM A O2A 1 
HETATM 757 O  O2A B HEM D 3 .  ? 3.401   4.440   -14.958 0.50 10.88 ? 201 HEM A O2A 1 
HETATM 758 C  C1B A HEM D 3 .  ? -3.459  -0.003  -9.370  0.50 5.82  ? 201 HEM A C1B 1 
HETATM 759 C  C1B B HEM D 3 .  ? 0.740   3.660   -8.683  0.50 7.53  ? 201 HEM A C1B 1 
HETATM 760 C  C2B A HEM D 3 .  ? -3.805  -0.881  -8.305  0.50 7.31  ? 201 HEM A C2B 1 
HETATM 761 C  C2B B HEM D 3 .  ? 1.330   3.715   -7.365  0.50 7.60  ? 201 HEM A C2B 1 
HETATM 762 C  C3B A HEM D 3 .  ? -3.063  -0.614  -7.218  0.50 7.73  ? 201 HEM A C3B 1 
HETATM 763 C  C3B B HEM D 3 .  ? 0.760   2.766   -6.572  0.50 9.31  ? 201 HEM A C3B 1 
HETATM 764 C  C4B A HEM D 3 .  ? -2.220  0.497   -7.640  0.50 8.40  ? 201 HEM A C4B 1 
HETATM 765 C  C4B B HEM D 3 .  ? -0.193  2.160   -7.429  0.50 6.91  ? 201 HEM A C4B 1 
HETATM 766 C  CMB A HEM D 3 .  ? -4.874  -1.895  -8.459  0.50 8.08  ? 201 HEM A CMB 1 
HETATM 767 C  CMB B HEM D 3 .  ? 2.436   4.727   -7.044  0.50 8.96  ? 201 HEM A CMB 1 
HETATM 768 C  CAB A HEM D 3 .  ? -3.112  -1.336  -5.901  0.50 10.73 ? 201 HEM A CAB 1 
HETATM 769 C  CAB B HEM D 3 .  ? 1.026   2.361   -5.148  0.50 9.31  ? 201 HEM A CAB 1 
HETATM 770 C  CBB A HEM D 3 .  ? -4.217  -0.981  -4.938  0.50 13.46 ? 201 HEM A CBB 1 
HETATM 771 C  CBB B HEM D 3 .  ? 1.198   3.454   -4.139  0.50 10.12 ? 201 HEM A CBB 1 
HETATM 772 C  C1C A HEM D 3 .  ? -0.492  2.242   -7.206  0.50 7.90  ? 201 HEM A C1C 1 
HETATM 773 C  C1C B HEM D 3 .  ? -1.925  0.488   -7.719  0.50 9.01  ? 201 HEM A C1C 1 
HETATM 774 C  C2C A HEM D 3 .  ? 0.492   2.938   -6.367  0.50 8.92  ? 201 HEM A C2C 1 
HETATM 775 C  C2C B HEM D 3 .  ? -2.758  -0.549  -7.191  0.50 8.70  ? 201 HEM A C2C 1 
HETATM 776 C  C3C A HEM D 3 .  ? 1.165   3.797   -7.171  0.50 8.47  ? 201 HEM A C3C 1 
HETATM 777 C  C3C B HEM D 3 .  ? -3.579  -0.963  -8.196  0.50 6.98  ? 201 HEM A C3C 1 
HETATM 778 C  C4C A HEM D 3 .  ? 0.594   3.678   -8.509  0.50 7.49  ? 201 HEM A C4C 1 
HETATM 779 C  C4C B HEM D 3 .  ? -3.256  -0.096  -9.342  0.50 8.43  ? 201 HEM A C4C 1 
HETATM 780 C  CMC A HEM D 3 .  ? 0.770   2.732   -4.860  0.50 10.08 ? 201 HEM A CMC 1 
HETATM 781 C  CMC B HEM D 3 .  ? -2.665  -1.070  -5.729  0.50 8.01  ? 201 HEM A CMC 1 
HETATM 782 C  CAC A HEM D 3 .  ? 2.309   4.727   -6.800  0.50 9.93  ? 201 HEM A CAC 1 
HETATM 783 C  CAC B HEM D 3 .  ? -4.633  -2.039  -8.167  0.50 10.50 ? 201 HEM A CAC 1 
HETATM 784 C  CBC A HEM D 3 .  ? 2.266   5.798   -6.029  0.50 12.13 ? 201 HEM A CBC 1 
HETATM 785 C  CBC B HEM D 3 .  ? -5.614  -2.221  -7.267  0.50 10.88 ? 201 HEM A CBC 1 
HETATM 786 C  C1D A HEM D 3 .  ? 0.548   4.257   -10.929 0.50 8.20  ? 201 HEM A C1D 1 
HETATM 787 C  C1D B HEM D 3 .  ? -3.479  0.686   -11.718 0.50 9.48  ? 201 HEM A C1D 1 
HETATM 788 C  C2D A HEM D 3 .  ? 1.061   4.971   -12.084 0.50 6.76  ? 201 HEM A C2D 1 
HETATM 789 C  C2D B HEM D 3 .  ? -4.122  0.652   -13.024 0.50 8.32  ? 201 HEM A C2D 1 
HETATM 790 C  C3D A HEM D 3 .  ? 0.383   4.499   -13.173 0.50 7.49  ? 201 HEM A C3D 1 
HETATM 791 C  C3D B HEM D 3 .  ? -3.480  1.542   -13.840 0.50 8.73  ? 201 HEM A C3D 1 
HETATM 792 C  C4D A HEM D 3 .  ? -0.617  3.576   -12.641 0.50 7.40  ? 201 HEM A C4D 1 
HETATM 793 C  C4D B HEM D 3 .  ? -2.432  2.130   -13.007 0.50 8.00  ? 201 HEM A C4D 1 
HETATM 794 C  CMD A HEM D 3 .  ? 2.211   6.000   -12.079 0.50 7.76  ? 201 HEM A CMD 1 
HETATM 795 C  CMD B HEM D 3 .  ? -5.326  -0.247  -13.405 0.50 9.26  ? 201 HEM A CMD 1 
HETATM 796 C  CAD A HEM D 3 .  ? 0.636   4.834   -14.647 0.50 7.52  ? 201 HEM A CAD 1 
HETATM 797 C  CAD B HEM D 3 .  ? -3.790  1.827   -15.309 0.50 9.24  ? 201 HEM A CAD 1 
HETATM 798 C  CBD A HEM D 3 .  ? 1.249   3.594   -15.369 0.50 8.27  ? 201 HEM A CBD 1 
HETATM 799 C  CBD B HEM D 3 .  ? -2.745  1.132   -16.217 0.50 8.38  ? 201 HEM A CBD 1 
HETATM 800 C  CGD A HEM D 3 .  ? 2.600   3.166   -14.763 0.50 8.88  ? 201 HEM A CGD 1 
HETATM 801 C  CGD B HEM D 3 .  ? -3.149  -0.269  -16.712 0.50 9.63  ? 201 HEM A CGD 1 
HETATM 802 O  O1D A HEM D 3 .  ? 2.778   1.957   -14.465 0.50 10.01 ? 201 HEM A O1D 1 
HETATM 803 O  O1D B HEM D 3 .  ? -4.316  -0.648  -16.521 0.50 11.43 ? 201 HEM A O1D 1 
HETATM 804 O  O2D A HEM D 3 .  ? 3.421   4.084   -14.505 0.50 11.34 ? 201 HEM A O2D 1 
HETATM 805 O  O2D B HEM D 3 .  ? -2.222  -1.038  -17.043 0.50 9.25  ? 201 HEM A O2D 1 
HETATM 806 N  NA  A HEM D 3 .  ? -2.616  1.597   -11.661 0.50 7.00  ? 201 HEM A NA  1 
HETATM 807 N  NA  B HEM D 3 .  ? -0.392  3.482   -11.354 0.50 8.49  ? 201 HEM A NA  1 
HETATM 808 N  NB  A HEM D 3 .  ? -2.440  0.815   -9.000  0.50 6.66  ? 201 HEM A NB  1 
HETATM 809 N  NB  B HEM D 3 .  ? -0.207  2.684   -8.727  0.50 7.89  ? 201 HEM A NB  1 
HETATM 810 N  NC  A HEM D 3 .  ? -0.438  2.708   -8.540  0.50 8.02  ? 201 HEM A NC  1 
HETATM 811 N  NC  B HEM D 3 .  ? -2.199  0.768   -9.030  0.50 8.10  ? 201 HEM A NC  1 
HETATM 812 N  ND  A HEM D 3 .  ? -0.488  3.391   -11.272 0.50 7.96  ? 201 HEM A ND  1 
HETATM 813 N  ND  B HEM D 3 .  ? -2.447  1.617   -11.705 0.50 8.03  ? 201 HEM A ND  1 
HETATM 814 FE FE  A HEM D 3 .  ? -1.513  2.152   -10.114 0.50 8.82  ? 201 HEM A FE  1 
HETATM 815 FE FE  B HEM D 3 .  ? -1.279  2.120   -10.218 0.50 8.67  ? 201 HEM A FE  1 
HETATM 816 O  O   . HOH E 4 .  ? -3.543  -8.688  4.805   1.00 9.05  ? 303 HOH A O   1 
HETATM 817 O  O   . HOH E 4 .  ? -4.361  -6.310  6.080   1.00 9.23  ? 304 HOH A O   1 
HETATM 818 O  O   . HOH E 4 .  ? 9.277   -5.845  -0.538  1.00 11.50 ? 305 HOH A O   1 
HETATM 819 O  O   . HOH E 4 .  ? 2.595   -8.862  0.959   1.00 10.35 ? 306 HOH A O   1 
HETATM 820 O  O   . HOH E 4 .  ? -2.486  -9.527  12.466  1.00 11.91 ? 307 HOH A O   1 
HETATM 821 O  O   . HOH E 4 .  ? -5.506  -8.990  2.645   1.00 10.63 ? 308 HOH A O   1 
HETATM 822 O  O   . HOH E 4 .  ? -5.012  15.978  -6.474  1.00 13.75 ? 309 HOH A O   1 
HETATM 823 O  O   . HOH E 4 .  ? -8.927  -2.830  -6.927  1.00 15.12 ? 310 HOH A O   1 
HETATM 824 O  O   . HOH E 4 .  ? -9.916  3.455   -10.232 1.00 12.02 ? 311 HOH A O   1 
HETATM 825 O  O   . HOH E 4 .  ? -5.603  -2.841  -15.993 1.00 14.47 ? 312 HOH A O   1 
HETATM 826 O  O   . HOH E 4 .  ? 2.924   -4.097  14.924  1.00 14.17 ? 313 HOH A O   1 
HETATM 827 O  O   . HOH E 4 .  ? -5.150  12.638  -3.869  1.00 13.59 ? 314 HOH A O   1 
HETATM 828 O  O   . HOH E 4 .  ? -1.057  9.403   1.658   1.00 11.63 ? 315 HOH A O   1 
HETATM 829 O  O   . HOH E 4 .  ? 8.124   1.116   -1.946  1.00 16.64 ? 316 HOH A O   1 
HETATM 830 O  O   . HOH E 4 .  ? -6.494  -7.777  -2.447  1.00 16.64 ? 317 HOH A O   1 
HETATM 831 O  O   . HOH E 4 .  ? -2.444  -6.598  15.680  1.00 14.02 ? 318 HOH A O   1 
HETATM 832 O  O   . HOH E 4 .  ? -9.423  2.007   -13.254 1.00 14.71 ? 319 HOH A O   1 
HETATM 833 O  O   . HOH E 4 .  ? -6.451  -2.925  -11.180 1.00 16.95 ? 320 HOH A O   1 
HETATM 834 O  O   . HOH E 4 .  ? -7.153  9.276   -9.379  1.00 15.27 ? 321 HOH A O   1 
HETATM 835 O  O   . HOH E 4 .  ? 1.375   -10.840 14.511  1.00 16.15 ? 322 HOH A O   1 
HETATM 836 O  O   . HOH E 4 .  ? 9.328   2.564   6.109   1.00 22.50 ? 323 HOH A O   1 
HETATM 837 O  O   . HOH E 4 .  ? 1.924   8.047   3.197   1.00 13.70 ? 324 HOH A O   1 
HETATM 838 O  O   . HOH E 4 .  ? 6.486   -2.955  -3.061  1.00 20.62 ? 325 HOH A O   1 
HETATM 839 O  O   . HOH E 4 .  ? 4.157   6.851   -15.109 1.00 19.89 ? 326 HOH A O   1 
HETATM 840 O  O   . HOH E 4 .  ? -9.899  -0.772  -13.441 1.00 16.20 ? 327 HOH A O   1 
HETATM 841 O  O   . HOH E 4 .  ? -7.375  16.526  -7.628  1.00 18.38 ? 328 HOH A O   1 
HETATM 842 O  O   . HOH E 4 .  ? -8.323  -5.658  12.189  1.00 17.43 ? 329 HOH A O   1 
HETATM 843 O  O   . HOH E 4 .  ? -2.310  -10.106 -2.822  1.00 20.10 ? 330 HOH A O   1 
HETATM 844 O  O   . HOH E 4 .  ? 10.390  9.385   -16.703 1.00 16.38 ? 331 HOH A O   1 
HETATM 845 O  O   . HOH E 4 .  ? 4.721   7.774   3.680   1.00 17.27 ? 332 HOH A O   1 
HETATM 846 O  O   . HOH E 4 .  ? 8.635   8.362   -4.102  1.00 20.30 ? 333 HOH A O   1 
HETATM 847 O  O   . HOH E 4 .  ? 0.113   12.816  -2.798  1.00 16.96 ? 334 HOH A O   1 
HETATM 848 O  O   . HOH E 4 .  ? -8.656  -6.085  5.024   1.00 20.09 ? 335 HOH A O   1 
HETATM 849 O  O   . HOH E 4 .  ? -6.936  11.947  -1.918  1.00 14.95 ? 336 HOH A O   1 
HETATM 850 O  O   . HOH E 4 .  ? 8.448   2.897   8.847   1.00 13.92 ? 337 HOH A O   1 
HETATM 851 O  O   . HOH E 4 .  ? 14.446  -2.439  11.031  1.00 20.15 ? 338 HOH A O   1 
HETATM 852 O  O   . HOH E 4 .  ? -5.055  -5.330  -11.226 1.00 19.46 ? 339 HOH A O   1 
HETATM 853 O  O   . HOH E 4 .  ? -0.616  -13.672 8.695   1.00 19.69 ? 340 HOH A O   1 
HETATM 854 O  O   . HOH E 4 .  ? 4.571   -0.988  15.394  1.00 20.97 ? 341 HOH A O   1 
HETATM 855 O  O   . HOH E 4 .  ? 1.206   10.980  1.519   1.00 18.35 ? 342 HOH A O   1 
HETATM 856 O  O   . HOH E 4 .  ? 10.823  -6.450  6.419   1.00 19.54 ? 343 HOH A O   1 
HETATM 857 O  O   . HOH E 4 .  ? 8.175   8.754   -10.315 1.00 24.50 ? 344 HOH A O   1 
HETATM 858 O  O   . HOH E 4 .  ? 13.182  -0.440  12.830  1.00 21.26 ? 345 HOH A O   1 
HETATM 859 O  O   . HOH E 4 .  ? 5.414   -11.127 15.440  1.00 15.72 ? 346 HOH A O   1 
HETATM 860 O  O   . HOH E 4 .  ? 3.837   11.232  0.834   1.00 21.65 ? 347 HOH A O   1 
HETATM 861 O  O   . HOH E 4 .  ? 13.521  -6.733  9.629   1.00 22.02 ? 348 HOH A O   1 
HETATM 862 O  O   . HOH E 4 .  ? 9.014   0.905   -4.626  1.00 21.01 ? 349 HOH A O   1 
HETATM 863 O  O   . HOH E 4 .  ? -1.306  10.320  4.307   1.00 18.16 ? 350 HOH A O   1 
HETATM 864 O  O   . HOH E 4 .  ? -14.190 4.490   1.617   1.00 25.14 ? 351 HOH A O   1 
HETATM 865 O  O   . HOH E 4 .  ? 9.090   -4.929  -3.113  1.00 26.70 ? 352 HOH A O   1 
HETATM 866 O  O   . HOH E 4 .  ? -10.269 -4.387  4.014   1.00 19.70 ? 353 HOH A O   1 
HETATM 867 O  O   . HOH E 4 .  ? 2.876   -3.674  -10.864 1.00 21.74 ? 354 HOH A O   1 
HETATM 868 O  O   . HOH E 4 .  ? 9.136   -13.405 13.257  1.00 22.43 ? 355 HOH A O   1 
HETATM 869 O  O   . HOH E 4 .  ? -1.548  -3.422  -17.158 1.00 20.55 ? 356 HOH A O   1 
HETATM 870 O  O   . HOH E 4 .  ? 0.025   7.355   7.598   1.00 20.58 ? 357 HOH A O   1 
HETATM 871 O  O   . HOH E 4 .  ? 3.861   -10.112 -1.230  1.00 19.43 ? 358 HOH A O   1 
HETATM 872 O  O   . HOH E 4 .  ? -3.679  7.446   7.277   1.00 23.45 ? 359 HOH A O   1 
HETATM 873 O  O   . HOH E 4 .  ? -12.780 0.223   0.814   1.00 24.38 ? 360 HOH A O   1 
HETATM 874 O  O   . HOH E 4 .  ? -9.876  10.482  1.175   1.00 22.35 ? 361 HOH A O   1 
HETATM 875 O  O   . HOH E 4 .  ? 10.286  2.267   14.359  1.00 24.18 ? 362 HOH A O   1 
HETATM 876 O  O   . HOH E 4 .  ? -5.390  9.445   7.052   1.00 24.54 ? 363 HOH A O   1 
HETATM 877 O  O   . HOH E 4 .  ? 0.073   -0.029  -17.865 1.00 20.46 ? 364 HOH A O   1 
HETATM 878 O  O   . HOH E 4 .  ? -14.702 8.465   -3.774  1.00 37.31 ? 365 HOH A O   1 
HETATM 879 O  O   . HOH E 4 .  ? -14.565 -3.271  8.708   1.00 33.96 ? 366 HOH A O   1 
HETATM 880 O  O   . HOH E 4 .  ? -11.169 -2.996  10.195  1.00 30.64 ? 367 HOH A O   1 
HETATM 881 O  O   . HOH E 4 .  ? 8.868   -15.431 11.440  1.00 32.00 ? 368 HOH A O   1 
HETATM 882 O  O   . HOH E 4 .  ? -8.532  -3.615  -9.655  1.00 25.14 ? 369 HOH A O   1 
HETATM 883 O  O   . HOH E 4 .  ? 10.317  -0.119  -0.557  1.00 26.57 ? 370 HOH A O   1 
HETATM 884 O  O   . HOH E 4 .  ? -6.260  -7.828  -10.841 1.00 25.69 ? 371 HOH A O   1 
HETATM 885 O  O   . HOH E 4 .  ? -4.269  -8.537  -4.264  1.00 25.89 ? 372 HOH A O   1 
HETATM 886 O  O   . HOH E 4 .  ? -4.902  -4.994  15.778  1.00 27.03 ? 373 HOH A O   1 
HETATM 887 O  O   . HOH E 4 .  ? 14.394  3.510   -12.196 1.00 26.93 ? 374 HOH A O   1 
HETATM 888 O  O   . HOH E 4 .  ? 5.174   5.170   9.809   1.00 22.29 ? 375 HOH A O   1 
HETATM 889 O  O   . HOH E 4 .  ? -13.706 1.607   -11.502 1.00 29.65 ? 376 HOH A O   1 
HETATM 890 O  O   . HOH E 4 .  ? -8.908  -10.235 -4.760  1.00 28.82 ? 377 HOH A O   1 
HETATM 891 O  O   . HOH E 4 .  ? -10.567 -8.425  2.177   1.00 33.69 ? 378 HOH A O   1 
HETATM 892 O  O   . HOH E 4 .  ? -3.059  3.304   12.196  1.00 36.68 ? 379 HOH A O   1 
HETATM 893 O  O   . HOH E 4 .  ? -6.762  9.481   -12.819 1.00 22.79 ? 380 HOH A O   1 
HETATM 894 O  O   . HOH E 4 .  ? 5.340   -4.373  -10.624 1.00 30.81 ? 381 HOH A O   1 
HETATM 895 O  O   . HOH E 4 .  ? -11.431 -2.560  1.103   1.00 22.55 ? 382 HOH A O   1 
HETATM 896 O  O   . HOH E 4 .  ? -2.110  -1.443  17.323  1.00 30.10 ? 383 HOH A O   1 
HETATM 897 O  O   . HOH E 4 .  ? 1.343   12.198  -8.689  1.00 33.67 ? 384 HOH A O   1 
HETATM 898 O  O   . HOH E 4 .  ? 2.322   11.897  -6.185  1.00 28.45 ? 385 HOH A O   1 
HETATM 899 O  O   . HOH E 4 .  ? -1.653  7.825   9.684   1.00 23.12 ? 386 HOH A O   1 
HETATM 900 O  O   . HOH E 4 .  ? 0.664   -15.534 10.189  1.00 22.69 ? 387 HOH A O   1 
HETATM 901 O  O   . HOH E 4 .  ? 12.738  -8.159  7.266   1.00 24.43 ? 388 HOH A O   1 
HETATM 902 O  O   . HOH E 4 .  ? -11.049 8.170   -10.329 1.00 31.64 ? 389 HOH A O   1 
HETATM 903 O  O   . HOH E 4 .  ? 0.561   10.341  -10.530 1.00 26.02 ? 390 HOH A O   1 
HETATM 904 O  O   . HOH E 4 .  ? 10.092  5.022   1.388   1.00 25.74 ? 391 HOH A O   1 
HETATM 905 O  O   . HOH E 4 .  ? 6.881   -3.115  -15.529 1.00 30.19 ? 392 HOH A O   1 
HETATM 906 O  O   . HOH E 4 .  ? -10.675 -2.759  -11.316 1.00 31.13 ? 393 HOH A O   1 
HETATM 907 O  O   . HOH E 4 .  ? 9.810   -7.330  -3.588  1.00 27.02 ? 394 HOH A O   1 
HETATM 908 O  O   . HOH E 4 .  ? 1.781   -0.018  -15.951 1.00 33.50 ? 395 HOH A O   1 
HETATM 909 O  O   . HOH E 4 .  ? 8.033   10.561  -5.446  1.00 32.67 ? 396 HOH A O   1 
HETATM 910 O  O   . HOH E 4 .  ? 2.061   -0.908  16.318  1.00 23.99 ? 397 HOH A O   1 
HETATM 911 O  O   . HOH E 4 .  ? -14.615 -0.006  -2.557  1.00 26.56 ? 398 HOH A O   1 
HETATM 912 O  O   . HOH E 4 .  ? 15.314  0.331   14.487  1.00 28.58 ? 399 HOH A O   1 
HETATM 913 O  O   . HOH E 4 .  ? -6.743  18.593  -9.897  1.00 54.56 ? 400 HOH A O   1 
HETATM 914 O  O   . HOH E 4 .  ? 1.797   -6.153  -17.919 1.00 36.95 ? 401 HOH A O   1 
HETATM 915 O  O   . HOH E 4 .  ? 6.189   -3.991  -12.975 1.00 26.47 ? 402 HOH A O   1 
HETATM 916 O  O   . HOH E 4 .  ? -12.145 10.829  2.403   1.00 26.41 ? 403 HOH A O   1 
HETATM 917 O  O   . HOH E 4 .  ? 15.378  5.853   -4.461  1.00 28.55 ? 404 HOH A O   1 
HETATM 918 O  O   . HOH E 4 .  ? 12.012  -0.444  -2.425  1.00 30.36 ? 405 HOH A O   1 
HETATM 919 O  O   . HOH E 4 .  ? 9.299   5.003   10.030  1.00 35.13 ? 406 HOH A O   1 
HETATM 920 O  O   . HOH E 4 .  ? -8.950  -6.538  14.739  1.00 28.46 ? 407 HOH A O   1 
HETATM 921 O  O   . HOH E 4 .  ? 1.814   4.906   11.987  1.00 36.36 ? 408 HOH A O   1 
HETATM 922 O  O   . HOH E 4 .  ? -13.307 1.691   9.273   1.00 34.53 ? 409 HOH A O   1 
HETATM 923 O  O   . HOH E 4 .  ? -10.619 -4.550  11.986  1.00 34.63 ? 410 HOH A O   1 
HETATM 924 O  O   . HOH E 4 .  ? 1.825   -7.708  -15.371 1.00 35.01 ? 411 HOH A O   1 
HETATM 925 O  O   . HOH E 4 .  ? -13.949 -3.734  1.693   1.00 34.13 ? 412 HOH A O   1 
HETATM 926 O  O   . HOH E 4 .  ? -11.087 1.020   11.596  1.00 32.02 ? 413 HOH A O   1 
HETATM 927 O  O   . HOH E 4 .  ? 0.261   -11.773 -1.038  1.00 49.04 ? 414 HOH A O   1 
HETATM 928 O  O   . HOH E 4 .  ? 4.756   -15.912 6.849   1.00 34.91 ? 415 HOH A O   1 
HETATM 929 O  O   . HOH E 4 .  ? -7.514  3.522   12.156  1.00 36.02 ? 416 HOH A O   1 
HETATM 930 O  O   . HOH E 4 .  ? 1.835   5.579   9.795   1.00 34.76 ? 417 HOH A O   1 
HETATM 931 O  O   . HOH E 4 .  ? 1.901   -10.871 -7.720  1.00 30.00 ? 418 HOH A O   1 
HETATM 932 O  O   . HOH E 4 .  ? -14.499 1.875   1.331   1.00 31.48 ? 419 HOH A O   1 
HETATM 933 O  O   . HOH E 4 .  ? 2.670   -12.047 -2.712  1.00 33.28 ? 420 HOH A O   1 
HETATM 934 O  O   . HOH E 4 .  ? 4.683   -7.120  -15.391 1.00 34.62 ? 421 HOH A O   1 
HETATM 935 O  O   . HOH E 4 .  ? -6.654  15.015  -9.850  1.00 33.23 ? 422 HOH A O   1 
HETATM 936 O  O   . HOH E 4 .  ? 4.647   7.720   8.472   1.00 32.30 ? 423 HOH A O   1 
HETATM 937 O  O   . HOH E 4 .  ? 11.060  -3.877  -4.715  1.00 32.05 ? 424 HOH A O   1 
HETATM 938 O  O   . HOH E 4 .  ? 9.104   4.958   4.877   1.00 36.80 ? 425 HOH A O   1 
HETATM 939 O  O   . HOH E 4 .  ? -14.315 -1.946  -0.904  1.00 34.59 ? 426 HOH A O   1 
HETATM 940 O  O   . HOH E 4 .  ? -12.244 -3.945  -9.433  1.00 32.69 ? 427 HOH A O   1 
HETATM 941 O  O   . HOH E 4 .  ? -0.143  -11.176 -9.836  1.00 32.20 ? 428 HOH A O   1 
HETATM 942 O  O   . HOH E 4 .  ? 4.789   -17.440 10.249  1.00 32.22 ? 429 HOH A O   1 
HETATM 943 O  O   . HOH E 4 .  ? 2.187   -3.932  -17.265 1.00 33.65 ? 430 HOH A O   1 
HETATM 944 O  O   . HOH E 4 .  ? -15.473 5.435   -0.635  1.00 37.34 ? 431 HOH A O   1 
HETATM 945 O  O   . HOH E 4 .  ? 8.188   -16.234 13.917  1.00 43.88 ? 432 HOH A O   1 
HETATM 946 O  O   . HOH E 4 .  ? -13.556 9.375   4.397   1.00 35.97 ? 433 HOH A O   1 
HETATM 947 O  O   . HOH E 4 .  ? 0.650   1.679   15.639  1.00 38.73 ? 434 HOH A O   1 
HETATM 948 O  O   . HOH E 4 .  ? -15.588 0.081   -6.624  1.00 41.51 ? 435 HOH A O   1 
HETATM 949 O  O   . HOH E 4 .  ? -1.258  -9.319  -18.340 1.00 41.57 ? 436 HOH A O   1 
HETATM 950 O  O   . HOH E 4 .  ? -16.119 1.759   -1.147  1.00 34.66 ? 437 HOH A O   1 
HETATM 951 O  O   . HOH E 4 .  ? -5.614  -6.090  -13.799 1.00 39.86 ? 438 HOH A O   1 
HETATM 952 O  O   . HOH E 4 .  ? -5.727  2.558   13.284  1.00 38.92 ? 439 HOH A O   1 
HETATM 953 O  O   . HOH E 4 .  ? 6.901   10.729  2.291   1.00 42.82 ? 440 HOH A O   1 
HETATM 954 O  O   . HOH E 4 .  ? -12.863 -4.820  9.653   1.00 38.62 ? 441 HOH A O   1 
HETATM 955 O  O   . HOH E 4 .  ? 7.076   5.729   11.720  1.00 37.03 ? 442 HOH A O   1 
HETATM 956 O  O   . HOH E 4 .  ? 16.225  -6.636  9.947   1.00 26.84 ? 443 HOH A O   1 
HETATM 957 O  O   . HOH E 4 .  ? -9.954  -7.223  -4.039  1.00 33.68 ? 444 HOH A O   1 
HETATM 958 O  O   . HOH E 4 .  ? 9.591   -8.037  8.836   1.00 30.22 ? 445 HOH A O   1 
HETATM 959 O  O   . HOH E 4 .  ? -15.982 1.720   -9.475  1.00 33.98 ? 446 HOH A O   1 
HETATM 960 O  O   . HOH E 4 .  ? 8.024   10.047  -7.808  1.00 39.99 ? 447 HOH A O   1 
HETATM 961 O  O   . HOH E 4 .  ? -3.836  16.480  -9.941  1.00 31.16 ? 448 HOH A O   1 
HETATM 962 O  O   . HOH E 4 .  ? 0.677   -4.225  17.704  1.00 35.41 ? 449 HOH A O   1 
HETATM 963 O  O   . HOH E 4 .  ? -4.461  12.877  -11.554 1.00 41.05 ? 450 HOH A O   1 
HETATM 964 O  O   . HOH E 4 .  ? 19.169  1.811   16.313  1.00 43.35 ? 451 HOH A O   1 
HETATM 965 O  O   . HOH E 4 .  ? 4.258   -10.899 -6.866  1.00 40.24 ? 452 HOH A O   1 
HETATM 966 O  O   . HOH E 4 .  ? 1.933   10.174  -12.600 1.00 30.97 ? 453 HOH A O   1 
HETATM 967 O  O   . HOH E 4 .  ? -12.369 -3.821  5.430   1.00 36.15 ? 454 HOH A O   1 
HETATM 968 O  O   . HOH E 4 .  ? -13.864 12.107  -5.263  1.00 36.32 ? 455 HOH A O   1 
HETATM 969 O  O   . HOH E 4 .  ? 1.336   -9.954  -14.612 1.00 46.81 ? 456 HOH A O   1 
HETATM 970 O  O   . HOH E 4 .  ? -15.300 0.118   5.208   1.00 46.92 ? 457 HOH A O   1 
HETATM 971 O  O   . HOH E 4 .  ? -12.888 -1.468  3.240   0.50 21.65 ? 458 HOH A O   1 
HETATM 972 O  O   . HOH E 4 .  ? 8.482   -17.821 -2.629  1.00 45.66 ? 459 HOH A O   1 
HETATM 973 O  O   . HOH E 4 .  ? -9.467  10.885  -9.391  1.00 40.55 ? 460 HOH A O   1 
HETATM 974 O  O   . HOH E 4 .  ? -9.495  -6.140  -10.518 1.00 41.13 ? 461 HOH A O   1 
HETATM 975 O  O   . HOH E 4 .  ? -9.271  14.662  -9.130  1.00 35.32 ? 462 HOH A O   1 
HETATM 976 O  O   . HOH E 4 .  ? 10.605  9.104   -2.304  1.00 41.18 ? 463 HOH A O   1 
HETATM 977 O  O   . HOH E 4 .  ? -3.543  -12.669 -10.774 1.00 42.42 ? 464 HOH A O   1 
HETATM 978 O  O   . HOH E 4 .  ? 7.640   -1.641  -5.081  1.00 35.36 ? 465 HOH A O   1 
HETATM 979 O  O   . HOH E 4 .  ? -2.226  -8.857  -16.021 1.00 32.54 ? 466 HOH A O   1 
HETATM 980 O  O   . HOH E 4 .  ? -14.722 6.457   3.982   1.00 40.63 ? 467 HOH A O   1 
HETATM 981 O  O   . HOH E 4 .  ? 4.029   -8.058  -12.870 1.00 39.85 ? 468 HOH A O   1 
HETATM 982 O  O   . HOH E 4 .  ? 4.892   8.732   6.204   1.00 34.83 ? 469 HOH A O   1 
HETATM 983 O  O   . HOH E 4 .  ? 4.930   12.624  -6.232  1.00 38.65 ? 470 HOH A O   1 
HETATM 984 O  O   . HOH E 4 .  ? -4.233  0.193   13.052  1.00 18.67 ? 471 HOH A O   1 
HETATM 985 O  O   . HOH E 4 .  ? -4.447  -0.689  15.675  1.00 29.82 ? 472 HOH A O   1 
# 
loop_
_pdbx_poly_seq_scheme.asym_id 
_pdbx_poly_seq_scheme.entity_id 
_pdbx_poly_seq_scheme.seq_id 
_pdbx_poly_seq_scheme.mon_id 
_pdbx_poly_seq_scheme.ndb_seq_num 
_pdbx_poly_seq_scheme.pdb_seq_num 
_pdbx_poly_seq_scheme.auth_seq_num 
_pdbx_poly_seq_scheme.pdb_mon_id 
_pdbx_poly_seq_scheme.auth_mon_id 
_pdbx_poly_seq_scheme.pdb_strand_id 
_pdbx_poly_seq_scheme.pdb_ins_code 
_pdbx_poly_seq_scheme.hetero 
A 1 1  MET 1  -1 ?  ?   ?   A . n 
A 1 2  SER 2  0  ?  ?   ?   A . n 
A 1 3  SER 3  1  1  SER SER A . n 
A 1 4  GLU 4  2  2  GLU GLU A . n 
A 1 5  ASP 5  3  3  ASP ASP A . n 
A 1 6  VAL 6  4  4  VAL VAL A . n 
A 1 7  LYS 7  5  5  LYS LYS A . n 
A 1 8  TYR 8  6  6  TYR TYR A . n 
A 1 9  PHE 9  7  7  PHE PHE A . n 
A 1 10 THR 10 8  8  THR THR A . n 
A 1 11 ARG 11 9  9  ARG ARG A . n 
A 1 12 ALA 12 10 10 ALA ALA A . n 
A 1 13 GLU 13 11 11 GLU GLU A . n 
A 1 14 VAL 14 12 12 VAL VAL A . n 
A 1 15 ALA 15 13 13 ALA ALA A . n 
A 1 16 LYS 16 14 14 LYS LYS A . n 
A 1 17 ASN 17 15 15 ASN ASN A . n 
A 1 18 ASN 18 16 16 ASN ASN A . n 
A 1 19 THR 19 17 17 THR THR A . n 
A 1 20 LYS 20 18 18 LYS LYS A . n 
A 1 21 ASP 21 19 19 ASP ASP A . n 
A 1 22 LYS 22 20 20 LYS LYS A . n 
A 1 23 ASN 23 21 21 ASN ASN A . n 
A 1 24 TRP 24 22 22 TRP TRP A . n 
A 1 25 PHE 25 23 23 PHE PHE A . n 
A 1 26 ILE 26 24 24 ILE ILE A . n 
A 1 27 ILE 27 25 25 ILE ILE A . n 
A 1 28 HIS 28 26 26 HIS HIS A . n 
A 1 29 ASN 29 27 27 ASN ASN A . n 
A 1 30 ASN 30 28 28 ASN ASN A . n 
A 1 31 VAL 31 29 29 VAL VAL A . n 
A 1 32 TYR 32 30 30 TYR TYR A . n 
A 1 33 ASP 33 31 31 ASP ASP A . n 
A 1 34 VAL 34 32 32 VAL VAL A . n 
A 1 35 THR 35 33 33 THR THR A . n 
A 1 36 ALA 36 34 34 ALA ALA A . n 
A 1 37 PHE 37 35 35 PHE PHE A . n 
A 1 38 LEU 38 36 36 LEU LEU A . n 
A 1 39 ASN 39 37 37 ASN ASN A . n 
A 1 40 GLU 40 38 38 GLU GLU A . n 
A 1 41 HIS 41 39 39 HIS HIS A . n 
A 1 42 PRO 42 40 40 PRO PRO A . n 
A 1 43 GLY 43 41 41 GLY GLY A . n 
A 1 44 GLY 44 42 42 GLY GLY A . n 
A 1 45 GLU 45 43 43 GLU GLU A . n 
A 1 46 GLU 46 44 44 GLU GLU A . n 
A 1 47 VAL 47 45 45 VAL VAL A . n 
A 1 48 LEU 48 46 46 LEU LEU A . n 
A 1 49 ILE 49 47 47 ILE ILE A . n 
A 1 50 GLU 50 48 48 GLU GLU A . n 
A 1 51 GLN 51 49 49 GLN GLN A . n 
A 1 52 ALA 52 50 50 ALA ALA A . n 
A 1 53 GLY 53 51 51 GLY GLY A . n 
A 1 54 LYS 54 52 52 LYS LYS A . n 
A 1 55 ASP 55 53 53 ASP ASP A . n 
A 1 56 ALA 56 54 54 ALA ALA A . n 
A 1 57 THR 57 55 55 THR THR A . n 
A 1 58 GLU 58 56 56 GLU GLU A . n 
A 1 59 HIS 59 57 57 HIS HIS A . n 
A 1 60 PHE 60 58 58 PHE PHE A . n 
A 1 61 GLU 61 59 59 GLU GLU A . n 
A 1 62 ASP 62 60 60 ASP ASP A . n 
A 1 63 VAL 63 61 61 VAL VAL A . n 
A 1 64 GLY 64 62 62 GLY GLY A . n 
A 1 65 HIS 65 63 63 HIS HIS A . n 
A 1 66 SER 66 64 64 SER SER A . n 
A 1 67 SER 67 65 65 SER SER A . n 
A 1 68 ASP 68 66 66 ASP ASP A . n 
A 1 69 ALA 69 67 67 ALA ALA A . n 
A 1 70 ARG 70 68 68 ARG ARG A . n 
A 1 71 GLU 71 69 69 GLU GLU A . n 
A 1 72 MET 72 70 70 MET MET A . n 
A 1 73 MET 73 71 71 MET MET A . n 
A 1 74 LYS 74 72 72 LYS LYS A . n 
A 1 75 GLN 75 73 73 GLN GLN A . n 
A 1 76 TYR 76 74 74 TYR TYR A . n 
A 1 77 LYS 77 75 75 LYS LYS A . n 
A 1 78 VAL 78 76 76 VAL VAL A . n 
A 1 79 GLY 79 77 77 GLY GLY A . n 
A 1 80 GLU 80 78 78 GLU GLU A . n 
A 1 81 LEU 81 79 79 LEU LEU A . n 
A 1 82 VAL 82 80 80 VAL VAL A . n 
A 1 83 ALA 83 81 81 ALA ALA A . n 
A 1 84 GLU 84 82 82 GLU GLU A . n 
A 1 85 GLU 85 83 83 GLU GLU A . n 
A 1 86 ARG 86 84 84 ARG ARG A . n 
A 1 87 SER 87 85 85 SER SER A . n 
A 1 88 ASN 88 86 86 ASN ASN A . n 
# 
loop_
_pdbx_nonpoly_scheme.asym_id 
_pdbx_nonpoly_scheme.entity_id 
_pdbx_nonpoly_scheme.mon_id 
_pdbx_nonpoly_scheme.ndb_seq_num 
_pdbx_nonpoly_scheme.pdb_seq_num 
_pdbx_nonpoly_scheme.auth_seq_num 
_pdbx_nonpoly_scheme.pdb_mon_id 
_pdbx_nonpoly_scheme.auth_mon_id 
_pdbx_nonpoly_scheme.pdb_strand_id 
_pdbx_nonpoly_scheme.pdb_ins_code 
B 2 MG  1   301 301 MG  MG  A . 
C 2 MG  1   302 302 MG  MG  A . 
D 3 HEM 1   201 201 HEM HEM A . 
E 4 HOH 1   303 1   HOH HOH A . 
E 4 HOH 2   304 2   HOH HOH A . 
E 4 HOH 3   305 3   HOH HOH A . 
E 4 HOH 4   306 4   HOH HOH A . 
E 4 HOH 5   307 5   HOH HOH A . 
E 4 HOH 6   308 6   HOH HOH A . 
E 4 HOH 7   309 7   HOH HOH A . 
E 4 HOH 8   310 8   HOH HOH A . 
E 4 HOH 9   311 9   HOH HOH A . 
E 4 HOH 10  312 10  HOH HOH A . 
E 4 HOH 11  313 11  HOH HOH A . 
E 4 HOH 12  314 12  HOH HOH A . 
E 4 HOH 13  315 13  HOH HOH A . 
E 4 HOH 14  316 14  HOH HOH A . 
E 4 HOH 15  317 15  HOH HOH A . 
E 4 HOH 16  318 16  HOH HOH A . 
E 4 HOH 17  319 17  HOH HOH A . 
E 4 HOH 18  320 18  HOH HOH A . 
E 4 HOH 19  321 19  HOH HOH A . 
E 4 HOH 20  322 20  HOH HOH A . 
E 4 HOH 21  323 21  HOH HOH A . 
E 4 HOH 22  324 22  HOH HOH A . 
E 4 HOH 23  325 23  HOH HOH A . 
E 4 HOH 24  326 24  HOH HOH A . 
E 4 HOH 25  327 25  HOH HOH A . 
E 4 HOH 26  328 26  HOH HOH A . 
E 4 HOH 27  329 27  HOH HOH A . 
E 4 HOH 28  330 28  HOH HOH A . 
E 4 HOH 29  331 29  HOH HOH A . 
E 4 HOH 30  332 30  HOH HOH A . 
E 4 HOH 31  333 31  HOH HOH A . 
E 4 HOH 32  334 32  HOH HOH A . 
E 4 HOH 33  335 33  HOH HOH A . 
E 4 HOH 34  336 34  HOH HOH A . 
E 4 HOH 35  337 35  HOH HOH A . 
E 4 HOH 36  338 36  HOH HOH A . 
E 4 HOH 37  339 37  HOH HOH A . 
E 4 HOH 38  340 38  HOH HOH A . 
E 4 HOH 39  341 39  HOH HOH A . 
E 4 HOH 40  342 40  HOH HOH A . 
E 4 HOH 41  343 41  HOH HOH A . 
E 4 HOH 42  344 42  HOH HOH A . 
E 4 HOH 43  345 43  HOH HOH A . 
E 4 HOH 44  346 44  HOH HOH A . 
E 4 HOH 45  347 45  HOH HOH A . 
E 4 HOH 46  348 46  HOH HOH A . 
E 4 HOH 47  349 47  HOH HOH A . 
E 4 HOH 48  350 48  HOH HOH A . 
E 4 HOH 49  351 49  HOH HOH A . 
E 4 HOH 50  352 50  HOH HOH A . 
E 4 HOH 51  353 51  HOH HOH A . 
E 4 HOH 52  354 52  HOH HOH A . 
E 4 HOH 53  355 53  HOH HOH A . 
E 4 HOH 54  356 54  HOH HOH A . 
E 4 HOH 55  357 55  HOH HOH A . 
E 4 HOH 56  358 56  HOH HOH A . 
E 4 HOH 57  359 57  HOH HOH A . 
E 4 HOH 58  360 58  HOH HOH A . 
E 4 HOH 59  361 59  HOH HOH A . 
E 4 HOH 60  362 60  HOH HOH A . 
E 4 HOH 61  363 61  HOH HOH A . 
E 4 HOH 62  364 62  HOH HOH A . 
E 4 HOH 63  365 63  HOH HOH A . 
E 4 HOH 64  366 64  HOH HOH A . 
E 4 HOH 65  367 65  HOH HOH A . 
E 4 HOH 66  368 66  HOH HOH A . 
E 4 HOH 67  369 67  HOH HOH A . 
E 4 HOH 68  370 68  HOH HOH A . 
E 4 HOH 69  371 69  HOH HOH A . 
E 4 HOH 70  372 70  HOH HOH A . 
E 4 HOH 71  373 71  HOH HOH A . 
E 4 HOH 72  374 72  HOH HOH A . 
E 4 HOH 73  375 73  HOH HOH A . 
E 4 HOH 74  376 74  HOH HOH A . 
E 4 HOH 75  377 75  HOH HOH A . 
E 4 HOH 76  378 76  HOH HOH A . 
E 4 HOH 77  379 77  HOH HOH A . 
E 4 HOH 78  380 78  HOH HOH A . 
E 4 HOH 79  381 79  HOH HOH A . 
E 4 HOH 80  382 80  HOH HOH A . 
E 4 HOH 81  383 81  HOH HOH A . 
E 4 HOH 82  384 82  HOH HOH A . 
E 4 HOH 83  385 83  HOH HOH A . 
E 4 HOH 84  386 85  HOH HOH A . 
E 4 HOH 85  387 87  HOH HOH A . 
E 4 HOH 86  388 88  HOH HOH A . 
E 4 HOH 87  389 89  HOH HOH A . 
E 4 HOH 88  390 90  HOH HOH A . 
E 4 HOH 89  391 91  HOH HOH A . 
E 4 HOH 90  392 92  HOH HOH A . 
E 4 HOH 91  393 93  HOH HOH A . 
E 4 HOH 92  394 94  HOH HOH A . 
E 4 HOH 93  395 95  HOH HOH A . 
E 4 HOH 94  396 96  HOH HOH A . 
E 4 HOH 95  397 97  HOH HOH A . 
E 4 HOH 96  398 98  HOH HOH A . 
E 4 HOH 97  399 99  HOH HOH A . 
E 4 HOH 98  400 100 HOH HOH A . 
E 4 HOH 99  401 101 HOH HOH A . 
E 4 HOH 100 402 102 HOH HOH A . 
E 4 HOH 101 403 103 HOH HOH A . 
E 4 HOH 102 404 104 HOH HOH A . 
E 4 HOH 103 405 105 HOH HOH A . 
E 4 HOH 104 406 106 HOH HOH A . 
E 4 HOH 105 407 107 HOH HOH A . 
E 4 HOH 106 408 109 HOH HOH A . 
E 4 HOH 107 409 110 HOH HOH A . 
E 4 HOH 108 410 111 HOH HOH A . 
E 4 HOH 109 411 112 HOH HOH A . 
E 4 HOH 110 412 113 HOH HOH A . 
E 4 HOH 111 413 114 HOH HOH A . 
E 4 HOH 112 414 115 HOH HOH A . 
E 4 HOH 113 415 116 HOH HOH A . 
E 4 HOH 114 416 118 HOH HOH A . 
E 4 HOH 115 417 120 HOH HOH A . 
E 4 HOH 116 418 121 HOH HOH A . 
E 4 HOH 117 419 122 HOH HOH A . 
E 4 HOH 118 420 123 HOH HOH A . 
E 4 HOH 119 421 124 HOH HOH A . 
E 4 HOH 120 422 125 HOH HOH A . 
E 4 HOH 121 423 126 HOH HOH A . 
E 4 HOH 122 424 128 HOH HOH A . 
E 4 HOH 123 425 129 HOH HOH A . 
E 4 HOH 124 426 130 HOH HOH A . 
E 4 HOH 125 427 131 HOH HOH A . 
E 4 HOH 126 428 132 HOH HOH A . 
E 4 HOH 127 429 133 HOH HOH A . 
E 4 HOH 128 430 134 HOH HOH A . 
E 4 HOH 129 431 135 HOH HOH A . 
E 4 HOH 130 432 136 HOH HOH A . 
E 4 HOH 131 433 137 HOH HOH A . 
E 4 HOH 132 434 138 HOH HOH A . 
E 4 HOH 133 435 139 HOH HOH A . 
E 4 HOH 134 436 140 HOH HOH A . 
E 4 HOH 135 437 141 HOH HOH A . 
E 4 HOH 136 438 142 HOH HOH A . 
E 4 HOH 137 439 143 HOH HOH A . 
E 4 HOH 138 440 144 HOH HOH A . 
E 4 HOH 139 441 145 HOH HOH A . 
E 4 HOH 140 442 146 HOH HOH A . 
E 4 HOH 141 443 147 HOH HOH A . 
E 4 HOH 142 444 148 HOH HOH A . 
E 4 HOH 143 445 149 HOH HOH A . 
E 4 HOH 144 446 150 HOH HOH A . 
E 4 HOH 145 447 151 HOH HOH A . 
E 4 HOH 146 448 152 HOH HOH A . 
E 4 HOH 147 449 153 HOH HOH A . 
E 4 HOH 148 450 154 HOH HOH A . 
E 4 HOH 149 451 155 HOH HOH A . 
E 4 HOH 150 452 156 HOH HOH A . 
E 4 HOH 151 453 157 HOH HOH A . 
E 4 HOH 152 454 159 HOH HOH A . 
E 4 HOH 153 455 160 HOH HOH A . 
E 4 HOH 154 456 161 HOH HOH A . 
E 4 HOH 155 457 162 HOH HOH A . 
E 4 HOH 156 458 163 HOH HOH A . 
E 4 HOH 157 459 165 HOH HOH A . 
E 4 HOH 158 460 167 HOH HOH A . 
E 4 HOH 159 461 168 HOH HOH A . 
E 4 HOH 160 462 169 HOH HOH A . 
E 4 HOH 161 463 170 HOH HOH A . 
E 4 HOH 162 464 171 HOH HOH A . 
E 4 HOH 163 465 173 HOH HOH A . 
E 4 HOH 164 466 176 HOH HOH A . 
E 4 HOH 165 467 177 HOH HOH A . 
E 4 HOH 166 468 178 HOH HOH A . 
E 4 HOH 167 469 179 HOH HOH A . 
E 4 HOH 168 470 180 HOH HOH A . 
E 4 HOH 169 471 182 HOH HOH A . 
E 4 HOH 170 472 183 HOH HOH A . 
# 
_pdbx_struct_assembly.id                   1 
_pdbx_struct_assembly.details              author_defined_assembly 
_pdbx_struct_assembly.method_details       ? 
_pdbx_struct_assembly.oligomeric_details   monomeric 
_pdbx_struct_assembly.oligomeric_count     1 
# 
_pdbx_struct_assembly_gen.assembly_id       1 
_pdbx_struct_assembly_gen.oper_expression   1 
_pdbx_struct_assembly_gen.asym_id_list      A,B,C,D,E 
# 
_pdbx_struct_oper_list.id                   1 
_pdbx_struct_oper_list.type                 'identity operation' 
_pdbx_struct_oper_list.name                 1_555 
_pdbx_struct_oper_list.symmetry_operation   x,y,z 
_pdbx_struct_oper_list.matrix[1][1]         1.0000000000 
_pdbx_struct_oper_list.matrix[1][2]         0.0000000000 
_pdbx_struct_oper_list.matrix[1][3]         0.0000000000 
_pdbx_struct_oper_list.vector[1]            0.0000000000 
_pdbx_struct_oper_list.matrix[2][1]         0.0000000000 
_pdbx_struct_oper_list.matrix[2][2]         1.0000000000 
_pdbx_struct_oper_list.matrix[2][3]         0.0000000000 
_pdbx_struct_oper_list.vector[2]            0.0000000000 
_pdbx_struct_oper_list.matrix[3][1]         0.0000000000 
_pdbx_struct_oper_list.matrix[3][2]         0.0000000000 
_pdbx_struct_oper_list.matrix[3][3]         1.0000000000 
_pdbx_struct_oper_list.vector[3]            0.0000000000 
# 
loop_
_pdbx_struct_conn_angle.id 
_pdbx_struct_conn_angle.ptnr1_label_atom_id 
_pdbx_struct_conn_angle.ptnr1_label_alt_id 
_pdbx_struct_conn_angle.ptnr1_label_asym_id 
_pdbx_struct_conn_angle.ptnr1_label_comp_id 
_pdbx_struct_conn_angle.ptnr1_label_seq_id 
_pdbx_struct_conn_angle.ptnr1_auth_atom_id 
_pdbx_struct_conn_angle.ptnr1_auth_asym_id 
_pdbx_struct_conn_angle.ptnr1_auth_comp_id 
_pdbx_struct_conn_angle.ptnr1_auth_seq_id 
_pdbx_struct_conn_angle.ptnr1_PDB_ins_code 
_pdbx_struct_conn_angle.ptnr1_symmetry 
_pdbx_struct_conn_angle.ptnr2_label_atom_id 
_pdbx_struct_conn_angle.ptnr2_label_alt_id 
_pdbx_struct_conn_angle.ptnr2_label_asym_id 
_pdbx_struct_conn_angle.ptnr2_label_comp_id 
_pdbx_struct_conn_angle.ptnr2_label_seq_id 
_pdbx_struct_conn_angle.ptnr2_auth_atom_id 
_pdbx_struct_conn_angle.ptnr2_auth_asym_id 
_pdbx_struct_conn_angle.ptnr2_auth_comp_id 
_pdbx_struct_conn_angle.ptnr2_auth_seq_id 
_pdbx_struct_conn_angle.ptnr2_PDB_ins_code 
_pdbx_struct_conn_angle.ptnr2_symmetry 
_pdbx_struct_conn_angle.ptnr3_label_atom_id 
_pdbx_struct_conn_angle.ptnr3_label_alt_id 
_pdbx_struct_conn_angle.ptnr3_label_asym_id 
_pdbx_struct_conn_angle.ptnr3_label_comp_id 
_pdbx_struct_conn_angle.ptnr3_label_seq_id 
_pdbx_struct_conn_angle.ptnr3_auth_atom_id 
_pdbx_struct_conn_angle.ptnr3_auth_asym_id 
_pdbx_struct_conn_angle.ptnr3_auth_comp_id 
_pdbx_struct_conn_angle.ptnr3_auth_seq_id 
_pdbx_struct_conn_angle.ptnr3_PDB_ins_code 
_pdbx_struct_conn_angle.ptnr3_symmetry 
_pdbx_struct_conn_angle.value 
_pdbx_struct_conn_angle.value_esd 
1  NE2 ? A HIS 41 ? A HIS 39  ? 1_555 FE A D HEM . ? A HEM 201 ? 1_555 NA  A D HEM .  ? A HEM 201 ? 1_555 91.2  ? 
2  NE2 ? A HIS 41 ? A HIS 39  ? 1_555 FE A D HEM . ? A HEM 201 ? 1_555 NB  A D HEM .  ? A HEM 201 ? 1_555 93.4  ? 
3  NA  A D HEM .  ? A HEM 201 ? 1_555 FE A D HEM . ? A HEM 201 ? 1_555 NB  A D HEM .  ? A HEM 201 ? 1_555 89.4  ? 
4  NE2 ? A HIS 41 ? A HIS 39  ? 1_555 FE A D HEM . ? A HEM 201 ? 1_555 NC  A D HEM .  ? A HEM 201 ? 1_555 88.1  ? 
5  NA  A D HEM .  ? A HEM 201 ? 1_555 FE A D HEM . ? A HEM 201 ? 1_555 NC  A D HEM .  ? A HEM 201 ? 1_555 178.9 ? 
6  NB  A D HEM .  ? A HEM 201 ? 1_555 FE A D HEM . ? A HEM 201 ? 1_555 NC  A D HEM .  ? A HEM 201 ? 1_555 89.8  ? 
7  NE2 ? A HIS 41 ? A HIS 39  ? 1_555 FE A D HEM . ? A HEM 201 ? 1_555 ND  A D HEM .  ? A HEM 201 ? 1_555 90.8  ? 
8  NA  A D HEM .  ? A HEM 201 ? 1_555 FE A D HEM . ? A HEM 201 ? 1_555 ND  A D HEM .  ? A HEM 201 ? 1_555 90.4  ? 
9  NB  A D HEM .  ? A HEM 201 ? 1_555 FE A D HEM . ? A HEM 201 ? 1_555 ND  A D HEM .  ? A HEM 201 ? 1_555 175.8 ? 
10 NC  A D HEM .  ? A HEM 201 ? 1_555 FE A D HEM . ? A HEM 201 ? 1_555 ND  A D HEM .  ? A HEM 201 ? 1_555 90.5  ? 
11 NE2 ? A HIS 41 ? A HIS 39  ? 1_555 FE A D HEM . ? A HEM 201 ? 1_555 NE2 ? A HIS 65 ? A HIS 63  ? 1_555 175.5 ? 
12 NA  A D HEM .  ? A HEM 201 ? 1_555 FE A D HEM . ? A HEM 201 ? 1_555 NE2 ? A HIS 65 ? A HIS 63  ? 1_555 89.9  ? 
13 NB  A D HEM .  ? A HEM 201 ? 1_555 FE A D HEM . ? A HEM 201 ? 1_555 NE2 ? A HIS 65 ? A HIS 63  ? 1_555 90.9  ? 
14 NC  A D HEM .  ? A HEM 201 ? 1_555 FE A D HEM . ? A HEM 201 ? 1_555 NE2 ? A HIS 65 ? A HIS 63  ? 1_555 90.9  ? 
15 ND  A D HEM .  ? A HEM 201 ? 1_555 FE A D HEM . ? A HEM 201 ? 1_555 NE2 ? A HIS 65 ? A HIS 63  ? 1_555 84.9  ? 
16 NE2 ? A HIS 41 ? A HIS 39  ? 1_555 FE B D HEM . ? A HEM 201 ? 1_555 NA  A D HEM .  ? A HEM 201 ? 1_555 84.1  ? 
17 NE2 ? A HIS 41 ? A HIS 39  ? 1_555 FE B D HEM . ? A HEM 201 ? 1_555 NB  A D HEM .  ? A HEM 201 ? 1_555 83.5  ? 
18 NA  A D HEM .  ? A HEM 201 ? 1_555 FE B D HEM . ? A HEM 201 ? 1_555 NB  A D HEM .  ? A HEM 201 ? 1_555 83.7  ? 
19 NE2 ? A HIS 41 ? A HIS 39  ? 1_555 FE B D HEM . ? A HEM 201 ? 1_555 NC  A D HEM .  ? A HEM 201 ? 1_555 83.0  ? 
20 NA  A D HEM .  ? A HEM 201 ? 1_555 FE B D HEM . ? A HEM 201 ? 1_555 NC  A D HEM .  ? A HEM 201 ? 1_555 164.3 ? 
21 NB  A D HEM .  ? A HEM 201 ? 1_555 FE B D HEM . ? A HEM 201 ? 1_555 NC  A D HEM .  ? A HEM 201 ? 1_555 85.9  ? 
22 NE2 ? A HIS 41 ? A HIS 39  ? 1_555 FE B D HEM . ? A HEM 201 ? 1_555 ND  A D HEM .  ? A HEM 201 ? 1_555 88.8  ? 
23 NA  A D HEM .  ? A HEM 201 ? 1_555 FE B D HEM . ? A HEM 201 ? 1_555 ND  A D HEM .  ? A HEM 201 ? 1_555 93.1  ? 
24 NB  A D HEM .  ? A HEM 201 ? 1_555 FE B D HEM . ? A HEM 201 ? 1_555 ND  A D HEM .  ? A HEM 201 ? 1_555 172.0 ? 
25 NC  A D HEM .  ? A HEM 201 ? 1_555 FE B D HEM . ? A HEM 201 ? 1_555 ND  A D HEM .  ? A HEM 201 ? 1_555 95.7  ? 
26 NE2 ? A HIS 41 ? A HIS 39  ? 1_555 FE B D HEM . ? A HEM 201 ? 1_555 NE2 ? A HIS 65 ? A HIS 63  ? 1_555 175.7 ? 
27 NA  A D HEM .  ? A HEM 201 ? 1_555 FE B D HEM . ? A HEM 201 ? 1_555 NE2 ? A HIS 65 ? A HIS 63  ? 1_555 94.3  ? 
28 NB  A D HEM .  ? A HEM 201 ? 1_555 FE B D HEM . ? A HEM 201 ? 1_555 NE2 ? A HIS 65 ? A HIS 63  ? 1_555 92.3  ? 
29 NC  A D HEM .  ? A HEM 201 ? 1_555 FE B D HEM . ? A HEM 201 ? 1_555 NE2 ? A HIS 65 ? A HIS 63  ? 1_555 97.9  ? 
30 ND  A D HEM .  ? A HEM 201 ? 1_555 FE B D HEM . ? A HEM 201 ? 1_555 NE2 ? A HIS 65 ? A HIS 63  ? 1_555 95.3  ? 
31 O   ? E HOH .  ? A HOH 328 ? 3_645 MG ? B MG  . ? A MG  301 ? 1_555 O   ? E HOH .  ? A HOH 393 ? 1_555 103.5 ? 
32 O   ? E HOH .  ? A HOH 328 ? 3_645 MG ? B MG  . ? A MG  301 ? 1_555 O   ? E HOH .  ? A HOH 400 ? 3_645 87.5  ? 
33 O   ? E HOH .  ? A HOH 393 ? 1_555 MG ? B MG  . ? A MG  301 ? 1_555 O   ? E HOH .  ? A HOH 400 ? 3_645 92.0  ? 
34 O   ? E HOH .  ? A HOH 328 ? 3_645 MG ? B MG  . ? A MG  301 ? 1_555 O   ? E HOH .  ? A HOH 422 ? 3_645 80.7  ? 
35 O   ? E HOH .  ? A HOH 393 ? 1_555 MG ? B MG  . ? A MG  301 ? 1_555 O   ? E HOH .  ? A HOH 422 ? 3_645 167.9 ? 
36 O   ? E HOH .  ? A HOH 400 ? 3_645 MG ? B MG  . ? A MG  301 ? 1_555 O   ? E HOH .  ? A HOH 422 ? 3_645 99.5  ? 
37 O   ? E HOH .  ? A HOH 328 ? 3_645 MG ? B MG  . ? A MG  301 ? 1_555 O   ? E HOH .  ? A HOH 427 ? 1_555 174.7 ? 
38 O   ? E HOH .  ? A HOH 393 ? 1_555 MG ? B MG  . ? A MG  301 ? 1_555 O   ? E HOH .  ? A HOH 427 ? 1_555 72.8  ? 
39 O   ? E HOH .  ? A HOH 400 ? 3_645 MG ? B MG  . ? A MG  301 ? 1_555 O   ? E HOH .  ? A HOH 427 ? 1_555 96.3  ? 
40 O   ? E HOH .  ? A HOH 422 ? 3_645 MG ? B MG  . ? A MG  301 ? 1_555 O   ? E HOH .  ? A HOH 427 ? 1_555 102.1 ? 
41 O   ? E HOH .  ? A HOH 328 ? 3_645 MG ? B MG  . ? A MG  301 ? 1_555 O   ? E HOH .  ? A HOH 462 ? 3_645 89.0  ? 
42 O   ? E HOH .  ? A HOH 393 ? 1_555 MG ? B MG  . ? A MG  301 ? 1_555 O   ? E HOH .  ? A HOH 462 ? 3_645 94.1  ? 
43 O   ? E HOH .  ? A HOH 400 ? 3_645 MG ? B MG  . ? A MG  301 ? 1_555 O   ? E HOH .  ? A HOH 462 ? 3_645 173.5 ? 
44 O   ? E HOH .  ? A HOH 422 ? 3_645 MG ? B MG  . ? A MG  301 ? 1_555 O   ? E HOH .  ? A HOH 462 ? 3_645 74.5  ? 
45 O   ? E HOH .  ? A HOH 427 ? 1_555 MG ? B MG  . ? A MG  301 ? 1_555 O   ? E HOH .  ? A HOH 462 ? 3_645 87.5  ? 
46 O   ? E HOH .  ? A HOH 360 ? 1_555 MG ? C MG  . ? A MG  302 ? 1_555 O   ? E HOH .  ? A HOH 382 ? 1_555 94.2  ? 
47 O   ? E HOH .  ? A HOH 360 ? 1_555 MG ? C MG  . ? A MG  302 ? 1_555 O   ? E HOH .  ? A HOH 412 ? 1_555 175.7 ? 
48 O   ? E HOH .  ? A HOH 382 ? 1_555 MG ? C MG  . ? A MG  302 ? 1_555 O   ? E HOH .  ? A HOH 412 ? 1_555 85.5  ? 
49 O   ? E HOH .  ? A HOH 360 ? 1_555 MG ? C MG  . ? A MG  302 ? 1_555 O   ? E HOH .  ? A HOH 426 ? 1_555 91.2  ? 
50 O   ? E HOH .  ? A HOH 382 ? 1_555 MG ? C MG  . ? A MG  302 ? 1_555 O   ? E HOH .  ? A HOH 426 ? 1_555 108.6 ? 
51 O   ? E HOH .  ? A HOH 412 ? 1_555 MG ? C MG  . ? A MG  302 ? 1_555 O   ? E HOH .  ? A HOH 426 ? 1_555 93.0  ? 
52 O   ? E HOH .  ? A HOH 360 ? 1_555 MG ? C MG  . ? A MG  302 ? 1_555 O   ? E HOH .  ? A HOH 458 ? 1_555 87.5  ? 
53 O   ? E HOH .  ? A HOH 382 ? 1_555 MG ? C MG  . ? A MG  302 ? 1_555 O   ? E HOH .  ? A HOH 458 ? 1_555 82.9  ? 
54 O   ? E HOH .  ? A HOH 412 ? 1_555 MG ? C MG  . ? A MG  302 ? 1_555 O   ? E HOH .  ? A HOH 458 ? 1_555 88.3  ? 
55 O   ? E HOH .  ? A HOH 426 ? 1_555 MG ? C MG  . ? A MG  302 ? 1_555 O   ? E HOH .  ? A HOH 458 ? 1_555 168.5 ? 
# 
loop_
_pdbx_audit_revision_history.ordinal 
_pdbx_audit_revision_history.data_content_type 
_pdbx_audit_revision_history.major_revision 
_pdbx_audit_revision_history.minor_revision 
_pdbx_audit_revision_history.revision_date 
1 'Structure model' 1 0 2007-02-27 
2 'Structure model' 1 1 2008-05-01 
3 'Structure model' 1 2 2011-07-13 
4 'Structure model' 1 3 2017-10-18 
5 'Structure model' 1 4 2023-08-30 
# 
_pdbx_audit_revision_details.ordinal             1 
_pdbx_audit_revision_details.revision_ordinal    1 
_pdbx_audit_revision_details.data_content_type   'Structure model' 
_pdbx_audit_revision_details.provider            repository 
_pdbx_audit_revision_details.type                'Initial release' 
_pdbx_audit_revision_details.description         ? 
_pdbx_audit_revision_details.details             ? 
# 
loop_
_pdbx_audit_revision_group.ordinal 
_pdbx_audit_revision_group.revision_ordinal 
_pdbx_audit_revision_group.data_content_type 
_pdbx_audit_revision_group.group 
1 2 'Structure model' 'Version format compliance' 
2 3 'Structure model' 'Version format compliance' 
3 4 'Structure model' Advisory                    
4 4 'Structure model' 'Refinement description'    
5 5 'Structure model' Advisory                    
6 5 'Structure model' 'Data collection'           
7 5 'Structure model' 'Database references'       
8 5 'Structure model' 'Derived calculations'      
9 5 'Structure model' 'Refinement description'    
# 
loop_
_pdbx_audit_revision_category.ordinal 
_pdbx_audit_revision_category.revision_ordinal 
_pdbx_audit_revision_category.data_content_type 
_pdbx_audit_revision_category.category 
1  4 'Structure model' pdbx_unobs_or_zero_occ_atoms  
2  4 'Structure model' software                      
3  5 'Structure model' chem_comp_atom                
4  5 'Structure model' chem_comp_bond                
5  5 'Structure model' database_2                    
6  5 'Structure model' pdbx_initial_refinement_model 
7  5 'Structure model' pdbx_struct_conn_angle        
8  5 'Structure model' pdbx_unobs_or_zero_occ_atoms  
9  5 'Structure model' struct_conn                   
10 5 'Structure model' struct_site                   
# 
loop_
_pdbx_audit_revision_item.ordinal 
_pdbx_audit_revision_item.revision_ordinal 
_pdbx_audit_revision_item.data_content_type 
_pdbx_audit_revision_item.item 
1  5 'Structure model' '_database_2.pdbx_DOI'                       
2  5 'Structure model' '_database_2.pdbx_database_accession'        
3  5 'Structure model' '_pdbx_struct_conn_angle.ptnr1_auth_seq_id'  
4  5 'Structure model' '_pdbx_struct_conn_angle.ptnr1_label_seq_id' 
5  5 'Structure model' '_pdbx_struct_conn_angle.ptnr1_symmetry'     
6  5 'Structure model' '_pdbx_struct_conn_angle.ptnr2_label_alt_id' 
7  5 'Structure model' '_pdbx_struct_conn_angle.ptnr3_auth_seq_id'  
8  5 'Structure model' '_pdbx_struct_conn_angle.ptnr3_label_seq_id' 
9  5 'Structure model' '_pdbx_struct_conn_angle.ptnr3_symmetry'     
10 5 'Structure model' '_pdbx_struct_conn_angle.value'              
11 5 'Structure model' '_struct_conn.pdbx_dist_value'               
12 5 'Structure model' '_struct_conn.pdbx_ptnr1_label_alt_id'       
13 5 'Structure model' '_struct_conn.pdbx_ptnr2_label_alt_id'       
14 5 'Structure model' '_struct_conn.ptnr1_auth_comp_id'            
15 5 'Structure model' '_struct_conn.ptnr1_auth_seq_id'             
16 5 'Structure model' '_struct_conn.ptnr1_label_asym_id'           
17 5 'Structure model' '_struct_conn.ptnr1_label_atom_id'           
18 5 'Structure model' '_struct_conn.ptnr1_label_comp_id'           
19 5 'Structure model' '_struct_conn.ptnr1_label_seq_id'            
20 5 'Structure model' '_struct_conn.ptnr2_auth_comp_id'            
21 5 'Structure model' '_struct_conn.ptnr2_auth_seq_id'             
22 5 'Structure model' '_struct_conn.ptnr2_label_asym_id'           
23 5 'Structure model' '_struct_conn.ptnr2_label_atom_id'           
24 5 'Structure model' '_struct_conn.ptnr2_label_comp_id'           
25 5 'Structure model' '_struct_conn.ptnr2_label_seq_id'            
26 5 'Structure model' '_struct_conn.ptnr2_symmetry'                
27 5 'Structure model' '_struct_site.pdbx_auth_asym_id'             
28 5 'Structure model' '_struct_site.pdbx_auth_comp_id'             
29 5 'Structure model' '_struct_site.pdbx_auth_seq_id'              
# 
loop_
_software.name 
_software.version 
_software.date 
_software.type 
_software.contact_author 
_software.contact_author_email 
_software.classification 
_software.location 
_software.language 
_software.citation_id 
_software.pdbx_ordinal 
DENZO       .     ?                package 'Zbyszek Otwinowski' zbyszek@mix.swmed.edu    'data reduction'  
http://www.lnls.br/infra/linhasluz/denzo-hkl.htm ?          ? 1 
SCALEPACK   .     ?                package 'Zbyszek Otwinowski' zbyszek@mix.swmed.edu    'data scaling'    
http://www.lnls.br/infra/linhasluz/denzo-hkl.htm ?          ? 2 
AMoRE       .     ?                program 'Jorge Navaza'       ccp4@dl.ac.uk            phasing           
http://www.ccp4.ac.uk/main.html                  Fortran_77 ? 3 
CNS         .     ?                package 'Axel T. Brunger'    axel.brunger@yale.edu    refinement        
http://cns.csb.yale.edu/v1.1/                    Fortran_77 ? 4 
PDB_EXTRACT 2.000 'April. 3, 2006' package PDB                  sw-help@rcsb.rutgers.edu 'data extraction' 
http://pdb.rutgers.edu/software/                 C++        ? 5 
MAR345      345   ?                ?       ?                    ?                        'data collection' ? ?          ? 6 
# 
loop_
_pdbx_validate_torsion.id 
_pdbx_validate_torsion.PDB_model_num 
_pdbx_validate_torsion.auth_comp_id 
_pdbx_validate_torsion.auth_asym_id 
_pdbx_validate_torsion.auth_seq_id 
_pdbx_validate_torsion.PDB_ins_code 
_pdbx_validate_torsion.label_alt_id 
_pdbx_validate_torsion.phi 
_pdbx_validate_torsion.psi 
1 1 ASN A 15 ? ? -100.71 75.81 
2 1 LYS A 20 ? A -153.09 71.35 
3 1 LYS A 20 ? B -153.42 61.93 
# 
loop_
_pdbx_unobs_or_zero_occ_atoms.id 
_pdbx_unobs_or_zero_occ_atoms.PDB_model_num 
_pdbx_unobs_or_zero_occ_atoms.polymer_flag 
_pdbx_unobs_or_zero_occ_atoms.occupancy_flag 
_pdbx_unobs_or_zero_occ_atoms.auth_asym_id 
_pdbx_unobs_or_zero_occ_atoms.auth_comp_id 
_pdbx_unobs_or_zero_occ_atoms.auth_seq_id 
_pdbx_unobs_or_zero_occ_atoms.PDB_ins_code 
_pdbx_unobs_or_zero_occ_atoms.auth_atom_id 
_pdbx_unobs_or_zero_occ_atoms.label_alt_id 
_pdbx_unobs_or_zero_occ_atoms.label_asym_id 
_pdbx_unobs_or_zero_occ_atoms.label_comp_id 
_pdbx_unobs_or_zero_occ_atoms.label_seq_id 
_pdbx_unobs_or_zero_occ_atoms.label_atom_id 
1 1 Y 0 A SER 65 ? N  B A SER 67 N  
2 1 Y 0 A SER 65 ? CA B A SER 67 CA 
3 1 Y 0 A SER 65 ? C  B A SER 67 C  
4 1 Y 0 A SER 65 ? O  B A SER 67 O  
5 1 Y 0 A SER 65 ? CB B A SER 67 CB 
# 
loop_
_pdbx_unobs_or_zero_occ_residues.id 
_pdbx_unobs_or_zero_occ_residues.PDB_model_num 
_pdbx_unobs_or_zero_occ_residues.polymer_flag 
_pdbx_unobs_or_zero_occ_residues.occupancy_flag 
_pdbx_unobs_or_zero_occ_residues.auth_asym_id 
_pdbx_unobs_or_zero_occ_residues.auth_comp_id 
_pdbx_unobs_or_zero_occ_residues.auth_seq_id 
_pdbx_unobs_or_zero_occ_residues.PDB_ins_code 
_pdbx_unobs_or_zero_occ_residues.label_asym_id 
_pdbx_unobs_or_zero_occ_residues.label_comp_id 
_pdbx_unobs_or_zero_occ_residues.label_seq_id 
1 1 Y 1 A MET -1 ? A MET 1 
2 1 Y 1 A SER 0  ? A SER 2 
# 
loop_
_chem_comp_atom.comp_id 
_chem_comp_atom.atom_id 
_chem_comp_atom.type_symbol 
_chem_comp_atom.pdbx_aromatic_flag 
_chem_comp_atom.pdbx_stereo_config 
_chem_comp_atom.pdbx_ordinal 
ALA N    N  N N 1   
ALA CA   C  N S 2   
ALA C    C  N N 3   
ALA O    O  N N 4   
ALA CB   C  N N 5   
ALA OXT  O  N N 6   
ALA H    H  N N 7   
ALA H2   H  N N 8   
ALA HA   H  N N 9   
ALA HB1  H  N N 10  
ALA HB2  H  N N 11  
ALA HB3  H  N N 12  
ALA HXT  H  N N 13  
ARG N    N  N N 14  
ARG CA   C  N S 15  
ARG C    C  N N 16  
ARG O    O  N N 17  
ARG CB   C  N N 18  
ARG CG   C  N N 19  
ARG CD   C  N N 20  
ARG NE   N  N N 21  
ARG CZ   C  N N 22  
ARG NH1  N  N N 23  
ARG NH2  N  N N 24  
ARG OXT  O  N N 25  
ARG H    H  N N 26  
ARG H2   H  N N 27  
ARG HA   H  N N 28  
ARG HB2  H  N N 29  
ARG HB3  H  N N 30  
ARG HG2  H  N N 31  
ARG HG3  H  N N 32  
ARG HD2  H  N N 33  
ARG HD3  H  N N 34  
ARG HE   H  N N 35  
ARG HH11 H  N N 36  
ARG HH12 H  N N 37  
ARG HH21 H  N N 38  
ARG HH22 H  N N 39  
ARG HXT  H  N N 40  
ASN N    N  N N 41  
ASN CA   C  N S 42  
ASN C    C  N N 43  
ASN O    O  N N 44  
ASN CB   C  N N 45  
ASN CG   C  N N 46  
ASN OD1  O  N N 47  
ASN ND2  N  N N 48  
ASN OXT  O  N N 49  
ASN H    H  N N 50  
ASN H2   H  N N 51  
ASN HA   H  N N 52  
ASN HB2  H  N N 53  
ASN HB3  H  N N 54  
ASN HD21 H  N N 55  
ASN HD22 H  N N 56  
ASN HXT  H  N N 57  
ASP N    N  N N 58  
ASP CA   C  N S 59  
ASP C    C  N N 60  
ASP O    O  N N 61  
ASP CB   C  N N 62  
ASP CG   C  N N 63  
ASP OD1  O  N N 64  
ASP OD2  O  N N 65  
ASP OXT  O  N N 66  
ASP H    H  N N 67  
ASP H2   H  N N 68  
ASP HA   H  N N 69  
ASP HB2  H  N N 70  
ASP HB3  H  N N 71  
ASP HD2  H  N N 72  
ASP HXT  H  N N 73  
GLN N    N  N N 74  
GLN CA   C  N S 75  
GLN C    C  N N 76  
GLN O    O  N N 77  
GLN CB   C  N N 78  
GLN CG   C  N N 79  
GLN CD   C  N N 80  
GLN OE1  O  N N 81  
GLN NE2  N  N N 82  
GLN OXT  O  N N 83  
GLN H    H  N N 84  
GLN H2   H  N N 85  
GLN HA   H  N N 86  
GLN HB2  H  N N 87  
GLN HB3  H  N N 88  
GLN HG2  H  N N 89  
GLN HG3  H  N N 90  
GLN HE21 H  N N 91  
GLN HE22 H  N N 92  
GLN HXT  H  N N 93  
GLU N    N  N N 94  
GLU CA   C  N S 95  
GLU C    C  N N 96  
GLU O    O  N N 97  
GLU CB   C  N N 98  
GLU CG   C  N N 99  
GLU CD   C  N N 100 
GLU OE1  O  N N 101 
GLU OE2  O  N N 102 
GLU OXT  O  N N 103 
GLU H    H  N N 104 
GLU H2   H  N N 105 
GLU HA   H  N N 106 
GLU HB2  H  N N 107 
GLU HB3  H  N N 108 
GLU HG2  H  N N 109 
GLU HG3  H  N N 110 
GLU HE2  H  N N 111 
GLU HXT  H  N N 112 
GLY N    N  N N 113 
GLY CA   C  N N 114 
GLY C    C  N N 115 
GLY O    O  N N 116 
GLY OXT  O  N N 117 
GLY H    H  N N 118 
GLY H2   H  N N 119 
GLY HA2  H  N N 120 
GLY HA3  H  N N 121 
GLY HXT  H  N N 122 
HEM CHA  C  N N 123 
HEM CHB  C  N N 124 
HEM CHC  C  N N 125 
HEM CHD  C  N N 126 
HEM C1A  C  Y N 127 
HEM C2A  C  Y N 128 
HEM C3A  C  Y N 129 
HEM C4A  C  Y N 130 
HEM CMA  C  N N 131 
HEM CAA  C  N N 132 
HEM CBA  C  N N 133 
HEM CGA  C  N N 134 
HEM O1A  O  N N 135 
HEM O2A  O  N N 136 
HEM C1B  C  N N 137 
HEM C2B  C  N N 138 
HEM C3B  C  N N 139 
HEM C4B  C  N N 140 
HEM CMB  C  N N 141 
HEM CAB  C  N N 142 
HEM CBB  C  N N 143 
HEM C1C  C  Y N 144 
HEM C2C  C  Y N 145 
HEM C3C  C  Y N 146 
HEM C4C  C  Y N 147 
HEM CMC  C  N N 148 
HEM CAC  C  N N 149 
HEM CBC  C  N N 150 
HEM C1D  C  N N 151 
HEM C2D  C  N N 152 
HEM C3D  C  N N 153 
HEM C4D  C  N N 154 
HEM CMD  C  N N 155 
HEM CAD  C  N N 156 
HEM CBD  C  N N 157 
HEM CGD  C  N N 158 
HEM O1D  O  N N 159 
HEM O2D  O  N N 160 
HEM NA   N  Y N 161 
HEM NB   N  N N 162 
HEM NC   N  Y N 163 
HEM ND   N  N N 164 
HEM FE   FE N N 165 
HEM HHB  H  N N 166 
HEM HHC  H  N N 167 
HEM HHD  H  N N 168 
HEM HMA  H  N N 169 
HEM HMAA H  N N 170 
HEM HMAB H  N N 171 
HEM HAA  H  N N 172 
HEM HAAA H  N N 173 
HEM HBA  H  N N 174 
HEM HBAA H  N N 175 
HEM HMB  H  N N 176 
HEM HMBA H  N N 177 
HEM HMBB H  N N 178 
HEM HAB  H  N N 179 
HEM HBB  H  N N 180 
HEM HBBA H  N N 181 
HEM HMC  H  N N 182 
HEM HMCA H  N N 183 
HEM HMCB H  N N 184 
HEM HAC  H  N N 185 
HEM HBC  H  N N 186 
HEM HBCA H  N N 187 
HEM HMD  H  N N 188 
HEM HMDA H  N N 189 
HEM HMDB H  N N 190 
HEM HAD  H  N N 191 
HEM HADA H  N N 192 
HEM HBD  H  N N 193 
HEM HBDA H  N N 194 
HEM H2A  H  N N 195 
HEM H2D  H  N N 196 
HEM HHA  H  N N 197 
HIS N    N  N N 198 
HIS CA   C  N S 199 
HIS C    C  N N 200 
HIS O    O  N N 201 
HIS CB   C  N N 202 
HIS CG   C  Y N 203 
HIS ND1  N  Y N 204 
HIS CD2  C  Y N 205 
HIS CE1  C  Y N 206 
HIS NE2  N  Y N 207 
HIS OXT  O  N N 208 
HIS H    H  N N 209 
HIS H2   H  N N 210 
HIS HA   H  N N 211 
HIS HB2  H  N N 212 
HIS HB3  H  N N 213 
HIS HD1  H  N N 214 
HIS HD2  H  N N 215 
HIS HE1  H  N N 216 
HIS HE2  H  N N 217 
HIS HXT  H  N N 218 
HOH O    O  N N 219 
HOH H1   H  N N 220 
HOH H2   H  N N 221 
ILE N    N  N N 222 
ILE CA   C  N S 223 
ILE C    C  N N 224 
ILE O    O  N N 225 
ILE CB   C  N S 226 
ILE CG1  C  N N 227 
ILE CG2  C  N N 228 
ILE CD1  C  N N 229 
ILE OXT  O  N N 230 
ILE H    H  N N 231 
ILE H2   H  N N 232 
ILE HA   H  N N 233 
ILE HB   H  N N 234 
ILE HG12 H  N N 235 
ILE HG13 H  N N 236 
ILE HG21 H  N N 237 
ILE HG22 H  N N 238 
ILE HG23 H  N N 239 
ILE HD11 H  N N 240 
ILE HD12 H  N N 241 
ILE HD13 H  N N 242 
ILE HXT  H  N N 243 
LEU N    N  N N 244 
LEU CA   C  N S 245 
LEU C    C  N N 246 
LEU O    O  N N 247 
LEU CB   C  N N 248 
LEU CG   C  N N 249 
LEU CD1  C  N N 250 
LEU CD2  C  N N 251 
LEU OXT  O  N N 252 
LEU H    H  N N 253 
LEU H2   H  N N 254 
LEU HA   H  N N 255 
LEU HB2  H  N N 256 
LEU HB3  H  N N 257 
LEU HG   H  N N 258 
LEU HD11 H  N N 259 
LEU HD12 H  N N 260 
LEU HD13 H  N N 261 
LEU HD21 H  N N 262 
LEU HD22 H  N N 263 
LEU HD23 H  N N 264 
LEU HXT  H  N N 265 
LYS N    N  N N 266 
LYS CA   C  N S 267 
LYS C    C  N N 268 
LYS O    O  N N 269 
LYS CB   C  N N 270 
LYS CG   C  N N 271 
LYS CD   C  N N 272 
LYS CE   C  N N 273 
LYS NZ   N  N N 274 
LYS OXT  O  N N 275 
LYS H    H  N N 276 
LYS H2   H  N N 277 
LYS HA   H  N N 278 
LYS HB2  H  N N 279 
LYS HB3  H  N N 280 
LYS HG2  H  N N 281 
LYS HG3  H  N N 282 
LYS HD2  H  N N 283 
LYS HD3  H  N N 284 
LYS HE2  H  N N 285 
LYS HE3  H  N N 286 
LYS HZ1  H  N N 287 
LYS HZ2  H  N N 288 
LYS HZ3  H  N N 289 
LYS HXT  H  N N 290 
MET N    N  N N 291 
MET CA   C  N S 292 
MET C    C  N N 293 
MET O    O  N N 294 
MET CB   C  N N 295 
MET CG   C  N N 296 
MET SD   S  N N 297 
MET CE   C  N N 298 
MET OXT  O  N N 299 
MET H    H  N N 300 
MET H2   H  N N 301 
MET HA   H  N N 302 
MET HB2  H  N N 303 
MET HB3  H  N N 304 
MET HG2  H  N N 305 
MET HG3  H  N N 306 
MET HE1  H  N N 307 
MET HE2  H  N N 308 
MET HE3  H  N N 309 
MET HXT  H  N N 310 
MG  MG   MG N N 311 
PHE N    N  N N 312 
PHE CA   C  N S 313 
PHE C    C  N N 314 
PHE O    O  N N 315 
PHE CB   C  N N 316 
PHE CG   C  Y N 317 
PHE CD1  C  Y N 318 
PHE CD2  C  Y N 319 
PHE CE1  C  Y N 320 
PHE CE2  C  Y N 321 
PHE CZ   C  Y N 322 
PHE OXT  O  N N 323 
PHE H    H  N N 324 
PHE H2   H  N N 325 
PHE HA   H  N N 326 
PHE HB2  H  N N 327 
PHE HB3  H  N N 328 
PHE HD1  H  N N 329 
PHE HD2  H  N N 330 
PHE HE1  H  N N 331 
PHE HE2  H  N N 332 
PHE HZ   H  N N 333 
PHE HXT  H  N N 334 
PRO N    N  N N 335 
PRO CA   C  N S 336 
PRO C    C  N N 337 
PRO O    O  N N 338 
PRO CB   C  N N 339 
PRO CG   C  N N 340 
PRO CD   C  N N 341 
PRO OXT  O  N N 342 
PRO H    H  N N 343 
PRO HA   H  N N 344 
PRO HB2  H  N N 345 
PRO HB3  H  N N 346 
PRO HG2  H  N N 347 
PRO HG3  H  N N 348 
PRO HD2  H  N N 349 
PRO HD3  H  N N 350 
PRO HXT  H  N N 351 
SER N    N  N N 352 
SER CA   C  N S 353 
SER C    C  N N 354 
SER O    O  N N 355 
SER CB   C  N N 356 
SER OG   O  N N 357 
SER OXT  O  N N 358 
SER H    H  N N 359 
SER H2   H  N N 360 
SER HA   H  N N 361 
SER HB2  H  N N 362 
SER HB3  H  N N 363 
SER HG   H  N N 364 
SER HXT  H  N N 365 
THR N    N  N N 366 
THR CA   C  N S 367 
THR C    C  N N 368 
THR O    O  N N 369 
THR CB   C  N R 370 
THR OG1  O  N N 371 
THR CG2  C  N N 372 
THR OXT  O  N N 373 
THR H    H  N N 374 
THR H2   H  N N 375 
THR HA   H  N N 376 
THR HB   H  N N 377 
THR HG1  H  N N 378 
THR HG21 H  N N 379 
THR HG22 H  N N 380 
THR HG23 H  N N 381 
THR HXT  H  N N 382 
TRP N    N  N N 383 
TRP CA   C  N S 384 
TRP C    C  N N 385 
TRP O    O  N N 386 
TRP CB   C  N N 387 
TRP CG   C  Y N 388 
TRP CD1  C  Y N 389 
TRP CD2  C  Y N 390 
TRP NE1  N  Y N 391 
TRP CE2  C  Y N 392 
TRP CE3  C  Y N 393 
TRP CZ2  C  Y N 394 
TRP CZ3  C  Y N 395 
TRP CH2  C  Y N 396 
TRP OXT  O  N N 397 
TRP H    H  N N 398 
TRP H2   H  N N 399 
TRP HA   H  N N 400 
TRP HB2  H  N N 401 
TRP HB3  H  N N 402 
TRP HD1  H  N N 403 
TRP HE1  H  N N 404 
TRP HE3  H  N N 405 
TRP HZ2  H  N N 406 
TRP HZ3  H  N N 407 
TRP HH2  H  N N 408 
TRP HXT  H  N N 409 
TYR N    N  N N 410 
TYR CA   C  N S 411 
TYR C    C  N N 412 
TYR O    O  N N 413 
TYR CB   C  N N 414 
TYR CG   C  Y N 415 
TYR CD1  C  Y N 416 
TYR CD2  C  Y N 417 
TYR CE1  C  Y N 418 
TYR CE2  C  Y N 419 
TYR CZ   C  Y N 420 
TYR OH   O  N N 421 
TYR OXT  O  N N 422 
TYR H    H  N N 423 
TYR H2   H  N N 424 
TYR HA   H  N N 425 
TYR HB2  H  N N 426 
TYR HB3  H  N N 427 
TYR HD1  H  N N 428 
TYR HD2  H  N N 429 
TYR HE1  H  N N 430 
TYR HE2  H  N N 431 
TYR HH   H  N N 432 
TYR HXT  H  N N 433 
VAL N    N  N N 434 
VAL CA   C  N S 435 
VAL C    C  N N 436 
VAL O    O  N N 437 
VAL CB   C  N N 438 
VAL CG1  C  N N 439 
VAL CG2  C  N N 440 
VAL OXT  O  N N 441 
VAL H    H  N N 442 
VAL H2   H  N N 443 
VAL HA   H  N N 444 
VAL HB   H  N N 445 
VAL HG11 H  N N 446 
VAL HG12 H  N N 447 
VAL HG13 H  N N 448 
VAL HG21 H  N N 449 
VAL HG22 H  N N 450 
VAL HG23 H  N N 451 
VAL HXT  H  N N 452 
# 
loop_
_chem_comp_bond.comp_id 
_chem_comp_bond.atom_id_1 
_chem_comp_bond.atom_id_2 
_chem_comp_bond.value_order 
_chem_comp_bond.pdbx_aromatic_flag 
_chem_comp_bond.pdbx_stereo_config 
_chem_comp_bond.pdbx_ordinal 
ALA N   CA   sing N N 1   
ALA N   H    sing N N 2   
ALA N   H2   sing N N 3   
ALA CA  C    sing N N 4   
ALA CA  CB   sing N N 5   
ALA CA  HA   sing N N 6   
ALA C   O    doub N N 7   
ALA C   OXT  sing N N 8   
ALA CB  HB1  sing N N 9   
ALA CB  HB2  sing N N 10  
ALA CB  HB3  sing N N 11  
ALA OXT HXT  sing N N 12  
ARG N   CA   sing N N 13  
ARG N   H    sing N N 14  
ARG N   H2   sing N N 15  
ARG CA  C    sing N N 16  
ARG CA  CB   sing N N 17  
ARG CA  HA   sing N N 18  
ARG C   O    doub N N 19  
ARG C   OXT  sing N N 20  
ARG CB  CG   sing N N 21  
ARG CB  HB2  sing N N 22  
ARG CB  HB3  sing N N 23  
ARG CG  CD   sing N N 24  
ARG CG  HG2  sing N N 25  
ARG CG  HG3  sing N N 26  
ARG CD  NE   sing N N 27  
ARG CD  HD2  sing N N 28  
ARG CD  HD3  sing N N 29  
ARG NE  CZ   sing N N 30  
ARG NE  HE   sing N N 31  
ARG CZ  NH1  sing N N 32  
ARG CZ  NH2  doub N N 33  
ARG NH1 HH11 sing N N 34  
ARG NH1 HH12 sing N N 35  
ARG NH2 HH21 sing N N 36  
ARG NH2 HH22 sing N N 37  
ARG OXT HXT  sing N N 38  
ASN N   CA   sing N N 39  
ASN N   H    sing N N 40  
ASN N   H2   sing N N 41  
ASN CA  C    sing N N 42  
ASN CA  CB   sing N N 43  
ASN CA  HA   sing N N 44  
ASN C   O    doub N N 45  
ASN C   OXT  sing N N 46  
ASN CB  CG   sing N N 47  
ASN CB  HB2  sing N N 48  
ASN CB  HB3  sing N N 49  
ASN CG  OD1  doub N N 50  
ASN CG  ND2  sing N N 51  
ASN ND2 HD21 sing N N 52  
ASN ND2 HD22 sing N N 53  
ASN OXT HXT  sing N N 54  
ASP N   CA   sing N N 55  
ASP N   H    sing N N 56  
ASP N   H2   sing N N 57  
ASP CA  C    sing N N 58  
ASP CA  CB   sing N N 59  
ASP CA  HA   sing N N 60  
ASP C   O    doub N N 61  
ASP C   OXT  sing N N 62  
ASP CB  CG   sing N N 63  
ASP CB  HB2  sing N N 64  
ASP CB  HB3  sing N N 65  
ASP CG  OD1  doub N N 66  
ASP CG  OD2  sing N N 67  
ASP OD2 HD2  sing N N 68  
ASP OXT HXT  sing N N 69  
GLN N   CA   sing N N 70  
GLN N   H    sing N N 71  
GLN N   H2   sing N N 72  
GLN CA  C    sing N N 73  
GLN CA  CB   sing N N 74  
GLN CA  HA   sing N N 75  
GLN C   O    doub N N 76  
GLN C   OXT  sing N N 77  
GLN CB  CG   sing N N 78  
GLN CB  HB2  sing N N 79  
GLN CB  HB3  sing N N 80  
GLN CG  CD   sing N N 81  
GLN CG  HG2  sing N N 82  
GLN CG  HG3  sing N N 83  
GLN CD  OE1  doub N N 84  
GLN CD  NE2  sing N N 85  
GLN NE2 HE21 sing N N 86  
GLN NE2 HE22 sing N N 87  
GLN OXT HXT  sing N N 88  
GLU N   CA   sing N N 89  
GLU N   H    sing N N 90  
GLU N   H2   sing N N 91  
GLU CA  C    sing N N 92  
GLU CA  CB   sing N N 93  
GLU CA  HA   sing N N 94  
GLU C   O    doub N N 95  
GLU C   OXT  sing N N 96  
GLU CB  CG   sing N N 97  
GLU CB  HB2  sing N N 98  
GLU CB  HB3  sing N N 99  
GLU CG  CD   sing N N 100 
GLU CG  HG2  sing N N 101 
GLU CG  HG3  sing N N 102 
GLU CD  OE1  doub N N 103 
GLU CD  OE2  sing N N 104 
GLU OE2 HE2  sing N N 105 
GLU OXT HXT  sing N N 106 
GLY N   CA   sing N N 107 
GLY N   H    sing N N 108 
GLY N   H2   sing N N 109 
GLY CA  C    sing N N 110 
GLY CA  HA2  sing N N 111 
GLY CA  HA3  sing N N 112 
GLY C   O    doub N N 113 
GLY C   OXT  sing N N 114 
GLY OXT HXT  sing N N 115 
HEM CHA C1A  sing N N 116 
HEM CHA C4D  doub N N 117 
HEM CHA HHA  sing N N 118 
HEM CHB C4A  sing N N 119 
HEM CHB C1B  doub N N 120 
HEM CHB HHB  sing N N 121 
HEM CHC C4B  sing N N 122 
HEM CHC C1C  doub N N 123 
HEM CHC HHC  sing N N 124 
HEM CHD C4C  doub N N 125 
HEM CHD C1D  sing N N 126 
HEM CHD HHD  sing N N 127 
HEM C1A C2A  doub Y N 128 
HEM C1A NA   sing Y N 129 
HEM C2A C3A  sing Y N 130 
HEM C2A CAA  sing N N 131 
HEM C3A C4A  doub Y N 132 
HEM C3A CMA  sing N N 133 
HEM C4A NA   sing Y N 134 
HEM CMA HMA  sing N N 135 
HEM CMA HMAA sing N N 136 
HEM CMA HMAB sing N N 137 
HEM CAA CBA  sing N N 138 
HEM CAA HAA  sing N N 139 
HEM CAA HAAA sing N N 140 
HEM CBA CGA  sing N N 141 
HEM CBA HBA  sing N N 142 
HEM CBA HBAA sing N N 143 
HEM CGA O1A  doub N N 144 
HEM CGA O2A  sing N N 145 
HEM C1B C2B  sing N N 146 
HEM C1B NB   sing N N 147 
HEM C2B C3B  doub N N 148 
HEM C2B CMB  sing N N 149 
HEM C3B C4B  sing N N 150 
HEM C3B CAB  sing N N 151 
HEM C4B NB   doub N N 152 
HEM CMB HMB  sing N N 153 
HEM CMB HMBA sing N N 154 
HEM CMB HMBB sing N N 155 
HEM CAB CBB  doub N N 156 
HEM CAB HAB  sing N N 157 
HEM CBB HBB  sing N N 158 
HEM CBB HBBA sing N N 159 
HEM C1C C2C  sing Y N 160 
HEM C1C NC   sing Y N 161 
HEM C2C C3C  doub Y N 162 
HEM C2C CMC  sing N N 163 
HEM C3C C4C  sing Y N 164 
HEM C3C CAC  sing N N 165 
HEM C4C NC   sing Y N 166 
HEM CMC HMC  sing N N 167 
HEM CMC HMCA sing N N 168 
HEM CMC HMCB sing N N 169 
HEM CAC CBC  doub N N 170 
HEM CAC HAC  sing N N 171 
HEM CBC HBC  sing N N 172 
HEM CBC HBCA sing N N 173 
HEM C1D C2D  sing N N 174 
HEM C1D ND   doub N N 175 
HEM C2D C3D  doub N N 176 
HEM C2D CMD  sing N N 177 
HEM C3D C4D  sing N N 178 
HEM C3D CAD  sing N N 179 
HEM C4D ND   sing N N 180 
HEM CMD HMD  sing N N 181 
HEM CMD HMDA sing N N 182 
HEM CMD HMDB sing N N 183 
HEM CAD CBD  sing N N 184 
HEM CAD HAD  sing N N 185 
HEM CAD HADA sing N N 186 
HEM CBD CGD  sing N N 187 
HEM CBD HBD  sing N N 188 
HEM CBD HBDA sing N N 189 
HEM CGD O1D  doub N N 190 
HEM CGD O2D  sing N N 191 
HEM O2A H2A  sing N N 192 
HEM O2D H2D  sing N N 193 
HEM FE  NA   sing N N 194 
HEM FE  NB   sing N N 195 
HEM FE  NC   sing N N 196 
HEM FE  ND   sing N N 197 
HIS N   CA   sing N N 198 
HIS N   H    sing N N 199 
HIS N   H2   sing N N 200 
HIS CA  C    sing N N 201 
HIS CA  CB   sing N N 202 
HIS CA  HA   sing N N 203 
HIS C   O    doub N N 204 
HIS C   OXT  sing N N 205 
HIS CB  CG   sing N N 206 
HIS CB  HB2  sing N N 207 
HIS CB  HB3  sing N N 208 
HIS CG  ND1  sing Y N 209 
HIS CG  CD2  doub Y N 210 
HIS ND1 CE1  doub Y N 211 
HIS ND1 HD1  sing N N 212 
HIS CD2 NE2  sing Y N 213 
HIS CD2 HD2  sing N N 214 
HIS CE1 NE2  sing Y N 215 
HIS CE1 HE1  sing N N 216 
HIS NE2 HE2  sing N N 217 
HIS OXT HXT  sing N N 218 
HOH O   H1   sing N N 219 
HOH O   H2   sing N N 220 
ILE N   CA   sing N N 221 
ILE N   H    sing N N 222 
ILE N   H2   sing N N 223 
ILE CA  C    sing N N 224 
ILE CA  CB   sing N N 225 
ILE CA  HA   sing N N 226 
ILE C   O    doub N N 227 
ILE C   OXT  sing N N 228 
ILE CB  CG1  sing N N 229 
ILE CB  CG2  sing N N 230 
ILE CB  HB   sing N N 231 
ILE CG1 CD1  sing N N 232 
ILE CG1 HG12 sing N N 233 
ILE CG1 HG13 sing N N 234 
ILE CG2 HG21 sing N N 235 
ILE CG2 HG22 sing N N 236 
ILE CG2 HG23 sing N N 237 
ILE CD1 HD11 sing N N 238 
ILE CD1 HD12 sing N N 239 
ILE CD1 HD13 sing N N 240 
ILE OXT HXT  sing N N 241 
LEU N   CA   sing N N 242 
LEU N   H    sing N N 243 
LEU N   H2   sing N N 244 
LEU CA  C    sing N N 245 
LEU CA  CB   sing N N 246 
LEU CA  HA   sing N N 247 
LEU C   O    doub N N 248 
LEU C   OXT  sing N N 249 
LEU CB  CG   sing N N 250 
LEU CB  HB2  sing N N 251 
LEU CB  HB3  sing N N 252 
LEU CG  CD1  sing N N 253 
LEU CG  CD2  sing N N 254 
LEU CG  HG   sing N N 255 
LEU CD1 HD11 sing N N 256 
LEU CD1 HD12 sing N N 257 
LEU CD1 HD13 sing N N 258 
LEU CD2 HD21 sing N N 259 
LEU CD2 HD22 sing N N 260 
LEU CD2 HD23 sing N N 261 
LEU OXT HXT  sing N N 262 
LYS N   CA   sing N N 263 
LYS N   H    sing N N 264 
LYS N   H2   sing N N 265 
LYS CA  C    sing N N 266 
LYS CA  CB   sing N N 267 
LYS CA  HA   sing N N 268 
LYS C   O    doub N N 269 
LYS C   OXT  sing N N 270 
LYS CB  CG   sing N N 271 
LYS CB  HB2  sing N N 272 
LYS CB  HB3  sing N N 273 
LYS CG  CD   sing N N 274 
LYS CG  HG2  sing N N 275 
LYS CG  HG3  sing N N 276 
LYS CD  CE   sing N N 277 
LYS CD  HD2  sing N N 278 
LYS CD  HD3  sing N N 279 
LYS CE  NZ   sing N N 280 
LYS CE  HE2  sing N N 281 
LYS CE  HE3  sing N N 282 
LYS NZ  HZ1  sing N N 283 
LYS NZ  HZ2  sing N N 284 
LYS NZ  HZ3  sing N N 285 
LYS OXT HXT  sing N N 286 
MET N   CA   sing N N 287 
MET N   H    sing N N 288 
MET N   H2   sing N N 289 
MET CA  C    sing N N 290 
MET CA  CB   sing N N 291 
MET CA  HA   sing N N 292 
MET C   O    doub N N 293 
MET C   OXT  sing N N 294 
MET CB  CG   sing N N 295 
MET CB  HB2  sing N N 296 
MET CB  HB3  sing N N 297 
MET CG  SD   sing N N 298 
MET CG  HG2  sing N N 299 
MET CG  HG3  sing N N 300 
MET SD  CE   sing N N 301 
MET CE  HE1  sing N N 302 
MET CE  HE2  sing N N 303 
MET CE  HE3  sing N N 304 
MET OXT HXT  sing N N 305 
PHE N   CA   sing N N 306 
PHE N   H    sing N N 307 
PHE N   H2   sing N N 308 
PHE CA  C    sing N N 309 
PHE CA  CB   sing N N 310 
PHE CA  HA   sing N N 311 
PHE C   O    doub N N 312 
PHE C   OXT  sing N N 313 
PHE CB  CG   sing N N 314 
PHE CB  HB2  sing N N 315 
PHE CB  HB3  sing N N 316 
PHE CG  CD1  doub Y N 317 
PHE CG  CD2  sing Y N 318 
PHE CD1 CE1  sing Y N 319 
PHE CD1 HD1  sing N N 320 
PHE CD2 CE2  doub Y N 321 
PHE CD2 HD2  sing N N 322 
PHE CE1 CZ   doub Y N 323 
PHE CE1 HE1  sing N N 324 
PHE CE2 CZ   sing Y N 325 
PHE CE2 HE2  sing N N 326 
PHE CZ  HZ   sing N N 327 
PHE OXT HXT  sing N N 328 
PRO N   CA   sing N N 329 
PRO N   CD   sing N N 330 
PRO N   H    sing N N 331 
PRO CA  C    sing N N 332 
PRO CA  CB   sing N N 333 
PRO CA  HA   sing N N 334 
PRO C   O    doub N N 335 
PRO C   OXT  sing N N 336 
PRO CB  CG   sing N N 337 
PRO CB  HB2  sing N N 338 
PRO CB  HB3  sing N N 339 
PRO CG  CD   sing N N 340 
PRO CG  HG2  sing N N 341 
PRO CG  HG3  sing N N 342 
PRO CD  HD2  sing N N 343 
PRO CD  HD3  sing N N 344 
PRO OXT HXT  sing N N 345 
SER N   CA   sing N N 346 
SER N   H    sing N N 347 
SER N   H2   sing N N 348 
SER CA  C    sing N N 349 
SER CA  CB   sing N N 350 
SER CA  HA   sing N N 351 
SER C   O    doub N N 352 
SER C   OXT  sing N N 353 
SER CB  OG   sing N N 354 
SER CB  HB2  sing N N 355 
SER CB  HB3  sing N N 356 
SER OG  HG   sing N N 357 
SER OXT HXT  sing N N 358 
THR N   CA   sing N N 359 
THR N   H    sing N N 360 
THR N   H2   sing N N 361 
THR CA  C    sing N N 362 
THR CA  CB   sing N N 363 
THR CA  HA   sing N N 364 
THR C   O    doub N N 365 
THR C   OXT  sing N N 366 
THR CB  OG1  sing N N 367 
THR CB  CG2  sing N N 368 
THR CB  HB   sing N N 369 
THR OG1 HG1  sing N N 370 
THR CG2 HG21 sing N N 371 
THR CG2 HG22 sing N N 372 
THR CG2 HG23 sing N N 373 
THR OXT HXT  sing N N 374 
TRP N   CA   sing N N 375 
TRP N   H    sing N N 376 
TRP N   H2   sing N N 377 
TRP CA  C    sing N N 378 
TRP CA  CB   sing N N 379 
TRP CA  HA   sing N N 380 
TRP C   O    doub N N 381 
TRP C   OXT  sing N N 382 
TRP CB  CG   sing N N 383 
TRP CB  HB2  sing N N 384 
TRP CB  HB3  sing N N 385 
TRP CG  CD1  doub Y N 386 
TRP CG  CD2  sing Y N 387 
TRP CD1 NE1  sing Y N 388 
TRP CD1 HD1  sing N N 389 
TRP CD2 CE2  doub Y N 390 
TRP CD2 CE3  sing Y N 391 
TRP NE1 CE2  sing Y N 392 
TRP NE1 HE1  sing N N 393 
TRP CE2 CZ2  sing Y N 394 
TRP CE3 CZ3  doub Y N 395 
TRP CE3 HE3  sing N N 396 
TRP CZ2 CH2  doub Y N 397 
TRP CZ2 HZ2  sing N N 398 
TRP CZ3 CH2  sing Y N 399 
TRP CZ3 HZ3  sing N N 400 
TRP CH2 HH2  sing N N 401 
TRP OXT HXT  sing N N 402 
TYR N   CA   sing N N 403 
TYR N   H    sing N N 404 
TYR N   H2   sing N N 405 
TYR CA  C    sing N N 406 
TYR CA  CB   sing N N 407 
TYR CA  HA   sing N N 408 
TYR C   O    doub N N 409 
TYR C   OXT  sing N N 410 
TYR CB  CG   sing N N 411 
TYR CB  HB2  sing N N 412 
TYR CB  HB3  sing N N 413 
TYR CG  CD1  doub Y N 414 
TYR CG  CD2  sing Y N 415 
TYR CD1 CE1  sing Y N 416 
TYR CD1 HD1  sing N N 417 
TYR CD2 CE2  doub Y N 418 
TYR CD2 HD2  sing N N 419 
TYR CE1 CZ   doub Y N 420 
TYR CE1 HE1  sing N N 421 
TYR CE2 CZ   sing Y N 422 
TYR CE2 HE2  sing N N 423 
TYR CZ  OH   sing N N 424 
TYR OH  HH   sing N N 425 
TYR OXT HXT  sing N N 426 
VAL N   CA   sing N N 427 
VAL N   H    sing N N 428 
VAL N   H2   sing N N 429 
VAL CA  C    sing N N 430 
VAL CA  CB   sing N N 431 
VAL CA  HA   sing N N 432 
VAL C   O    doub N N 433 
VAL C   OXT  sing N N 434 
VAL CB  CG1  sing N N 435 
VAL CB  CG2  sing N N 436 
VAL CB  HB   sing N N 437 
VAL CG1 HG11 sing N N 438 
VAL CG1 HG12 sing N N 439 
VAL CG1 HG13 sing N N 440 
VAL CG2 HG21 sing N N 441 
VAL CG2 HG22 sing N N 442 
VAL CG2 HG23 sing N N 443 
VAL OXT HXT  sing N N 444 
# 
loop_
_pdbx_entity_nonpoly.entity_id 
_pdbx_entity_nonpoly.name 
_pdbx_entity_nonpoly.comp_id 
2 'MAGNESIUM ION'                   MG  
3 'PROTOPORPHYRIN IX CONTAINING FE' HEM 
4 water                             HOH 
# 
_pdbx_initial_refinement_model.id               1 
_pdbx_initial_refinement_model.entity_id_list   ? 
_pdbx_initial_refinement_model.type             'experimental model' 
_pdbx_initial_refinement_model.source_name      PDB 
_pdbx_initial_refinement_model.accession_code   1LJO 
_pdbx_initial_refinement_model.details          ? 
# 
